data_2MAL
#
_entry.id   2MAL
#
_cell.length_a   1.000
_cell.length_b   1.000
_cell.length_c   1.000
_cell.angle_alpha   90.00
_cell.angle_beta   90.00
_cell.angle_gamma   90.00
#
_symmetry.space_group_name_H-M   'P 1'
#
_entity_poly.entity_id   1
_entity_poly.type   'polypeptide(L)'
_entity_poly.pdbx_seq_one_letter_code
;AISCGAVTSDLSPCLTYLTGGPGPSPQCCGGVKKLLAAANTTPDRQAACNCLKSAAGSITKLNTNNAAALPGKCGVNIPY
KISTTTNCNTVKF
;
_entity_poly.pdbx_strand_id   A
#
# COMPACT_ATOMS: atom_id res chain seq x y z
N ALA A 1 11.91 -0.92 11.73
CA ALA A 1 11.97 -2.00 10.76
C ALA A 1 10.58 -2.58 10.49
N ILE A 2 10.10 -2.41 9.26
CA ILE A 2 8.79 -2.92 8.88
C ILE A 2 8.82 -4.43 8.70
N SER A 3 8.01 -5.13 9.49
CA SER A 3 7.95 -6.58 9.41
C SER A 3 6.79 -7.03 8.53
N CYS A 4 5.57 -6.92 9.05
CA CYS A 4 4.38 -7.31 8.31
C CYS A 4 3.11 -6.99 9.09
N GLY A 5 3.16 -7.25 10.40
CA GLY A 5 2.00 -6.99 11.25
C GLY A 5 1.54 -5.55 11.15
N ALA A 6 2.49 -4.62 11.05
CA ALA A 6 2.16 -3.20 10.95
C ALA A 6 1.55 -2.87 9.60
N VAL A 7 1.94 -3.63 8.57
CA VAL A 7 1.43 -3.42 7.23
C VAL A 7 -0.02 -3.91 7.10
N THR A 8 -0.29 -5.07 7.70
CA THR A 8 -1.64 -5.64 7.65
C THR A 8 -2.62 -4.80 8.44
N SER A 9 -2.11 -3.98 9.35
CA SER A 9 -2.95 -3.13 10.18
C SER A 9 -3.68 -2.09 9.32
N ASP A 10 -2.93 -1.37 8.50
CA ASP A 10 -3.50 -0.36 7.62
C ASP A 10 -4.21 -1.00 6.44
N LEU A 11 -3.86 -2.25 6.14
CA LEU A 11 -4.46 -2.98 5.04
C LEU A 11 -5.92 -3.33 5.35
N SER A 12 -6.19 -3.62 6.61
CA SER A 12 -7.53 -3.98 7.04
C SER A 12 -8.54 -2.91 6.61
N PRO A 13 -8.31 -1.67 7.06
CA PRO A 13 -9.18 -0.53 6.74
C PRO A 13 -9.09 -0.13 5.28
N CYS A 14 -7.96 -0.45 4.65
CA CYS A 14 -7.74 -0.12 3.25
C CYS A 14 -8.38 -1.16 2.34
N LEU A 15 -8.72 -2.31 2.91
CA LEU A 15 -9.34 -3.39 2.15
C LEU A 15 -10.72 -2.97 1.64
N THR A 16 -11.53 -2.41 2.53
CA THR A 16 -12.87 -1.97 2.17
C THR A 16 -12.85 -1.10 0.92
N TYR A 17 -11.82 -0.26 0.80
CA TYR A 17 -11.67 0.62 -0.35
C TYR A 17 -10.99 -0.10 -1.51
N LEU A 18 -10.00 -0.92 -1.18
CA LEU A 18 -9.26 -1.67 -2.20
C LEU A 18 -10.15 -2.72 -2.85
N THR A 19 -11.32 -2.96 -2.26
CA THR A 19 -12.26 -3.94 -2.79
C THR A 19 -13.29 -3.27 -3.70
N GLY A 20 -13.33 -1.94 -3.66
CA GLY A 20 -14.27 -1.21 -4.49
C GLY A 20 -15.32 -0.47 -3.66
N GLY A 21 -15.24 -0.63 -2.35
CA GLY A 21 -16.19 0.02 -1.46
C GLY A 21 -15.92 1.51 -1.32
N PRO A 22 -16.60 2.14 -0.35
CA PRO A 22 -16.44 3.58 -0.10
C PRO A 22 -15.08 3.92 0.49
N GLY A 23 -14.49 5.02 0.04
CA GLY A 23 -13.19 5.44 0.53
C GLY A 23 -12.52 6.44 -0.40
N PRO A 24 -11.21 6.66 -0.17
CA PRO A 24 -10.46 5.99 0.90
C PRO A 24 -10.88 6.45 2.29
N SER A 25 -11.07 5.51 3.19
CA SER A 25 -11.48 5.83 4.56
C SER A 25 -10.41 6.64 5.27
N PRO A 26 -10.78 7.26 6.40
CA PRO A 26 -9.87 8.10 7.19
C PRO A 26 -8.80 7.26 7.89
N GLN A 27 -9.22 6.14 8.46
CA GLN A 27 -8.29 5.25 9.16
C GLN A 27 -7.27 4.65 8.19
N CYS A 28 -7.71 4.37 6.97
CA CYS A 28 -6.84 3.80 5.96
C CYS A 28 -5.72 4.77 5.59
N CYS A 29 -6.10 6.00 5.26
CA CYS A 29 -5.13 7.03 4.89
C CYS A 29 -4.04 7.16 5.93
N GLY A 30 -4.44 7.28 7.19
CA GLY A 30 -3.48 7.42 8.28
C GLY A 30 -2.47 6.29 8.28
N GLY A 31 -2.95 5.06 8.13
CA GLY A 31 -2.06 3.91 8.13
C GLY A 31 -1.16 3.88 6.91
N VAL A 32 -1.72 4.23 5.76
CA VAL A 32 -0.96 4.24 4.52
C VAL A 32 0.29 5.11 4.63
N LYS A 33 0.08 6.38 4.97
CA LYS A 33 1.18 7.33 5.11
C LYS A 33 2.18 6.83 6.16
N LYS A 34 1.70 5.98 7.07
CA LYS A 34 2.55 5.43 8.12
C LYS A 34 3.52 4.40 7.55
N LEU A 35 3.02 3.56 6.65
CA LEU A 35 3.84 2.52 6.03
C LEU A 35 4.94 3.13 5.18
N LEU A 36 4.62 4.23 4.50
CA LEU A 36 5.59 4.91 3.64
C LEU A 36 6.52 5.78 4.47
N ALA A 37 5.99 6.36 5.55
CA ALA A 37 6.78 7.20 6.43
C ALA A 37 7.72 6.38 7.30
N ALA A 38 7.29 5.16 7.63
CA ALA A 38 8.10 4.27 8.45
C ALA A 38 9.23 3.63 7.64
N ALA A 39 9.18 3.82 6.32
CA ALA A 39 10.20 3.27 5.43
C ALA A 39 10.84 4.36 4.59
N ASN A 40 11.80 5.07 5.16
CA ASN A 40 12.49 6.14 4.46
C ASN A 40 13.57 5.58 3.52
N THR A 41 14.25 4.53 3.99
CA THR A 41 15.30 3.91 3.19
C THR A 41 14.72 2.87 2.23
N THR A 42 15.60 2.14 1.56
CA THR A 42 15.18 1.11 0.61
C THR A 42 14.84 -0.19 1.32
N PRO A 43 15.75 -0.64 2.20
CA PRO A 43 15.55 -1.88 2.96
C PRO A 43 14.17 -1.95 3.62
N ASP A 44 13.79 -0.88 4.30
CA ASP A 44 12.50 -0.81 4.97
C ASP A 44 11.36 -0.88 3.95
N ARG A 45 11.48 -0.09 2.88
CA ARG A 45 10.47 -0.05 1.84
C ARG A 45 10.34 -1.41 1.15
N GLN A 46 11.42 -2.17 1.17
CA GLN A 46 11.43 -3.49 0.54
C GLN A 46 10.55 -4.47 1.32
N ALA A 47 10.77 -4.53 2.63
CA ALA A 47 9.99 -5.42 3.49
C ALA A 47 8.50 -5.16 3.36
N ALA A 48 8.11 -3.91 3.57
CA ALA A 48 6.71 -3.52 3.46
C ALA A 48 6.14 -3.85 2.10
N CYS A 49 6.80 -3.37 1.05
CA CYS A 49 6.36 -3.62 -0.32
C CYS A 49 6.05 -5.10 -0.53
N ASN A 50 6.87 -5.96 0.07
CA ASN A 50 6.68 -7.40 -0.05
C ASN A 50 5.38 -7.84 0.60
N CYS A 51 5.09 -7.28 1.78
CA CYS A 51 3.89 -7.61 2.51
C CYS A 51 2.66 -7.01 1.83
N LEU A 52 2.83 -5.85 1.21
CA LEU A 52 1.75 -5.17 0.52
C LEU A 52 1.42 -5.87 -0.80
N LYS A 53 2.44 -6.03 -1.64
CA LYS A 53 2.26 -6.68 -2.93
C LYS A 53 1.55 -8.02 -2.77
N SER A 54 1.93 -8.78 -1.75
CA SER A 54 1.33 -10.08 -1.49
C SER A 54 -0.07 -9.92 -0.89
N ALA A 55 -0.27 -8.82 -0.17
CA ALA A 55 -1.56 -8.54 0.46
C ALA A 55 -2.64 -8.32 -0.58
N ALA A 56 -2.36 -7.43 -1.54
CA ALA A 56 -3.31 -7.13 -2.59
C ALA A 56 -3.57 -8.35 -3.48
N GLY A 57 -2.63 -9.28 -3.46
CA GLY A 57 -2.78 -10.49 -4.27
C GLY A 57 -4.04 -11.26 -3.95
N SER A 58 -4.59 -11.02 -2.76
CA SER A 58 -5.80 -11.70 -2.33
C SER A 58 -7.03 -10.82 -2.56
N ILE A 59 -6.90 -9.86 -3.48
CA ILE A 59 -8.00 -8.96 -3.80
C ILE A 59 -8.75 -9.43 -5.05
N THR A 60 -10.02 -9.79 -4.87
CA THR A 60 -10.84 -10.25 -5.98
C THR A 60 -10.95 -9.18 -7.07
N LYS A 61 -10.33 -9.45 -8.21
CA LYS A 61 -10.37 -8.51 -9.33
C LYS A 61 -9.79 -7.16 -8.93
N LEU A 62 -8.53 -7.17 -8.47
CA LEU A 62 -7.86 -5.95 -8.06
C LEU A 62 -7.96 -4.88 -9.14
N ASN A 63 -8.18 -3.64 -8.72
CA ASN A 63 -8.29 -2.52 -9.64
C ASN A 63 -7.08 -1.60 -9.55
N THR A 64 -6.19 -1.71 -10.54
CA THR A 64 -4.99 -0.89 -10.57
C THR A 64 -5.32 0.60 -10.45
N ASN A 65 -6.45 0.99 -11.03
CA ASN A 65 -6.88 2.38 -10.98
C ASN A 65 -7.25 2.78 -9.56
N ASN A 66 -7.97 1.91 -8.86
CA ASN A 66 -8.37 2.18 -7.49
C ASN A 66 -7.17 2.19 -6.55
N ALA A 67 -6.26 1.26 -6.77
CA ALA A 67 -5.06 1.16 -5.95
C ALA A 67 -4.26 2.46 -5.98
N ALA A 68 -4.18 3.07 -7.16
CA ALA A 68 -3.44 4.31 -7.33
C ALA A 68 -4.24 5.49 -6.76
N ALA A 69 -5.56 5.36 -6.75
CA ALA A 69 -6.42 6.41 -6.24
C ALA A 69 -6.36 6.49 -4.71
N LEU A 70 -6.09 5.36 -4.09
CA LEU A 70 -5.99 5.29 -2.64
C LEU A 70 -5.00 6.33 -2.11
N PRO A 71 -3.75 6.24 -2.57
CA PRO A 71 -2.69 7.15 -2.16
C PRO A 71 -2.89 8.56 -2.70
N GLY A 72 -3.39 8.65 -3.94
CA GLY A 72 -3.62 9.94 -4.56
C GLY A 72 -4.66 10.76 -3.81
N LYS A 73 -5.78 10.13 -3.47
CA LYS A 73 -6.85 10.80 -2.75
C LYS A 73 -6.49 10.99 -1.28
N CYS A 74 -5.57 10.15 -0.79
CA CYS A 74 -5.13 10.22 0.59
C CYS A 74 -4.05 11.29 0.77
N GLY A 75 -3.73 11.97 -0.31
CA GLY A 75 -2.70 13.01 -0.27
C GLY A 75 -1.32 12.45 0.00
N VAL A 76 -1.11 11.20 -0.42
CA VAL A 76 0.18 10.55 -0.23
C VAL A 76 0.51 9.63 -1.40
N ASN A 77 1.08 10.20 -2.45
CA ASN A 77 1.45 9.43 -3.64
C ASN A 77 2.87 8.87 -3.51
N ILE A 78 3.09 7.71 -4.11
CA ILE A 78 4.39 7.07 -4.07
C ILE A 78 5.05 7.07 -5.44
N PRO A 79 6.39 6.97 -5.46
CA PRO A 79 7.17 6.95 -6.71
C PRO A 79 6.97 5.67 -7.50
N TYR A 80 6.30 4.70 -6.88
CA TYR A 80 6.05 3.41 -7.52
C TYR A 80 4.56 3.10 -7.53
N LYS A 81 4.17 2.09 -8.31
CA LYS A 81 2.77 1.69 -8.41
C LYS A 81 2.50 0.46 -7.54
N ILE A 82 1.24 0.05 -7.48
CA ILE A 82 0.86 -1.11 -6.68
C ILE A 82 0.18 -2.17 -7.54
N SER A 83 0.72 -3.39 -7.50
CA SER A 83 0.18 -4.50 -8.29
C SER A 83 0.97 -5.77 -8.03
N THR A 84 0.35 -6.91 -8.34
CA THR A 84 1.01 -8.21 -8.15
C THR A 84 2.16 -8.39 -9.12
N THR A 85 2.23 -7.51 -10.12
CA THR A 85 3.30 -7.58 -11.12
C THR A 85 4.27 -6.41 -10.96
N THR A 86 4.32 -5.84 -9.76
CA THR A 86 5.21 -4.71 -9.48
C THR A 86 6.41 -5.16 -8.65
N ASN A 87 7.57 -4.59 -8.94
CA ASN A 87 8.79 -4.92 -8.22
C ASN A 87 9.38 -3.69 -7.54
N CYS A 88 9.26 -3.63 -6.22
CA CYS A 88 9.77 -2.50 -5.46
C CYS A 88 11.29 -2.56 -5.37
N ASN A 89 11.84 -3.75 -5.55
CA ASN A 89 13.29 -3.94 -5.49
C ASN A 89 13.98 -3.22 -6.65
N THR A 90 13.22 -2.95 -7.70
CA THR A 90 13.76 -2.28 -8.88
C THR A 90 13.51 -0.77 -8.80
N VAL A 91 13.23 -0.28 -7.60
CA VAL A 91 12.97 1.14 -7.39
C VAL A 91 14.26 1.90 -7.11
N LYS A 92 14.57 2.86 -7.96
CA LYS A 92 15.77 3.67 -7.79
C LYS A 92 15.52 4.83 -6.84
N PHE A 93 16.21 4.82 -5.70
CA PHE A 93 16.06 5.87 -4.70
C PHE A 93 14.59 6.07 -4.34
N ALA A 1 12.21 -0.75 11.71
CA ALA A 1 12.12 -1.59 10.52
C ALA A 1 10.72 -2.19 10.38
N ILE A 2 10.16 -2.06 9.18
CA ILE A 2 8.83 -2.58 8.90
C ILE A 2 8.85 -4.10 8.76
N SER A 3 8.02 -4.77 9.56
CA SER A 3 7.94 -6.23 9.52
C SER A 3 6.81 -6.69 8.61
N CYS A 4 5.57 -6.55 9.08
CA CYS A 4 4.42 -6.96 8.30
C CYS A 4 3.12 -6.59 9.02
N GLY A 5 3.12 -6.73 10.34
CA GLY A 5 1.95 -6.42 11.13
C GLY A 5 1.49 -4.98 10.94
N ALA A 6 2.45 -4.07 10.74
CA ALA A 6 2.15 -2.67 10.54
C ALA A 6 1.49 -2.44 9.19
N VAL A 7 1.91 -3.20 8.19
CA VAL A 7 1.37 -3.08 6.84
C VAL A 7 -0.02 -3.69 6.75
N THR A 8 -0.19 -4.86 7.37
CA THR A 8 -1.48 -5.55 7.37
C THR A 8 -2.52 -4.78 8.17
N SER A 9 -2.04 -3.98 9.12
CA SER A 9 -2.94 -3.19 9.97
C SER A 9 -3.72 -2.18 9.13
N ASP A 10 -3.00 -1.39 8.34
CA ASP A 10 -3.63 -0.38 7.50
C ASP A 10 -4.31 -1.02 6.29
N LEU A 11 -3.90 -2.24 5.97
CA LEU A 11 -4.45 -2.97 4.83
C LEU A 11 -5.90 -3.40 5.12
N SER A 12 -6.16 -3.75 6.37
CA SER A 12 -7.50 -4.17 6.77
C SER A 12 -8.54 -3.13 6.38
N PRO A 13 -8.36 -1.90 6.88
CA PRO A 13 -9.28 -0.79 6.60
C PRO A 13 -9.20 -0.33 5.15
N CYS A 14 -8.06 -0.59 4.51
CA CYS A 14 -7.86 -0.20 3.13
C CYS A 14 -8.46 -1.23 2.17
N LEU A 15 -8.74 -2.42 2.70
CA LEU A 15 -9.32 -3.49 1.90
C LEU A 15 -10.71 -3.11 1.40
N THR A 16 -11.54 -2.58 2.29
CA THR A 16 -12.89 -2.16 1.95
C THR A 16 -12.89 -1.26 0.72
N TYR A 17 -11.91 -0.37 0.64
CA TYR A 17 -11.81 0.54 -0.49
C TYR A 17 -11.07 -0.11 -1.65
N LEU A 18 -10.10 -0.97 -1.34
CA LEU A 18 -9.34 -1.66 -2.37
C LEU A 18 -10.18 -2.75 -3.03
N THR A 19 -11.36 -3.00 -2.49
CA THR A 19 -12.26 -4.01 -3.03
C THR A 19 -13.27 -3.38 -3.98
N GLY A 20 -13.39 -2.07 -3.93
CA GLY A 20 -14.32 -1.37 -4.80
C GLY A 20 -15.46 -0.72 -4.04
N GLY A 21 -15.36 -0.76 -2.70
CA GLY A 21 -16.39 -0.16 -1.88
C GLY A 21 -16.17 1.32 -1.65
N PRO A 22 -16.89 1.88 -0.67
CA PRO A 22 -16.79 3.31 -0.34
C PRO A 22 -15.44 3.66 0.31
N GLY A 23 -14.89 4.80 -0.09
CA GLY A 23 -13.62 5.23 0.46
C GLY A 23 -12.95 6.31 -0.39
N PRO A 24 -11.66 6.55 -0.13
CA PRO A 24 -10.92 5.84 0.91
C PRO A 24 -11.37 6.21 2.32
N SER A 25 -11.50 5.21 3.18
CA SER A 25 -11.94 5.43 4.55
C SER A 25 -10.92 6.28 5.31
N PRO A 26 -11.35 6.84 6.45
CA PRO A 26 -10.50 7.69 7.29
C PRO A 26 -9.40 6.88 7.98
N GLN A 27 -9.76 5.71 8.48
CA GLN A 27 -8.80 4.85 9.17
C GLN A 27 -7.72 4.35 8.21
N CYS A 28 -8.11 4.10 6.96
CA CYS A 28 -7.19 3.62 5.96
C CYS A 28 -6.13 4.68 5.64
N CYS A 29 -6.58 5.89 5.34
CA CYS A 29 -5.69 6.99 5.03
C CYS A 29 -4.61 7.15 6.10
N GLY A 30 -5.04 7.18 7.36
CA GLY A 30 -4.12 7.32 8.46
C GLY A 30 -3.04 6.25 8.46
N GLY A 31 -3.45 5.01 8.23
CA GLY A 31 -2.49 3.92 8.21
C GLY A 31 -1.57 3.98 7.01
N VAL A 32 -2.11 4.35 5.86
CA VAL A 32 -1.33 4.45 4.63
C VAL A 32 -0.14 5.39 4.82
N LYS A 33 -0.42 6.62 5.22
CA LYS A 33 0.63 7.62 5.44
C LYS A 33 1.64 7.12 6.47
N LYS A 34 1.20 6.20 7.34
CA LYS A 34 2.07 5.65 8.37
C LYS A 34 3.08 4.70 7.76
N LEU A 35 2.64 3.89 6.81
CA LEU A 35 3.52 2.92 6.15
C LEU A 35 4.60 3.63 5.35
N LEU A 36 4.24 4.74 4.71
CA LEU A 36 5.18 5.51 3.91
C LEU A 36 6.15 6.27 4.82
N ALA A 37 5.63 6.82 5.91
CA ALA A 37 6.46 7.57 6.85
C ALA A 37 7.33 6.64 7.69
N ALA A 38 6.89 5.39 7.81
CA ALA A 38 7.62 4.40 8.58
C ALA A 38 8.82 3.86 7.79
N ALA A 39 8.80 4.08 6.48
CA ALA A 39 9.88 3.62 5.62
C ALA A 39 10.46 4.77 4.82
N ASN A 40 11.71 5.12 5.11
CA ASN A 40 12.39 6.21 4.41
C ASN A 40 13.51 5.66 3.51
N THR A 41 14.22 4.66 4.00
CA THR A 41 15.30 4.05 3.24
C THR A 41 14.78 2.98 2.29
N THR A 42 15.71 2.26 1.66
CA THR A 42 15.34 1.21 0.72
C THR A 42 14.93 -0.07 1.45
N PRO A 43 15.78 -0.50 2.40
CA PRO A 43 15.54 -1.71 3.19
C PRO A 43 14.13 -1.75 3.76
N ASP A 44 13.71 -0.66 4.39
CA ASP A 44 12.38 -0.57 4.98
C ASP A 44 11.30 -0.63 3.90
N ARG A 45 11.53 0.10 2.82
CA ARG A 45 10.59 0.13 1.71
C ARG A 45 10.45 -1.23 1.06
N GLN A 46 11.51 -2.04 1.16
CA GLN A 46 11.51 -3.38 0.58
C GLN A 46 10.57 -4.30 1.34
N ALA A 47 10.75 -4.35 2.66
CA ALA A 47 9.91 -5.19 3.51
C ALA A 47 8.43 -4.89 3.30
N ALA A 48 8.05 -3.63 3.51
CA ALA A 48 6.67 -3.21 3.35
C ALA A 48 6.12 -3.64 1.99
N CYS A 49 6.82 -3.23 0.93
CA CYS A 49 6.40 -3.56 -0.43
C CYS A 49 6.08 -5.04 -0.55
N ASN A 50 6.98 -5.88 -0.06
CA ASN A 50 6.79 -7.34 -0.11
C ASN A 50 5.49 -7.73 0.58
N CYS A 51 5.28 -7.21 1.78
CA CYS A 51 4.08 -7.52 2.56
C CYS A 51 2.84 -6.98 1.86
N LEU A 52 3.01 -5.89 1.11
CA LEU A 52 1.90 -5.28 0.39
C LEU A 52 1.51 -6.11 -0.83
N LYS A 53 2.49 -6.34 -1.71
CA LYS A 53 2.26 -7.13 -2.92
C LYS A 53 1.59 -8.46 -2.58
N SER A 54 2.05 -9.09 -1.52
CA SER A 54 1.50 -10.37 -1.09
C SER A 54 0.14 -10.18 -0.42
N ALA A 55 -0.08 -9.01 0.16
CA ALA A 55 -1.33 -8.70 0.82
C ALA A 55 -2.45 -8.48 -0.20
N ALA A 56 -2.19 -7.61 -1.17
CA ALA A 56 -3.17 -7.30 -2.20
C ALA A 56 -3.46 -8.53 -3.07
N GLY A 57 -2.59 -9.53 -2.97
CA GLY A 57 -2.77 -10.75 -3.75
C GLY A 57 -4.08 -11.44 -3.45
N SER A 58 -4.70 -11.09 -2.33
CA SER A 58 -5.97 -11.69 -1.94
C SER A 58 -7.14 -10.86 -2.45
N ILE A 59 -6.83 -9.79 -3.17
CA ILE A 59 -7.86 -8.91 -3.71
C ILE A 59 -8.39 -9.45 -5.04
N THR A 60 -9.67 -9.81 -5.06
CA THR A 60 -10.31 -10.34 -6.25
C THR A 60 -10.59 -9.24 -7.26
N LYS A 61 -10.03 -9.38 -8.46
CA LYS A 61 -10.23 -8.39 -9.52
C LYS A 61 -9.74 -7.01 -9.07
N LEU A 62 -8.50 -6.97 -8.61
CA LEU A 62 -7.90 -5.71 -8.16
C LEU A 62 -8.07 -4.62 -9.20
N ASN A 63 -8.38 -3.40 -8.75
CA ASN A 63 -8.57 -2.27 -9.65
C ASN A 63 -7.38 -1.31 -9.58
N THR A 64 -6.52 -1.37 -10.59
CA THR A 64 -5.35 -0.52 -10.63
C THR A 64 -5.72 0.95 -10.48
N ASN A 65 -6.86 1.32 -11.05
CA ASN A 65 -7.34 2.70 -10.98
C ASN A 65 -7.68 3.08 -9.55
N ASN A 66 -8.40 2.19 -8.86
CA ASN A 66 -8.80 2.43 -7.48
C ASN A 66 -7.58 2.45 -6.55
N ALA A 67 -6.64 1.55 -6.83
CA ALA A 67 -5.42 1.46 -6.02
C ALA A 67 -4.66 2.77 -6.03
N ALA A 68 -4.63 3.43 -7.19
CA ALA A 68 -3.93 4.70 -7.34
C ALA A 68 -4.73 5.84 -6.72
N ALA A 69 -6.04 5.67 -6.69
CA ALA A 69 -6.93 6.69 -6.13
C ALA A 69 -6.84 6.72 -4.60
N LEU A 70 -6.46 5.58 -4.03
CA LEU A 70 -6.34 5.47 -2.57
C LEU A 70 -5.35 6.49 -2.03
N PRO A 71 -4.11 6.45 -2.53
CA PRO A 71 -3.05 7.38 -2.12
C PRO A 71 -3.30 8.80 -2.60
N GLY A 72 -3.81 8.93 -3.82
CA GLY A 72 -4.09 10.24 -4.37
C GLY A 72 -5.20 10.96 -3.63
N LYS A 73 -6.21 10.21 -3.20
CA LYS A 73 -7.34 10.77 -2.48
C LYS A 73 -6.96 11.07 -1.04
N CYS A 74 -6.01 10.31 -0.50
CA CYS A 74 -5.56 10.51 0.87
C CYS A 74 -4.51 11.61 0.96
N GLY A 75 -4.22 12.22 -0.18
CA GLY A 75 -3.24 13.29 -0.23
C GLY A 75 -1.83 12.79 0.03
N VAL A 76 -1.64 11.48 -0.10
CA VAL A 76 -0.32 10.88 0.13
C VAL A 76 0.09 10.00 -1.06
N ASN A 77 1.22 10.36 -1.67
CA ASN A 77 1.72 9.61 -2.82
C ASN A 77 2.79 8.62 -2.38
N ILE A 78 2.94 7.54 -3.15
CA ILE A 78 3.93 6.51 -2.85
C ILE A 78 5.06 6.51 -3.88
N PRO A 79 6.24 6.04 -3.47
CA PRO A 79 7.41 5.97 -4.34
C PRO A 79 7.28 4.90 -5.42
N TYR A 80 6.47 3.89 -5.14
CA TYR A 80 6.24 2.80 -6.08
C TYR A 80 4.75 2.62 -6.36
N LYS A 81 4.42 1.53 -7.05
CA LYS A 81 3.02 1.25 -7.39
C LYS A 81 2.47 0.15 -6.49
N ILE A 82 1.18 -0.14 -6.64
CA ILE A 82 0.52 -1.17 -5.85
C ILE A 82 -0.24 -2.14 -6.73
N SER A 83 0.41 -3.26 -7.08
CA SER A 83 -0.21 -4.27 -7.93
C SER A 83 0.58 -5.57 -7.89
N THR A 84 0.16 -6.55 -8.67
CA THR A 84 0.83 -7.84 -8.73
C THR A 84 2.05 -7.78 -9.62
N THR A 85 2.31 -6.61 -10.19
CA THR A 85 3.47 -6.43 -11.07
C THR A 85 4.34 -5.26 -10.60
N THR A 86 4.69 -5.28 -9.32
CA THR A 86 5.52 -4.23 -8.74
C THR A 86 6.80 -4.81 -8.15
N ASN A 87 7.92 -4.13 -8.41
CA ASN A 87 9.22 -4.58 -7.91
C ASN A 87 9.98 -3.42 -7.28
N CYS A 88 9.86 -3.28 -5.96
CA CYS A 88 10.54 -2.21 -5.24
C CYS A 88 12.00 -2.58 -4.99
N ASN A 89 12.34 -3.84 -5.21
CA ASN A 89 13.71 -4.31 -5.01
C ASN A 89 14.59 -3.95 -6.19
N THR A 90 14.02 -3.98 -7.39
CA THR A 90 14.75 -3.64 -8.60
C THR A 90 14.57 -2.17 -8.98
N VAL A 91 14.64 -1.30 -7.98
CA VAL A 91 14.48 0.14 -8.21
C VAL A 91 15.83 0.82 -8.39
N LYS A 92 16.01 1.47 -9.54
CA LYS A 92 17.25 2.17 -9.84
C LYS A 92 17.11 3.67 -9.59
N PHE A 93 17.86 4.17 -8.61
CA PHE A 93 17.82 5.59 -8.27
C PHE A 93 16.38 6.05 -8.02
N ALA A 1 12.51 -1.57 11.67
CA ALA A 1 12.13 -1.61 10.26
C ALA A 1 10.74 -2.19 10.07
N ILE A 2 10.22 -2.11 8.85
CA ILE A 2 8.90 -2.64 8.54
C ILE A 2 8.92 -4.15 8.43
N SER A 3 8.15 -4.82 9.28
CA SER A 3 8.08 -6.27 9.28
C SER A 3 6.90 -6.76 8.46
N CYS A 4 5.70 -6.62 9.01
CA CYS A 4 4.48 -7.05 8.32
C CYS A 4 3.25 -6.67 9.13
N GLY A 5 3.35 -6.77 10.45
CA GLY A 5 2.23 -6.45 11.31
C GLY A 5 1.76 -5.02 11.12
N ALA A 6 2.69 -4.11 10.86
CA ALA A 6 2.35 -2.72 10.65
C ALA A 6 1.68 -2.50 9.30
N VAL A 7 2.04 -3.34 8.32
CA VAL A 7 1.46 -3.23 6.98
C VAL A 7 0.04 -3.78 6.95
N THR A 8 -0.17 -4.88 7.68
CA THR A 8 -1.49 -5.50 7.74
C THR A 8 -2.48 -4.63 8.51
N SER A 9 -1.95 -3.78 9.38
CA SER A 9 -2.79 -2.90 10.19
C SER A 9 -3.53 -1.89 9.30
N ASP A 10 -2.78 -1.20 8.44
CA ASP A 10 -3.36 -0.21 7.54
C ASP A 10 -4.09 -0.90 6.39
N LEU A 11 -3.73 -2.15 6.13
CA LEU A 11 -4.35 -2.92 5.06
C LEU A 11 -5.80 -3.26 5.39
N SER A 12 -6.06 -3.50 6.67
CA SER A 12 -7.41 -3.84 7.12
C SER A 12 -8.42 -2.79 6.67
N PRO A 13 -8.18 -1.52 7.08
CA PRO A 13 -9.06 -0.41 6.72
C PRO A 13 -8.97 -0.05 5.25
N CYS A 14 -7.86 -0.40 4.62
CA CYS A 14 -7.66 -0.12 3.20
C CYS A 14 -8.32 -1.18 2.33
N LEU A 15 -8.62 -2.33 2.94
CA LEU A 15 -9.27 -3.43 2.22
C LEU A 15 -10.63 -3.01 1.69
N THR A 16 -11.45 -2.44 2.58
CA THR A 16 -12.79 -2.00 2.20
C THR A 16 -12.75 -1.14 0.95
N TYR A 17 -11.69 -0.35 0.81
CA TYR A 17 -11.53 0.53 -0.35
C TYR A 17 -10.90 -0.22 -1.52
N LEU A 18 -9.96 -1.11 -1.21
CA LEU A 18 -9.28 -1.88 -2.23
C LEU A 18 -10.19 -2.97 -2.79
N THR A 19 -11.36 -3.12 -2.18
CA THR A 19 -12.33 -4.11 -2.63
C THR A 19 -13.35 -3.50 -3.58
N GLY A 20 -13.40 -2.18 -3.62
CA GLY A 20 -14.33 -1.49 -4.51
C GLY A 20 -15.45 -0.81 -3.74
N GLY A 21 -15.29 -0.70 -2.42
CA GLY A 21 -16.30 -0.06 -1.60
C GLY A 21 -16.04 1.43 -1.44
N PRO A 22 -16.71 2.04 -0.45
CA PRO A 22 -16.58 3.47 -0.17
C PRO A 22 -15.20 3.82 0.42
N GLY A 23 -14.64 4.94 -0.03
CA GLY A 23 -13.34 5.35 0.45
C GLY A 23 -12.67 6.34 -0.48
N PRO A 24 -11.36 6.55 -0.28
CA PRO A 24 -10.60 5.87 0.77
C PRO A 24 -10.98 6.34 2.16
N SER A 25 -11.11 5.40 3.09
CA SER A 25 -11.48 5.71 4.46
C SER A 25 -10.40 6.56 5.13
N PRO A 26 -10.77 7.21 6.24
CA PRO A 26 -9.84 8.07 7.00
C PRO A 26 -8.75 7.27 7.70
N GLN A 27 -9.15 6.13 8.29
CA GLN A 27 -8.19 5.28 9.00
C GLN A 27 -7.16 4.69 8.03
N CYS A 28 -7.61 4.42 6.80
CA CYS A 28 -6.72 3.86 5.79
C CYS A 28 -5.65 4.87 5.38
N CYS A 29 -6.07 6.08 5.06
CA CYS A 29 -5.15 7.13 4.66
C CYS A 29 -4.03 7.30 5.67
N GLY A 30 -4.40 7.40 6.95
CA GLY A 30 -3.42 7.56 8.00
C GLY A 30 -2.40 6.44 8.02
N GLY A 31 -2.88 5.20 7.90
CA GLY A 31 -1.99 4.06 7.91
C GLY A 31 -1.10 4.01 6.69
N VAL A 32 -1.67 4.34 5.53
CA VAL A 32 -0.90 4.32 4.28
C VAL A 32 0.32 5.21 4.38
N LYS A 33 0.11 6.49 4.68
CA LYS A 33 1.21 7.44 4.81
C LYS A 33 2.21 6.98 5.86
N LYS A 34 1.75 6.14 6.79
CA LYS A 34 2.60 5.63 7.85
C LYS A 34 3.56 4.58 7.32
N LEU A 35 3.06 3.71 6.43
CA LEU A 35 3.88 2.67 5.84
C LEU A 35 4.98 3.26 4.97
N LEU A 36 4.66 4.34 4.26
CA LEU A 36 5.62 5.00 3.39
C LEU A 36 6.55 5.91 4.20
N ALA A 37 6.03 6.48 5.28
CA ALA A 37 6.81 7.36 6.14
C ALA A 37 7.78 6.56 7.00
N ALA A 38 7.42 5.31 7.28
CA ALA A 38 8.27 4.44 8.09
C ALA A 38 9.34 3.77 7.25
N ALA A 39 9.30 4.02 5.95
CA ALA A 39 10.27 3.43 5.04
C ALA A 39 10.98 4.52 4.22
N ASN A 40 12.06 5.05 4.77
CA ASN A 40 12.83 6.09 4.10
C ASN A 40 13.88 5.49 3.17
N THR A 41 14.50 4.40 3.61
CA THR A 41 15.52 3.73 2.81
C THR A 41 14.90 2.71 1.86
N THR A 42 15.73 1.93 1.20
CA THR A 42 15.26 0.92 0.26
C THR A 42 14.86 -0.36 0.99
N PRO A 43 15.74 -0.84 1.86
CA PRO A 43 15.49 -2.06 2.64
C PRO A 43 14.12 -2.07 3.29
N ASP A 44 13.74 -0.93 3.87
CA ASP A 44 12.45 -0.80 4.53
C ASP A 44 11.30 -0.93 3.53
N ARG A 45 11.47 -0.30 2.37
CA ARG A 45 10.46 -0.34 1.32
C ARG A 45 10.29 -1.77 0.79
N GLN A 46 11.40 -2.47 0.66
CA GLN A 46 11.38 -3.85 0.16
C GLN A 46 10.48 -4.73 1.03
N ALA A 47 10.73 -4.70 2.33
CA ALA A 47 9.95 -5.50 3.27
C ALA A 47 8.46 -5.20 3.13
N ALA A 48 8.08 -3.96 3.39
CA ALA A 48 6.69 -3.54 3.29
C ALA A 48 6.09 -3.95 1.95
N CYS A 49 6.75 -3.55 0.86
CA CYS A 49 6.28 -3.86 -0.48
C CYS A 49 5.93 -5.34 -0.60
N ASN A 50 6.77 -6.19 -0.02
CA ASN A 50 6.55 -7.64 -0.06
C ASN A 50 5.25 -8.01 0.64
N CYS A 51 5.03 -7.42 1.82
CA CYS A 51 3.82 -7.69 2.59
C CYS A 51 2.59 -7.10 1.89
N LEU A 52 2.78 -5.99 1.20
CA LEU A 52 1.69 -5.33 0.49
C LEU A 52 1.28 -6.14 -0.75
N LYS A 53 2.25 -6.42 -1.61
CA LYS A 53 1.99 -7.19 -2.83
C LYS A 53 1.23 -8.48 -2.51
N SER A 54 1.62 -9.14 -1.42
CA SER A 54 0.98 -10.38 -1.02
C SER A 54 -0.39 -10.11 -0.42
N ALA A 55 -0.56 -8.93 0.18
CA ALA A 55 -1.82 -8.54 0.78
C ALA A 55 -2.90 -8.33 -0.29
N ALA A 56 -2.61 -7.47 -1.25
CA ALA A 56 -3.54 -7.18 -2.32
C ALA A 56 -3.78 -8.40 -3.20
N GLY A 57 -2.85 -9.36 -3.13
CA GLY A 57 -2.98 -10.57 -3.92
C GLY A 57 -4.23 -11.35 -3.60
N SER A 58 -4.83 -11.06 -2.44
CA SER A 58 -6.04 -11.74 -2.01
C SER A 58 -7.27 -10.87 -2.29
N ILE A 59 -7.14 -9.93 -3.21
CA ILE A 59 -8.24 -9.05 -3.57
C ILE A 59 -8.98 -9.55 -4.80
N THR A 60 -10.26 -9.85 -4.63
CA THR A 60 -11.08 -10.34 -5.74
C THR A 60 -11.20 -9.30 -6.84
N LYS A 61 -10.60 -9.58 -7.98
CA LYS A 61 -10.64 -8.67 -9.12
C LYS A 61 -10.05 -7.31 -8.74
N LEU A 62 -8.80 -7.31 -8.31
CA LEU A 62 -8.12 -6.08 -7.92
C LEU A 62 -8.23 -5.03 -9.02
N ASN A 63 -8.45 -3.78 -8.62
CA ASN A 63 -8.59 -2.68 -9.57
C ASN A 63 -7.36 -1.78 -9.51
N THR A 64 -6.50 -1.91 -10.52
CA THR A 64 -5.28 -1.10 -10.59
C THR A 64 -5.61 0.39 -10.50
N ASN A 65 -6.73 0.78 -11.07
CA ASN A 65 -7.16 2.17 -11.05
C ASN A 65 -7.49 2.62 -9.62
N ASN A 66 -8.19 1.77 -8.89
CA ASN A 66 -8.58 2.07 -7.51
C ASN A 66 -7.35 2.09 -6.60
N ALA A 67 -6.44 1.15 -6.82
CA ALA A 67 -5.23 1.06 -6.02
C ALA A 67 -4.41 2.34 -6.11
N ALA A 68 -4.37 2.94 -7.30
CA ALA A 68 -3.63 4.17 -7.51
C ALA A 68 -4.39 5.37 -6.96
N ALA A 69 -5.71 5.25 -6.92
CA ALA A 69 -6.56 6.33 -6.41
C ALA A 69 -6.47 6.42 -4.89
N LEU A 70 -6.12 5.31 -4.26
CA LEU A 70 -6.00 5.26 -2.80
C LEU A 70 -4.98 6.29 -2.31
N PRO A 71 -3.75 6.19 -2.80
CA PRO A 71 -2.66 7.10 -2.44
C PRO A 71 -2.87 8.50 -2.98
N GLY A 72 -3.36 8.58 -4.22
CA GLY A 72 -3.61 9.87 -4.85
C GLY A 72 -4.70 10.66 -4.15
N LYS A 73 -5.72 9.96 -3.67
CA LYS A 73 -6.83 10.59 -2.98
C LYS A 73 -6.44 10.98 -1.55
N CYS A 74 -5.51 10.22 -0.97
CA CYS A 74 -5.05 10.48 0.39
C CYS A 74 -3.96 11.54 0.40
N GLY A 75 -3.65 12.07 -0.78
CA GLY A 75 -2.62 13.09 -0.89
C GLY A 75 -1.23 12.54 -0.67
N VAL A 76 -1.09 11.22 -0.80
CA VAL A 76 0.20 10.57 -0.62
C VAL A 76 0.52 9.65 -1.79
N ASN A 77 1.12 10.22 -2.83
CA ASN A 77 1.47 9.45 -4.02
C ASN A 77 2.89 8.88 -3.89
N ILE A 78 3.09 7.68 -4.41
CA ILE A 78 4.39 7.03 -4.36
C ILE A 78 5.01 6.92 -5.74
N PRO A 79 6.34 6.81 -5.78
CA PRO A 79 7.09 6.70 -7.04
C PRO A 79 6.86 5.36 -7.74
N TYR A 80 6.19 4.45 -7.05
CA TYR A 80 5.91 3.12 -7.59
C TYR A 80 4.41 2.83 -7.54
N LYS A 81 4.00 1.75 -8.21
CA LYS A 81 2.60 1.36 -8.24
C LYS A 81 2.35 0.19 -7.29
N ILE A 82 1.09 -0.23 -7.21
CA ILE A 82 0.71 -1.34 -6.33
C ILE A 82 -0.08 -2.39 -7.10
N SER A 83 0.50 -3.57 -7.26
CA SER A 83 -0.15 -4.66 -7.98
C SER A 83 0.68 -5.93 -7.91
N THR A 84 0.28 -6.94 -8.68
CA THR A 84 0.99 -8.21 -8.72
C THR A 84 2.20 -8.13 -9.64
N THR A 85 2.42 -6.97 -10.23
CA THR A 85 3.54 -6.75 -11.14
C THR A 85 4.39 -5.58 -10.69
N THR A 86 4.44 -5.34 -9.38
CA THR A 86 5.22 -4.25 -8.82
C THR A 86 6.61 -4.72 -8.41
N ASN A 87 7.60 -3.88 -8.63
CA ASN A 87 8.98 -4.20 -8.29
C ASN A 87 9.65 -3.04 -7.57
N CYS A 88 9.64 -3.06 -6.25
CA CYS A 88 10.25 -2.01 -5.44
C CYS A 88 11.77 -2.16 -5.42
N ASN A 89 12.24 -3.37 -5.66
CA ASN A 89 13.67 -3.65 -5.66
C ASN A 89 14.38 -2.84 -6.74
N THR A 90 13.62 -2.41 -7.74
CA THR A 90 14.17 -1.63 -8.84
C THR A 90 14.00 -0.13 -8.59
N VAL A 91 13.75 0.23 -7.34
CA VAL A 91 13.57 1.63 -6.96
C VAL A 91 14.88 2.24 -6.46
N LYS A 92 15.23 3.40 -7.00
CA LYS A 92 16.45 4.09 -6.61
C LYS A 92 16.16 5.16 -5.56
N PHE A 93 16.46 4.85 -4.30
CA PHE A 93 16.23 5.80 -3.22
C PHE A 93 14.78 6.30 -3.22
N ALA A 1 10.82 0.04 12.12
CA ALA A 1 11.14 -1.07 11.24
C ALA A 1 9.89 -1.79 10.77
N ILE A 2 9.71 -1.87 9.45
CA ILE A 2 8.55 -2.53 8.86
C ILE A 2 8.75 -4.03 8.81
N SER A 3 7.65 -4.78 8.96
CA SER A 3 7.71 -6.24 8.93
C SER A 3 6.47 -6.81 8.24
N CYS A 4 5.34 -6.72 8.91
CA CYS A 4 4.08 -7.23 8.37
C CYS A 4 2.91 -6.91 9.29
N GLY A 5 3.15 -7.01 10.60
CA GLY A 5 2.12 -6.73 11.57
C GLY A 5 1.55 -5.32 11.43
N ALA A 6 2.41 -4.38 11.04
CA ALA A 6 2.00 -3.00 10.87
C ALA A 6 1.41 -2.77 9.48
N VAL A 7 1.81 -3.61 8.53
CA VAL A 7 1.31 -3.49 7.16
C VAL A 7 -0.11 -4.01 7.05
N THR A 8 -0.39 -5.13 7.71
CA THR A 8 -1.72 -5.73 7.68
C THR A 8 -2.72 -4.87 8.43
N SER A 9 -2.22 -4.05 9.36
CA SER A 9 -3.07 -3.18 10.16
C SER A 9 -3.77 -2.15 9.28
N ASP A 10 -2.99 -1.45 8.46
CA ASP A 10 -3.53 -0.43 7.57
C ASP A 10 -4.23 -1.08 6.38
N LEU A 11 -3.90 -2.33 6.11
CA LEU A 11 -4.49 -3.06 4.99
C LEU A 11 -5.95 -3.39 5.28
N SER A 12 -6.26 -3.66 6.54
CA SER A 12 -7.63 -3.99 6.94
C SER A 12 -8.61 -2.89 6.49
N PRO A 13 -8.35 -1.65 6.94
CA PRO A 13 -9.18 -0.51 6.60
C PRO A 13 -9.06 -0.10 5.14
N CYS A 14 -7.92 -0.46 4.53
CA CYS A 14 -7.68 -0.15 3.12
C CYS A 14 -8.34 -1.17 2.21
N LEU A 15 -8.70 -2.31 2.78
CA LEU A 15 -9.34 -3.38 2.02
C LEU A 15 -10.70 -2.94 1.49
N THR A 16 -11.51 -2.35 2.37
CA THR A 16 -12.83 -1.89 1.99
C THR A 16 -12.78 -1.02 0.74
N TYR A 17 -11.74 -0.20 0.65
CA TYR A 17 -11.57 0.68 -0.50
C TYR A 17 -10.87 -0.04 -1.65
N LEU A 18 -9.97 -0.93 -1.31
CA LEU A 18 -9.23 -1.70 -2.31
C LEU A 18 -10.12 -2.75 -2.96
N THR A 19 -11.32 -2.92 -2.41
CA THR A 19 -12.27 -3.90 -2.93
C THR A 19 -13.25 -3.25 -3.90
N GLY A 20 -13.29 -1.92 -3.89
CA GLY A 20 -14.18 -1.20 -4.78
C GLY A 20 -15.29 -0.47 -4.03
N GLY A 21 -15.17 -0.42 -2.71
CA GLY A 21 -16.17 0.24 -1.90
C GLY A 21 -15.87 1.71 -1.68
N PRO A 22 -16.55 2.32 -0.69
CA PRO A 22 -16.37 3.74 -0.37
C PRO A 22 -15.00 4.02 0.24
N GLY A 23 -14.39 5.14 -0.16
CA GLY A 23 -13.08 5.50 0.36
C GLY A 23 -12.36 6.50 -0.52
N PRO A 24 -11.06 6.69 -0.27
CA PRO A 24 -10.35 5.96 0.79
C PRO A 24 -10.77 6.41 2.18
N SER A 25 -10.95 5.45 3.08
CA SER A 25 -11.36 5.74 4.45
C SER A 25 -10.30 6.56 5.17
N PRO A 26 -10.68 7.17 6.30
CA PRO A 26 -9.79 7.99 7.11
C PRO A 26 -8.71 7.17 7.81
N GLN A 27 -9.12 6.04 8.37
CA GLN A 27 -8.18 5.15 9.07
C GLN A 27 -7.17 4.56 8.10
N CYS A 28 -7.60 4.31 6.87
CA CYS A 28 -6.72 3.75 5.85
C CYS A 28 -5.60 4.73 5.49
N CYS A 29 -5.99 5.96 5.18
CA CYS A 29 -5.03 6.99 4.81
C CYS A 29 -3.93 7.11 5.87
N GLY A 30 -4.34 7.23 7.13
CA GLY A 30 -3.39 7.35 8.21
C GLY A 30 -2.38 6.22 8.23
N GLY A 31 -2.87 5.00 8.05
CA GLY A 31 -1.99 3.84 8.05
C GLY A 31 -1.08 3.80 6.85
N VAL A 32 -1.63 4.14 5.68
CA VAL A 32 -0.85 4.15 4.44
C VAL A 32 0.39 5.02 4.58
N LYS A 33 0.19 6.30 4.89
CA LYS A 33 1.29 7.24 5.05
C LYS A 33 2.28 6.73 6.10
N LYS A 34 1.80 5.91 7.01
CA LYS A 34 2.64 5.35 8.07
C LYS A 34 3.61 4.32 7.51
N LEU A 35 3.12 3.47 6.61
CA LEU A 35 3.95 2.44 6.00
C LEU A 35 5.03 3.07 5.12
N LEU A 36 4.70 4.19 4.50
CA LEU A 36 5.65 4.89 3.63
C LEU A 36 6.57 5.79 4.45
N ALA A 37 6.04 6.32 5.56
CA ALA A 37 6.83 7.20 6.43
C ALA A 37 7.83 6.40 7.25
N ALA A 38 7.43 5.20 7.67
CA ALA A 38 8.31 4.34 8.46
C ALA A 38 9.39 3.70 7.59
N ALA A 39 9.28 3.90 6.28
CA ALA A 39 10.25 3.35 5.34
C ALA A 39 10.85 4.45 4.46
N ASN A 40 11.92 5.06 4.95
CA ASN A 40 12.59 6.14 4.21
C ASN A 40 13.63 5.56 3.25
N THR A 41 14.31 4.52 3.69
CA THR A 41 15.34 3.87 2.87
C THR A 41 14.73 2.82 1.95
N THR A 42 15.59 2.07 1.27
CA THR A 42 15.14 1.02 0.36
C THR A 42 14.80 -0.26 1.12
N PRO A 43 15.73 -0.69 1.98
CA PRO A 43 15.55 -1.91 2.78
C PRO A 43 14.19 -1.96 3.47
N ASP A 44 13.83 -0.86 4.12
CA ASP A 44 12.54 -0.77 4.81
C ASP A 44 11.38 -0.87 3.83
N ARG A 45 11.46 -0.10 2.74
CA ARG A 45 10.41 -0.11 1.74
C ARG A 45 10.28 -1.49 1.09
N GLN A 46 11.38 -2.25 1.10
CA GLN A 46 11.38 -3.57 0.51
C GLN A 46 10.54 -4.54 1.35
N ALA A 47 10.81 -4.58 2.64
CA ALA A 47 10.08 -5.45 3.56
C ALA A 47 8.58 -5.23 3.45
N ALA A 48 8.18 -3.96 3.57
CA ALA A 48 6.77 -3.60 3.49
C ALA A 48 6.17 -4.00 2.14
N CYS A 49 6.77 -3.50 1.06
CA CYS A 49 6.31 -3.80 -0.29
C CYS A 49 6.07 -5.31 -0.46
N ASN A 50 6.95 -6.10 0.13
CA ASN A 50 6.84 -7.55 0.04
C ASN A 50 5.53 -8.04 0.65
N CYS A 51 5.26 -7.62 1.88
CA CYS A 51 4.03 -8.00 2.57
C CYS A 51 2.81 -7.35 1.93
N LEU A 52 3.03 -6.23 1.25
CA LEU A 52 1.95 -5.51 0.59
C LEU A 52 1.53 -6.23 -0.69
N LYS A 53 2.48 -6.38 -1.61
CA LYS A 53 2.21 -7.04 -2.88
C LYS A 53 1.54 -8.40 -2.66
N SER A 54 2.00 -9.13 -1.64
CA SER A 54 1.45 -10.44 -1.32
C SER A 54 0.09 -10.30 -0.63
N ALA A 55 -0.09 -9.18 0.07
CA ALA A 55 -1.34 -8.93 0.77
C ALA A 55 -2.49 -8.68 -0.21
N ALA A 56 -2.25 -7.79 -1.16
CA ALA A 56 -3.27 -7.46 -2.16
C ALA A 56 -3.57 -8.68 -3.04
N GLY A 57 -2.70 -9.68 -2.99
CA GLY A 57 -2.89 -10.86 -3.79
C GLY A 57 -4.19 -11.58 -3.48
N SER A 58 -4.78 -11.25 -2.33
CA SER A 58 -6.02 -11.88 -1.90
C SER A 58 -7.22 -11.04 -2.35
N ILE A 59 -6.95 -9.95 -3.07
CA ILE A 59 -8.00 -9.08 -3.55
C ILE A 59 -8.59 -9.59 -4.86
N THR A 60 -9.86 -9.96 -4.82
CA THR A 60 -10.54 -10.47 -6.00
C THR A 60 -10.87 -9.35 -6.99
N LYS A 61 -10.42 -9.51 -8.22
CA LYS A 61 -10.67 -8.51 -9.25
C LYS A 61 -10.08 -7.16 -8.86
N LEU A 62 -8.84 -7.17 -8.41
CA LEU A 62 -8.17 -5.95 -7.99
C LEU A 62 -8.28 -4.88 -9.06
N ASN A 63 -8.50 -3.64 -8.64
CA ASN A 63 -8.63 -2.52 -9.57
C ASN A 63 -7.39 -1.63 -9.52
N THR A 64 -6.53 -1.77 -10.53
CA THR A 64 -5.31 -0.98 -10.61
C THR A 64 -5.60 0.51 -10.49
N ASN A 65 -6.73 0.94 -11.05
CA ASN A 65 -7.12 2.33 -11.01
C ASN A 65 -7.44 2.77 -9.57
N ASN A 66 -8.18 1.93 -8.87
CA ASN A 66 -8.56 2.22 -7.48
C ASN A 66 -7.33 2.20 -6.57
N ALA A 67 -6.44 1.24 -6.82
CA ALA A 67 -5.22 1.11 -6.03
C ALA A 67 -4.38 2.38 -6.08
N ALA A 68 -4.33 2.99 -7.26
CA ALA A 68 -3.56 4.22 -7.45
C ALA A 68 -4.29 5.42 -6.86
N ALA A 69 -5.62 5.33 -6.82
CA ALA A 69 -6.45 6.41 -6.28
C ALA A 69 -6.33 6.47 -4.76
N LEU A 70 -6.00 5.34 -4.14
CA LEU A 70 -5.86 5.27 -2.70
C LEU A 70 -4.82 6.27 -2.19
N PRO A 71 -3.59 6.13 -2.71
CA PRO A 71 -2.47 7.01 -2.34
C PRO A 71 -2.65 8.43 -2.86
N GLY A 72 -3.19 8.55 -4.08
CA GLY A 72 -3.40 9.85 -4.67
C GLY A 72 -4.47 10.65 -3.96
N LYS A 73 -5.51 9.96 -3.48
CA LYS A 73 -6.60 10.62 -2.77
C LYS A 73 -6.19 10.97 -1.34
N CYS A 74 -5.27 10.17 -0.79
CA CYS A 74 -4.78 10.40 0.57
C CYS A 74 -3.69 11.46 0.59
N GLY A 75 -3.28 11.90 -0.60
CA GLY A 75 -2.24 12.91 -0.70
C GLY A 75 -0.85 12.31 -0.66
N VAL A 76 -0.77 11.00 -0.43
CA VAL A 76 0.51 10.31 -0.36
C VAL A 76 0.74 9.46 -1.61
N ASN A 77 1.29 10.07 -2.66
CA ASN A 77 1.55 9.37 -3.91
C ASN A 77 2.94 8.73 -3.88
N ILE A 78 3.05 7.56 -4.49
CA ILE A 78 4.31 6.84 -4.55
C ILE A 78 4.79 6.69 -5.98
N PRO A 79 6.11 6.47 -6.15
CA PRO A 79 6.73 6.30 -7.47
C PRO A 79 6.33 4.99 -8.13
N TYR A 80 5.78 4.08 -7.35
CA TYR A 80 5.35 2.78 -7.86
C TYR A 80 3.88 2.53 -7.53
N LYS A 81 3.23 1.75 -8.39
CA LYS A 81 1.82 1.41 -8.20
C LYS A 81 1.65 0.22 -7.26
N ILE A 82 0.42 -0.05 -6.85
CA ILE A 82 0.14 -1.16 -5.96
C ILE A 82 -0.63 -2.27 -6.68
N SER A 83 0.08 -3.34 -7.03
CA SER A 83 -0.52 -4.46 -7.72
C SER A 83 0.46 -5.63 -7.82
N THR A 84 0.07 -6.67 -8.55
CA THR A 84 0.91 -7.84 -8.72
C THR A 84 1.98 -7.61 -9.78
N THR A 85 1.98 -6.41 -10.36
CA THR A 85 2.96 -6.07 -11.39
C THR A 85 3.83 -4.89 -10.94
N THR A 86 4.23 -4.92 -9.67
CA THR A 86 5.07 -3.86 -9.12
C THR A 86 6.38 -4.41 -8.57
N ASN A 87 7.49 -3.79 -8.96
CA ASN A 87 8.80 -4.22 -8.51
C ASN A 87 9.43 -3.19 -7.57
N CYS A 88 9.25 -3.39 -6.27
CA CYS A 88 9.80 -2.47 -5.28
C CYS A 88 11.29 -2.72 -5.08
N ASN A 89 11.81 -3.75 -5.74
CA ASN A 89 13.23 -4.07 -5.64
C ASN A 89 14.07 -3.13 -6.48
N THR A 90 13.44 -2.50 -7.47
CA THR A 90 14.13 -1.57 -8.35
C THR A 90 13.92 -0.12 -7.89
N VAL A 91 13.51 0.04 -6.64
CA VAL A 91 13.28 1.37 -6.08
C VAL A 91 14.60 2.06 -5.73
N LYS A 92 14.77 3.28 -6.21
CA LYS A 92 15.98 4.05 -5.95
C LYS A 92 15.79 4.94 -4.72
N PHE A 93 16.44 4.57 -3.63
CA PHE A 93 16.36 5.34 -2.39
C PHE A 93 14.90 5.57 -2.00
N ALA A 1 11.55 -1.12 12.28
CA ALA A 1 11.59 -1.68 10.93
C ALA A 1 10.25 -2.30 10.55
N ILE A 2 9.89 -2.19 9.29
CA ILE A 2 8.64 -2.74 8.79
C ILE A 2 8.73 -4.26 8.67
N SER A 3 7.93 -4.97 9.46
CA SER A 3 7.93 -6.42 9.44
C SER A 3 6.80 -6.94 8.54
N CYS A 4 5.58 -6.86 9.03
CA CYS A 4 4.42 -7.33 8.28
C CYS A 4 3.12 -7.03 9.02
N GLY A 5 3.13 -7.31 10.32
CA GLY A 5 1.94 -7.06 11.13
C GLY A 5 1.46 -5.63 11.03
N ALA A 6 2.39 -4.69 11.12
CA ALA A 6 2.05 -3.27 11.03
C ALA A 6 1.48 -2.92 9.66
N VAL A 7 1.89 -3.68 8.65
CA VAL A 7 1.43 -3.45 7.29
C VAL A 7 0.00 -3.92 7.10
N THR A 8 -0.31 -5.09 7.65
CA THR A 8 -1.65 -5.66 7.54
C THR A 8 -2.66 -4.83 8.31
N SER A 9 -2.17 -4.05 9.28
CA SER A 9 -3.03 -3.21 10.09
C SER A 9 -3.75 -2.17 9.23
N ASP A 10 -2.97 -1.44 8.43
CA ASP A 10 -3.54 -0.42 7.56
C ASP A 10 -4.23 -1.05 6.36
N LEU A 11 -3.88 -2.29 6.07
CA LEU A 11 -4.47 -3.02 4.94
C LEU A 11 -5.93 -3.36 5.22
N SER A 12 -6.24 -3.66 6.49
CA SER A 12 -7.60 -4.00 6.88
C SER A 12 -8.58 -2.92 6.45
N PRO A 13 -8.34 -1.69 6.92
CA PRO A 13 -9.19 -0.53 6.61
C PRO A 13 -9.07 -0.11 5.14
N CYS A 14 -7.94 -0.45 4.53
CA CYS A 14 -7.70 -0.10 3.13
C CYS A 14 -8.34 -1.13 2.19
N LEU A 15 -8.70 -2.28 2.75
CA LEU A 15 -9.32 -3.34 1.97
C LEU A 15 -10.69 -2.91 1.45
N THR A 16 -11.50 -2.34 2.34
CA THR A 16 -12.83 -1.88 1.97
C THR A 16 -12.78 -1.00 0.72
N TYR A 17 -11.75 -0.17 0.63
CA TYR A 17 -11.59 0.72 -0.51
C TYR A 17 -10.89 0.02 -1.66
N LEU A 18 -9.94 -0.85 -1.33
CA LEU A 18 -9.19 -1.60 -2.33
C LEU A 18 -10.09 -2.62 -3.03
N THR A 19 -11.28 -2.83 -2.48
CA THR A 19 -12.23 -3.78 -3.05
C THR A 19 -13.22 -3.08 -3.97
N GLY A 20 -13.24 -1.75 -3.91
CA GLY A 20 -14.14 -0.99 -4.75
C GLY A 20 -15.20 -0.25 -3.94
N GLY A 21 -15.16 -0.42 -2.63
CA GLY A 21 -16.12 0.24 -1.77
C GLY A 21 -15.83 1.71 -1.59
N PRO A 22 -16.51 2.34 -0.62
CA PRO A 22 -16.33 3.76 -0.32
C PRO A 22 -14.97 4.07 0.29
N GLY A 23 -14.37 5.17 -0.13
CA GLY A 23 -13.06 5.55 0.39
C GLY A 23 -12.36 6.57 -0.50
N PRO A 24 -11.06 6.76 -0.25
CA PRO A 24 -10.33 6.06 0.81
C PRO A 24 -10.77 6.50 2.20
N SER A 25 -10.96 5.54 3.09
CA SER A 25 -11.38 5.84 4.46
C SER A 25 -10.31 6.65 5.19
N PRO A 26 -10.71 7.25 6.32
CA PRO A 26 -9.80 8.08 7.14
C PRO A 26 -8.73 7.24 7.84
N GLN A 27 -9.15 6.11 8.39
CA GLN A 27 -8.23 5.22 9.11
C GLN A 27 -7.21 4.62 8.13
N CYS A 28 -7.65 4.35 6.91
CA CYS A 28 -6.77 3.78 5.90
C CYS A 28 -5.65 4.75 5.53
N CYS A 29 -6.02 5.99 5.21
CA CYS A 29 -5.05 7.01 4.84
C CYS A 29 -3.96 7.12 5.91
N GLY A 30 -4.38 7.26 7.16
CA GLY A 30 -3.42 7.38 8.25
C GLY A 30 -2.40 6.26 8.25
N GLY A 31 -2.88 5.02 8.10
CA GLY A 31 -1.99 3.87 8.10
C GLY A 31 -1.09 3.85 6.88
N VAL A 32 -1.65 4.20 5.72
CA VAL A 32 -0.88 4.21 4.49
C VAL A 32 0.36 5.09 4.61
N LYS A 33 0.15 6.36 4.94
CA LYS A 33 1.25 7.30 5.09
C LYS A 33 2.24 6.82 6.16
N LYS A 34 1.75 5.98 7.07
CA LYS A 34 2.59 5.44 8.13
C LYS A 34 3.56 4.39 7.58
N LEU A 35 3.07 3.56 6.68
CA LEU A 35 3.89 2.50 6.09
C LEU A 35 5.01 3.11 5.23
N LEU A 36 4.70 4.20 4.55
CA LEU A 36 5.68 4.87 3.70
C LEU A 36 6.58 5.77 4.53
N ALA A 37 6.06 6.25 5.66
CA ALA A 37 6.83 7.10 6.55
C ALA A 37 7.81 6.30 7.40
N ALA A 38 7.41 5.09 7.77
CA ALA A 38 8.25 4.22 8.58
C ALA A 38 9.38 3.61 7.74
N ALA A 39 9.29 3.79 6.42
CA ALA A 39 10.28 3.26 5.50
C ALA A 39 10.87 4.37 4.63
N ASN A 40 11.82 5.11 5.19
CA ASN A 40 12.46 6.20 4.45
C ASN A 40 13.54 5.67 3.51
N THR A 41 14.23 4.62 3.95
CA THR A 41 15.29 4.01 3.15
C THR A 41 14.71 3.00 2.17
N THR A 42 15.61 2.31 1.45
CA THR A 42 15.19 1.31 0.48
C THR A 42 14.89 -0.02 1.16
N PRO A 43 15.82 -0.48 2.00
CA PRO A 43 15.68 -1.75 2.73
C PRO A 43 14.31 -1.87 3.40
N ASP A 44 13.93 -0.84 4.14
CA ASP A 44 12.64 -0.83 4.84
C ASP A 44 11.49 -0.86 3.84
N ARG A 45 11.60 -0.08 2.77
CA ARG A 45 10.56 -0.01 1.76
C ARG A 45 10.41 -1.36 1.05
N GLN A 46 11.51 -2.09 0.95
CA GLN A 46 11.50 -3.40 0.30
C GLN A 46 10.70 -4.40 1.11
N ALA A 47 10.91 -4.41 2.42
CA ALA A 47 10.20 -5.31 3.31
C ALA A 47 8.70 -5.11 3.24
N ALA A 48 8.27 -3.87 3.44
CA ALA A 48 6.85 -3.53 3.38
C ALA A 48 6.25 -3.91 2.04
N CYS A 49 6.86 -3.43 0.96
CA CYS A 49 6.38 -3.72 -0.38
C CYS A 49 6.11 -5.21 -0.56
N ASN A 50 6.95 -6.03 0.04
CA ASN A 50 6.81 -7.47 -0.05
C ASN A 50 5.54 -7.94 0.63
N CYS A 51 5.27 -7.39 1.82
CA CYS A 51 4.08 -7.74 2.58
C CYS A 51 2.83 -7.17 1.93
N LEU A 52 2.98 -6.02 1.28
CA LEU A 52 1.86 -5.36 0.62
C LEU A 52 1.51 -6.07 -0.68
N LYS A 53 2.48 -6.18 -1.57
CA LYS A 53 2.28 -6.85 -2.86
C LYS A 53 1.64 -8.22 -2.67
N SER A 54 2.12 -8.95 -1.66
CA SER A 54 1.60 -10.28 -1.38
C SER A 54 0.24 -10.19 -0.69
N ALA A 55 0.01 -9.09 0.02
CA ALA A 55 -1.25 -8.88 0.72
C ALA A 55 -2.39 -8.65 -0.25
N ALA A 56 -2.16 -7.78 -1.24
CA ALA A 56 -3.17 -7.48 -2.24
C ALA A 56 -3.49 -8.70 -3.10
N GLY A 57 -2.64 -9.72 -3.01
CA GLY A 57 -2.85 -10.93 -3.78
C GLY A 57 -4.16 -11.59 -3.47
N SER A 58 -4.75 -11.24 -2.33
CA SER A 58 -6.01 -11.81 -1.90
C SER A 58 -7.18 -10.97 -2.40
N ILE A 59 -6.88 -9.90 -3.13
CA ILE A 59 -7.89 -9.02 -3.66
C ILE A 59 -8.46 -9.54 -4.97
N THR A 60 -9.75 -9.88 -4.97
CA THR A 60 -10.41 -10.39 -6.16
C THR A 60 -10.65 -9.29 -7.18
N LYS A 61 -10.13 -9.48 -8.39
CA LYS A 61 -10.30 -8.50 -9.46
C LYS A 61 -9.72 -7.15 -9.04
N LEU A 62 -8.49 -7.16 -8.54
CA LEU A 62 -7.83 -5.93 -8.11
C LEU A 62 -7.91 -4.87 -9.20
N ASN A 63 -8.15 -3.62 -8.79
CA ASN A 63 -8.25 -2.51 -9.73
C ASN A 63 -7.01 -1.61 -9.62
N THR A 64 -6.11 -1.73 -10.59
CA THR A 64 -4.90 -0.92 -10.62
C THR A 64 -5.22 0.56 -10.49
N ASN A 65 -6.34 0.97 -11.09
CA ASN A 65 -6.76 2.37 -11.06
C ASN A 65 -7.13 2.79 -9.64
N ASN A 66 -7.87 1.93 -8.96
CA ASN A 66 -8.29 2.21 -7.59
C ASN A 66 -7.10 2.21 -6.63
N ALA A 67 -6.19 1.26 -6.85
CA ALA A 67 -5.00 1.15 -6.02
C ALA A 67 -4.18 2.44 -6.04
N ALA A 68 -4.09 3.06 -7.23
CA ALA A 68 -3.34 4.29 -7.38
C ALA A 68 -4.12 5.48 -6.82
N ALA A 69 -5.44 5.36 -6.81
CA ALA A 69 -6.30 6.43 -6.31
C ALA A 69 -6.23 6.50 -4.79
N LEU A 70 -5.99 5.36 -4.15
CA LEU A 70 -5.89 5.29 -2.70
C LEU A 70 -4.90 6.31 -2.17
N PRO A 71 -3.64 6.21 -2.63
CA PRO A 71 -2.56 7.11 -2.22
C PRO A 71 -2.75 8.53 -2.76
N GLY A 72 -3.24 8.62 -3.99
CA GLY A 72 -3.46 9.91 -4.61
C GLY A 72 -4.49 10.75 -3.86
N LYS A 73 -5.62 10.13 -3.53
CA LYS A 73 -6.68 10.81 -2.80
C LYS A 73 -6.32 10.99 -1.33
N CYS A 74 -5.41 10.15 -0.85
CA CYS A 74 -4.97 10.21 0.54
C CYS A 74 -3.89 11.26 0.73
N GLY A 75 -3.55 11.95 -0.36
CA GLY A 75 -2.52 12.98 -0.30
C GLY A 75 -1.14 12.40 -0.06
N VAL A 76 -0.95 11.15 -0.47
CA VAL A 76 0.34 10.48 -0.29
C VAL A 76 0.64 9.55 -1.46
N ASN A 77 1.20 10.10 -2.53
CA ASN A 77 1.54 9.32 -3.71
C ASN A 77 2.95 8.77 -3.61
N ILE A 78 3.15 7.56 -4.14
CA ILE A 78 4.45 6.91 -4.12
C ILE A 78 5.05 6.82 -5.52
N PRO A 79 6.38 6.71 -5.58
CA PRO A 79 7.10 6.60 -6.85
C PRO A 79 6.87 5.27 -7.55
N TYR A 80 6.34 4.30 -6.80
CA TYR A 80 6.07 2.99 -7.34
C TYR A 80 4.56 2.69 -7.35
N LYS A 81 4.17 1.65 -8.06
CA LYS A 81 2.77 1.27 -8.14
C LYS A 81 2.48 0.06 -7.23
N ILE A 82 1.20 -0.28 -7.13
CA ILE A 82 0.79 -1.41 -6.29
C ILE A 82 0.06 -2.46 -7.12
N SER A 83 0.79 -3.49 -7.52
CA SER A 83 0.21 -4.58 -8.32
C SER A 83 0.92 -5.90 -8.04
N THR A 84 0.25 -7.00 -8.35
CA THR A 84 0.81 -8.33 -8.13
C THR A 84 1.98 -8.58 -9.08
N THR A 85 2.13 -7.72 -10.08
CA THR A 85 3.20 -7.86 -11.05
C THR A 85 4.19 -6.70 -10.94
N THR A 86 4.24 -6.08 -9.76
CA THR A 86 5.14 -4.96 -9.52
C THR A 86 6.35 -5.39 -8.70
N ASN A 87 7.51 -4.83 -9.03
CA ASN A 87 8.74 -5.15 -8.31
C ASN A 87 9.33 -3.92 -7.64
N CYS A 88 9.17 -3.83 -6.33
CA CYS A 88 9.68 -2.70 -5.56
C CYS A 88 11.20 -2.76 -5.45
N ASN A 89 11.75 -3.97 -5.57
CA ASN A 89 13.19 -4.17 -5.47
C ASN A 89 13.91 -3.46 -6.62
N THR A 90 13.17 -3.20 -7.70
CA THR A 90 13.74 -2.54 -8.88
C THR A 90 13.49 -1.04 -8.82
N VAL A 91 13.15 -0.54 -7.64
CA VAL A 91 12.88 0.89 -7.46
C VAL A 91 14.12 1.62 -6.99
N LYS A 92 14.39 2.78 -7.62
CA LYS A 92 15.55 3.58 -7.26
C LYS A 92 15.19 4.62 -6.19
N PHE A 93 15.75 4.46 -5.01
CA PHE A 93 15.48 5.38 -3.91
C PHE A 93 13.99 5.55 -3.68
N ALA A 1 11.98 -1.26 12.26
CA ALA A 1 11.73 -1.45 10.84
C ALA A 1 10.35 -2.05 10.59
N ILE A 2 9.87 -1.95 9.36
CA ILE A 2 8.56 -2.48 9.01
C ILE A 2 8.60 -4.01 8.89
N SER A 3 7.80 -4.67 9.72
CA SER A 3 7.74 -6.14 9.71
C SER A 3 6.60 -6.63 8.84
N CYS A 4 5.38 -6.52 9.35
CA CYS A 4 4.20 -6.95 8.63
C CYS A 4 2.93 -6.62 9.40
N GLY A 5 2.97 -6.83 10.71
CA GLY A 5 1.81 -6.55 11.54
C GLY A 5 1.32 -5.13 11.38
N ALA A 6 2.22 -4.21 11.03
CA ALA A 6 1.87 -2.81 10.84
C ALA A 6 1.26 -2.58 9.47
N VAL A 7 1.70 -3.37 8.50
CA VAL A 7 1.19 -3.25 7.13
C VAL A 7 -0.22 -3.83 7.02
N THR A 8 -0.43 -4.98 7.62
CA THR A 8 -1.73 -5.65 7.59
C THR A 8 -2.77 -4.85 8.37
N SER A 9 -2.30 -4.02 9.30
CA SER A 9 -3.18 -3.21 10.12
C SER A 9 -3.92 -2.18 9.27
N ASP A 10 -3.16 -1.40 8.51
CA ASP A 10 -3.76 -0.38 7.65
C ASP A 10 -4.40 -1.01 6.41
N LEU A 11 -3.96 -2.22 6.08
CA LEU A 11 -4.50 -2.93 4.92
C LEU A 11 -5.94 -3.37 5.18
N SER A 12 -6.24 -3.71 6.42
CA SER A 12 -7.59 -4.14 6.79
C SER A 12 -8.63 -3.12 6.37
N PRO A 13 -8.48 -1.88 6.87
CA PRO A 13 -9.40 -0.78 6.56
C PRO A 13 -9.27 -0.31 5.11
N CYS A 14 -8.12 -0.56 4.51
CA CYS A 14 -7.87 -0.18 3.14
C CYS A 14 -8.43 -1.20 2.16
N LEU A 15 -8.71 -2.40 2.68
CA LEU A 15 -9.26 -3.47 1.86
C LEU A 15 -10.63 -3.09 1.29
N THR A 16 -11.49 -2.57 2.16
CA THR A 16 -12.83 -2.16 1.75
C THR A 16 -12.78 -1.26 0.53
N TYR A 17 -11.79 -0.38 0.49
CA TYR A 17 -11.63 0.54 -0.63
C TYR A 17 -10.87 -0.12 -1.78
N LEU A 18 -9.92 -0.98 -1.43
CA LEU A 18 -9.11 -1.69 -2.42
C LEU A 18 -9.94 -2.76 -3.14
N THR A 19 -11.15 -3.00 -2.63
CA THR A 19 -12.03 -4.00 -3.22
C THR A 19 -13.00 -3.36 -4.20
N GLY A 20 -13.10 -2.03 -4.15
CA GLY A 20 -14.00 -1.31 -5.04
C GLY A 20 -15.15 -0.67 -4.30
N GLY A 21 -15.10 -0.70 -2.97
CA GLY A 21 -16.15 -0.11 -2.18
C GLY A 21 -15.93 1.37 -1.93
N PRO A 22 -16.67 1.94 -0.95
CA PRO A 22 -16.56 3.35 -0.60
C PRO A 22 -15.24 3.69 0.06
N GLY A 23 -14.67 4.83 -0.30
CA GLY A 23 -13.41 5.26 0.27
C GLY A 23 -12.71 6.31 -0.57
N PRO A 24 -11.43 6.56 -0.27
CA PRO A 24 -10.72 5.85 0.81
C PRO A 24 -11.22 6.25 2.19
N SER A 25 -11.37 5.26 3.06
CA SER A 25 -11.85 5.50 4.42
C SER A 25 -10.86 6.35 5.19
N PRO A 26 -11.31 6.92 6.33
CA PRO A 26 -10.48 7.76 7.18
C PRO A 26 -9.39 6.97 7.90
N GLN A 27 -9.78 5.83 8.47
CA GLN A 27 -8.84 4.98 9.19
C GLN A 27 -7.76 4.45 8.24
N CYS A 28 -8.14 4.20 7.00
CA CYS A 28 -7.21 3.69 6.00
C CYS A 28 -6.12 4.71 5.70
N CYS A 29 -6.53 5.93 5.37
CA CYS A 29 -5.60 7.00 5.06
C CYS A 29 -4.54 7.13 6.15
N GLY A 30 -5.00 7.21 7.40
CA GLY A 30 -4.08 7.35 8.51
C GLY A 30 -3.03 6.26 8.54
N GLY A 31 -3.47 5.02 8.36
CA GLY A 31 -2.54 3.90 8.36
C GLY A 31 -1.60 3.93 7.18
N VAL A 32 -2.11 4.29 6.01
CA VAL A 32 -1.31 4.37 4.80
C VAL A 32 -0.09 5.26 5.01
N LYS A 33 -0.33 6.52 5.36
CA LYS A 33 0.73 7.47 5.58
C LYS A 33 1.70 6.97 6.66
N LYS A 34 1.21 6.09 7.52
CA LYS A 34 2.03 5.53 8.59
C LYS A 34 3.04 4.53 8.04
N LEU A 35 2.59 3.71 7.09
CA LEU A 35 3.46 2.71 6.48
C LEU A 35 4.59 3.36 5.69
N LEU A 36 4.27 4.46 5.02
CA LEU A 36 5.26 5.19 4.24
C LEU A 36 6.12 6.09 5.13
N ALA A 37 5.57 6.47 6.27
CA ALA A 37 6.28 7.32 7.22
C ALA A 37 7.27 6.51 8.03
N ALA A 38 6.97 5.24 8.23
CA ALA A 38 7.84 4.35 9.00
C ALA A 38 8.96 3.78 8.13
N ALA A 39 8.91 4.11 6.84
CA ALA A 39 9.93 3.64 5.91
C ALA A 39 10.57 4.81 5.17
N ASN A 40 11.87 4.99 5.40
CA ASN A 40 12.61 6.08 4.75
C ASN A 40 13.70 5.52 3.85
N THR A 41 14.36 4.46 4.29
CA THR A 41 15.43 3.84 3.53
C THR A 41 14.87 2.80 2.56
N THR A 42 15.77 2.05 1.92
CA THR A 42 15.37 1.02 0.96
C THR A 42 14.93 -0.25 1.68
N PRO A 43 15.77 -0.73 2.61
CA PRO A 43 15.49 -1.94 3.38
C PRO A 43 14.07 -1.95 3.95
N ASP A 44 13.66 -0.83 4.52
CA ASP A 44 12.33 -0.70 5.09
C ASP A 44 11.26 -0.83 4.02
N ARG A 45 11.44 -0.11 2.93
CA ARG A 45 10.49 -0.14 1.82
C ARG A 45 10.37 -1.55 1.24
N GLN A 46 11.45 -2.31 1.34
CA GLN A 46 11.48 -3.67 0.82
C GLN A 46 10.53 -4.58 1.61
N ALA A 47 10.70 -4.57 2.93
CA ALA A 47 9.87 -5.39 3.81
C ALA A 47 8.39 -5.10 3.58
N ALA A 48 8.00 -3.85 3.76
CA ALA A 48 6.61 -3.45 3.57
C ALA A 48 6.10 -3.86 2.19
N CYS A 49 6.84 -3.49 1.16
CA CYS A 49 6.46 -3.83 -0.21
C CYS A 49 6.09 -5.30 -0.33
N ASN A 50 6.87 -6.15 0.35
CA ASN A 50 6.63 -7.59 0.31
C ASN A 50 5.28 -7.93 0.94
N CYS A 51 5.02 -7.37 2.12
CA CYS A 51 3.78 -7.61 2.82
C CYS A 51 2.58 -7.05 2.04
N LEU A 52 2.80 -5.91 1.41
CA LEU A 52 1.75 -5.27 0.61
C LEU A 52 1.45 -6.07 -0.65
N LYS A 53 2.49 -6.35 -1.42
CA LYS A 53 2.35 -7.11 -2.65
C LYS A 53 1.56 -8.40 -2.41
N SER A 54 1.87 -9.08 -1.32
CA SER A 54 1.20 -10.32 -0.97
C SER A 54 -0.23 -10.06 -0.51
N ALA A 55 -0.45 -8.88 0.06
CA ALA A 55 -1.78 -8.50 0.54
C ALA A 55 -2.71 -8.18 -0.63
N ALA A 56 -2.30 -7.22 -1.46
CA ALA A 56 -3.09 -6.81 -2.61
C ALA A 56 -3.21 -7.94 -3.62
N GLY A 57 -2.23 -8.84 -3.61
CA GLY A 57 -2.24 -9.97 -4.54
C GLY A 57 -3.47 -10.85 -4.36
N SER A 58 -4.12 -10.73 -3.21
CA SER A 58 -5.31 -11.52 -2.92
C SER A 58 -6.58 -10.71 -3.14
N ILE A 59 -6.46 -9.66 -3.95
CA ILE A 59 -7.61 -8.81 -4.25
C ILE A 59 -8.31 -9.24 -5.53
N THR A 60 -9.54 -9.71 -5.40
CA THR A 60 -10.31 -10.15 -6.55
C THR A 60 -10.44 -9.05 -7.60
N LYS A 61 -9.80 -9.25 -8.74
CA LYS A 61 -9.84 -8.27 -9.83
C LYS A 61 -9.29 -6.92 -9.36
N LEU A 62 -8.07 -6.93 -8.84
CA LEU A 62 -7.43 -5.71 -8.36
C LEU A 62 -7.50 -4.61 -9.41
N ASN A 63 -7.76 -3.39 -8.97
CA ASN A 63 -7.85 -2.25 -9.88
C ASN A 63 -6.66 -1.31 -9.70
N THR A 64 -5.72 -1.37 -10.63
CA THR A 64 -4.53 -0.53 -10.57
C THR A 64 -4.90 0.94 -10.41
N ASN A 65 -6.00 1.34 -11.05
CA ASN A 65 -6.46 2.71 -10.98
C ASN A 65 -6.92 3.07 -9.57
N ASN A 66 -7.63 2.15 -8.93
CA ASN A 66 -8.11 2.37 -7.57
C ASN A 66 -6.95 2.38 -6.58
N ALA A 67 -6.00 1.47 -6.77
CA ALA A 67 -4.85 1.38 -5.89
C ALA A 67 -4.08 2.71 -5.85
N ALA A 68 -3.95 3.35 -7.02
CA ALA A 68 -3.25 4.62 -7.10
C ALA A 68 -4.10 5.76 -6.56
N ALA A 69 -5.42 5.59 -6.62
CA ALA A 69 -6.34 6.62 -6.14
C ALA A 69 -6.36 6.65 -4.61
N LEU A 70 -6.07 5.51 -3.99
CA LEU A 70 -6.05 5.41 -2.54
C LEU A 70 -5.12 6.45 -1.93
N PRO A 71 -3.85 6.42 -2.33
CA PRO A 71 -2.83 7.36 -1.84
C PRO A 71 -3.06 8.77 -2.37
N GLY A 72 -3.50 8.88 -3.61
CA GLY A 72 -3.74 10.18 -4.22
C GLY A 72 -4.85 10.94 -3.51
N LYS A 73 -5.96 10.25 -3.25
CA LYS A 73 -7.09 10.87 -2.58
C LYS A 73 -6.81 11.05 -1.09
N CYS A 74 -5.90 10.25 -0.57
CA CYS A 74 -5.53 10.32 0.85
C CYS A 74 -4.50 11.41 1.09
N GLY A 75 -4.14 12.13 0.04
CA GLY A 75 -3.16 13.19 0.16
C GLY A 75 -1.77 12.68 0.47
N VAL A 76 -1.40 11.58 -0.18
CA VAL A 76 -0.08 10.99 0.03
C VAL A 76 0.46 10.39 -1.26
N ASN A 77 1.74 10.63 -1.53
CA ASN A 77 2.38 10.11 -2.73
C ASN A 77 3.44 9.07 -2.38
N ILE A 78 3.46 7.99 -3.14
CA ILE A 78 4.43 6.91 -2.92
C ILE A 78 5.46 6.84 -4.04
N PRO A 79 6.68 6.41 -3.70
CA PRO A 79 7.77 6.28 -4.67
C PRO A 79 7.54 5.15 -5.67
N TYR A 80 6.72 4.18 -5.28
CA TYR A 80 6.41 3.05 -6.14
C TYR A 80 4.91 2.91 -6.34
N LYS A 81 4.50 1.79 -6.93
CA LYS A 81 3.08 1.53 -7.18
C LYS A 81 2.53 0.53 -6.17
N ILE A 82 1.23 0.27 -6.25
CA ILE A 82 0.58 -0.67 -5.34
C ILE A 82 -0.17 -1.76 -6.11
N SER A 83 0.43 -2.94 -6.19
CA SER A 83 -0.17 -4.06 -6.91
C SER A 83 0.67 -5.31 -6.76
N THR A 84 0.19 -6.41 -7.34
CA THR A 84 0.91 -7.68 -7.28
C THR A 84 2.02 -7.73 -8.31
N THR A 85 2.17 -6.65 -9.08
CA THR A 85 3.20 -6.58 -10.10
C THR A 85 4.14 -5.39 -9.86
N THR A 86 4.62 -5.28 -8.62
CA THR A 86 5.52 -4.19 -8.26
C THR A 86 6.87 -4.73 -7.80
N ASN A 87 7.94 -4.04 -8.18
CA ASN A 87 9.29 -4.46 -7.81
C ASN A 87 10.04 -3.31 -7.15
N CYS A 88 9.99 -3.28 -5.81
CA CYS A 88 10.67 -2.25 -5.05
C CYS A 88 12.15 -2.56 -4.90
N ASN A 89 12.53 -3.78 -5.25
CA ASN A 89 13.92 -4.20 -5.16
C ASN A 89 14.73 -3.70 -6.34
N THR A 90 14.10 -3.68 -7.52
CA THR A 90 14.76 -3.22 -8.73
C THR A 90 14.12 -1.94 -9.25
N VAL A 91 14.05 -0.92 -8.39
CA VAL A 91 13.46 0.35 -8.76
C VAL A 91 14.40 1.15 -9.66
N LYS A 92 13.86 1.64 -10.78
CA LYS A 92 14.65 2.41 -11.72
C LYS A 92 14.52 3.91 -11.45
N PHE A 93 15.48 4.46 -10.72
CA PHE A 93 15.48 5.88 -10.38
C PHE A 93 14.16 6.27 -9.73
N ALA A 1 12.11 -1.23 12.18
CA ALA A 1 11.88 -1.49 10.77
C ALA A 1 10.49 -2.08 10.54
N ILE A 2 10.02 -1.99 9.30
CA ILE A 2 8.70 -2.52 8.94
C ILE A 2 8.74 -4.04 8.81
N SER A 3 7.92 -4.71 9.61
CA SER A 3 7.85 -6.17 9.59
C SER A 3 6.72 -6.64 8.67
N CYS A 4 5.49 -6.52 9.15
CA CYS A 4 4.33 -6.94 8.38
C CYS A 4 3.04 -6.59 9.11
N GLY A 5 3.03 -6.79 10.43
CA GLY A 5 1.86 -6.49 11.22
C GLY A 5 1.39 -5.05 11.05
N ALA A 6 2.33 -4.16 10.80
CA ALA A 6 2.00 -2.74 10.61
C ALA A 6 1.36 -2.51 9.25
N VAL A 7 1.80 -3.29 8.25
CA VAL A 7 1.26 -3.16 6.90
C VAL A 7 -0.13 -3.79 6.79
N THR A 8 -0.27 -4.98 7.34
CA THR A 8 -1.54 -5.69 7.31
C THR A 8 -2.60 -4.95 8.12
N SER A 9 -2.15 -4.16 9.09
CA SER A 9 -3.06 -3.40 9.94
C SER A 9 -3.83 -2.37 9.13
N ASP A 10 -3.10 -1.54 8.37
CA ASP A 10 -3.72 -0.52 7.54
C ASP A 10 -4.36 -1.13 6.31
N LEU A 11 -3.93 -2.34 5.96
CA LEU A 11 -4.47 -3.03 4.79
C LEU A 11 -5.90 -3.47 5.03
N SER A 12 -6.19 -3.86 6.27
CA SER A 12 -7.54 -4.32 6.62
C SER A 12 -8.58 -3.27 6.24
N PRO A 13 -8.42 -2.05 6.78
CA PRO A 13 -9.35 -0.95 6.51
C PRO A 13 -9.23 -0.44 5.08
N CYS A 14 -8.08 -0.68 4.45
CA CYS A 14 -7.85 -0.24 3.09
C CYS A 14 -8.41 -1.25 2.09
N LEU A 15 -8.71 -2.45 2.57
CA LEU A 15 -9.26 -3.50 1.73
C LEU A 15 -10.65 -3.12 1.22
N THR A 16 -11.49 -2.64 2.12
CA THR A 16 -12.85 -2.23 1.75
C THR A 16 -12.84 -1.30 0.56
N TYR A 17 -11.88 -0.37 0.54
CA TYR A 17 -11.77 0.58 -0.56
C TYR A 17 -11.00 -0.01 -1.72
N LEU A 18 -10.02 -0.86 -1.42
CA LEU A 18 -9.22 -1.51 -2.46
C LEU A 18 -10.04 -2.55 -3.21
N THR A 19 -11.23 -2.85 -2.70
CA THR A 19 -12.11 -3.82 -3.32
C THR A 19 -13.11 -3.14 -4.26
N GLY A 20 -13.22 -1.82 -4.13
CA GLY A 20 -14.15 -1.07 -4.96
C GLY A 20 -15.26 -0.43 -4.15
N GLY A 21 -15.25 -0.66 -2.85
CA GLY A 21 -16.28 -0.10 -1.99
C GLY A 21 -16.08 1.38 -1.74
N PRO A 22 -16.82 1.93 -0.77
CA PRO A 22 -16.75 3.35 -0.41
C PRO A 22 -15.42 3.70 0.28
N GLY A 23 -14.86 4.85 -0.09
CA GLY A 23 -13.61 5.28 0.50
C GLY A 23 -12.94 6.37 -0.31
N PRO A 24 -11.64 6.61 -0.03
CA PRO A 24 -10.91 5.87 1.01
C PRO A 24 -11.39 6.21 2.42
N SER A 25 -11.53 5.20 3.25
CA SER A 25 -11.98 5.38 4.62
C SER A 25 -10.98 6.21 5.42
N PRO A 26 -11.43 6.75 6.56
CA PRO A 26 -10.58 7.57 7.43
C PRO A 26 -9.50 6.76 8.12
N GLN A 27 -9.85 5.56 8.58
CA GLN A 27 -8.92 4.69 9.27
C GLN A 27 -7.83 4.22 8.31
N CYS A 28 -8.20 3.98 7.06
CA CYS A 28 -7.25 3.52 6.05
C CYS A 28 -6.20 4.59 5.77
N CYS A 29 -6.65 5.81 5.50
CA CYS A 29 -5.75 6.92 5.21
C CYS A 29 -4.69 7.06 6.30
N GLY A 30 -5.15 7.05 7.56
CA GLY A 30 -4.23 7.18 8.68
C GLY A 30 -3.15 6.12 8.65
N GLY A 31 -3.54 4.88 8.40
CA GLY A 31 -2.57 3.79 8.36
C GLY A 31 -1.64 3.89 7.18
N VAL A 32 -2.17 4.28 6.02
CA VAL A 32 -1.38 4.42 4.81
C VAL A 32 -0.19 5.35 5.04
N LYS A 33 -0.48 6.57 5.47
CA LYS A 33 0.56 7.57 5.73
C LYS A 33 1.56 7.05 6.75
N LYS A 34 1.12 6.12 7.59
CA LYS A 34 1.98 5.54 8.61
C LYS A 34 3.00 4.59 7.99
N LEU A 35 2.57 3.82 7.01
CA LEU A 35 3.45 2.87 6.34
C LEU A 35 4.55 3.61 5.56
N LEU A 36 4.18 4.74 4.97
CA LEU A 36 5.13 5.54 4.20
C LEU A 36 6.02 6.35 5.13
N ALA A 37 5.44 6.84 6.22
CA ALA A 37 6.19 7.65 7.18
C ALA A 37 7.11 6.76 8.02
N ALA A 38 6.78 5.48 8.11
CA ALA A 38 7.57 4.54 8.89
C ALA A 38 8.73 3.99 8.06
N ALA A 39 8.77 4.36 6.79
CA ALA A 39 9.82 3.90 5.89
C ALA A 39 10.53 5.09 5.23
N ASN A 40 11.75 5.37 5.68
CA ASN A 40 12.52 6.47 5.13
C ASN A 40 13.64 5.96 4.23
N THR A 41 14.27 4.87 4.65
CA THR A 41 15.36 4.28 3.88
C THR A 41 14.83 3.31 2.83
N THR A 42 15.74 2.61 2.16
CA THR A 42 15.36 1.65 1.13
C THR A 42 14.93 0.32 1.75
N PRO A 43 15.76 -0.21 2.66
CA PRO A 43 15.49 -1.48 3.34
C PRO A 43 14.07 -1.55 3.88
N ASP A 44 13.61 -0.44 4.44
CA ASP A 44 12.25 -0.37 5.01
C ASP A 44 11.21 -0.55 3.92
N ARG A 45 11.31 0.25 2.86
CA ARG A 45 10.38 0.19 1.75
C ARG A 45 10.34 -1.21 1.13
N GLN A 46 11.46 -1.93 1.28
CA GLN A 46 11.56 -3.28 0.73
C GLN A 46 10.67 -4.25 1.51
N ALA A 47 10.80 -4.23 2.84
CA ALA A 47 10.01 -5.11 3.69
C ALA A 47 8.52 -4.87 3.49
N ALA A 48 8.09 -3.64 3.71
CA ALA A 48 6.68 -3.27 3.56
C ALA A 48 6.16 -3.72 2.19
N CYS A 49 6.83 -3.29 1.13
CA CYS A 49 6.43 -3.64 -0.22
C CYS A 49 6.14 -5.13 -0.34
N ASN A 50 7.06 -5.95 0.18
CA ASN A 50 6.90 -7.40 0.14
C ASN A 50 5.60 -7.83 0.79
N CYS A 51 5.26 -7.18 1.90
CA CYS A 51 4.03 -7.49 2.63
C CYS A 51 2.81 -6.94 1.89
N LEU A 52 3.01 -5.84 1.17
CA LEU A 52 1.92 -5.22 0.41
C LEU A 52 1.57 -6.03 -0.83
N LYS A 53 2.57 -6.25 -1.68
CA LYS A 53 2.37 -7.02 -2.91
C LYS A 53 1.70 -8.35 -2.61
N SER A 54 2.12 -8.99 -1.53
CA SER A 54 1.55 -10.28 -1.13
C SER A 54 0.17 -10.10 -0.53
N ALA A 55 -0.07 -8.94 0.07
CA ALA A 55 -1.35 -8.63 0.70
C ALA A 55 -2.42 -8.38 -0.36
N ALA A 56 -2.13 -7.47 -1.28
CA ALA A 56 -3.07 -7.13 -2.35
C ALA A 56 -3.30 -8.32 -3.27
N GLY A 57 -2.42 -9.32 -3.17
CA GLY A 57 -2.55 -10.50 -4.01
C GLY A 57 -3.87 -11.22 -3.81
N SER A 58 -4.54 -10.92 -2.70
CA SER A 58 -5.82 -11.55 -2.39
C SER A 58 -6.98 -10.71 -2.92
N ILE A 59 -6.65 -9.60 -3.59
CA ILE A 59 -7.66 -8.72 -4.15
C ILE A 59 -8.12 -9.21 -5.51
N THR A 60 -9.36 -9.68 -5.57
CA THR A 60 -9.92 -10.19 -6.82
C THR A 60 -10.23 -9.04 -7.79
N LYS A 61 -9.66 -9.12 -8.98
CA LYS A 61 -9.87 -8.09 -9.99
C LYS A 61 -9.43 -6.72 -9.48
N LEU A 62 -8.20 -6.66 -8.98
CA LEU A 62 -7.66 -5.40 -8.46
C LEU A 62 -7.83 -4.27 -9.47
N ASN A 63 -8.18 -3.08 -8.97
CA ASN A 63 -8.37 -1.93 -9.83
C ASN A 63 -7.20 -0.95 -9.70
N THR A 64 -6.32 -0.97 -10.69
CA THR A 64 -5.16 -0.09 -10.69
C THR A 64 -5.57 1.37 -10.50
N ASN A 65 -6.73 1.73 -11.03
CA ASN A 65 -7.24 3.09 -10.91
C ASN A 65 -7.61 3.41 -9.46
N ASN A 66 -8.28 2.46 -8.81
CA ASN A 66 -8.70 2.64 -7.42
C ASN A 66 -7.49 2.63 -6.49
N ALA A 67 -6.54 1.74 -6.77
CA ALA A 67 -5.33 1.64 -5.96
C ALA A 67 -4.57 2.95 -5.93
N ALA A 68 -4.52 3.63 -7.07
CA ALA A 68 -3.82 4.90 -7.18
C ALA A 68 -4.63 6.02 -6.54
N ALA A 69 -5.95 5.86 -6.54
CA ALA A 69 -6.83 6.87 -5.97
C ALA A 69 -6.78 6.85 -4.44
N LEU A 70 -6.41 5.70 -3.88
CA LEU A 70 -6.31 5.55 -2.43
C LEU A 70 -5.34 6.57 -1.85
N PRO A 71 -4.09 6.54 -2.33
CA PRO A 71 -3.03 7.45 -1.88
C PRO A 71 -3.28 8.89 -2.33
N GLY A 72 -3.75 9.05 -3.56
CA GLY A 72 -4.02 10.38 -4.08
C GLY A 72 -5.15 11.07 -3.34
N LYS A 73 -6.15 10.31 -2.94
CA LYS A 73 -7.30 10.86 -2.23
C LYS A 73 -6.94 11.13 -0.78
N CYS A 74 -6.01 10.36 -0.23
CA CYS A 74 -5.58 10.52 1.15
C CYS A 74 -4.52 11.63 1.26
N GLY A 75 -4.22 12.26 0.14
CA GLY A 75 -3.23 13.33 0.14
C GLY A 75 -1.82 12.82 0.37
N VAL A 76 -1.66 11.49 0.32
CA VAL A 76 -0.36 10.88 0.54
C VAL A 76 0.07 10.06 -0.67
N ASN A 77 1.19 10.43 -1.28
CA ASN A 77 1.70 9.72 -2.45
C ASN A 77 2.77 8.71 -2.04
N ILE A 78 2.96 7.69 -2.88
CA ILE A 78 3.95 6.66 -2.61
C ILE A 78 5.10 6.73 -3.62
N PRO A 79 6.28 6.25 -3.19
CA PRO A 79 7.48 6.25 -4.05
C PRO A 79 7.37 5.25 -5.19
N TYR A 80 6.63 4.18 -4.97
CA TYR A 80 6.46 3.15 -5.99
C TYR A 80 4.97 2.90 -6.25
N LYS A 81 4.68 1.90 -7.09
CA LYS A 81 3.31 1.56 -7.43
C LYS A 81 2.79 0.43 -6.54
N ILE A 82 1.53 0.08 -6.72
CA ILE A 82 0.92 -0.99 -5.94
C ILE A 82 0.17 -1.96 -6.83
N SER A 83 0.83 -3.05 -7.22
CA SER A 83 0.23 -4.06 -8.07
C SER A 83 0.99 -5.38 -7.99
N THR A 84 0.60 -6.35 -8.81
CA THR A 84 1.25 -7.64 -8.83
C THR A 84 2.54 -7.61 -9.64
N THR A 85 2.85 -6.44 -10.18
CA THR A 85 4.07 -6.26 -10.98
C THR A 85 4.91 -5.11 -10.46
N THR A 86 5.03 -5.02 -9.13
CA THR A 86 5.81 -3.96 -8.50
C THR A 86 7.09 -4.51 -7.88
N ASN A 87 8.24 -4.02 -8.35
CA ASN A 87 9.53 -4.46 -7.84
C ASN A 87 10.22 -3.35 -7.06
N CYS A 88 10.03 -3.34 -5.75
CA CYS A 88 10.63 -2.33 -4.89
C CYS A 88 12.10 -2.67 -4.59
N ASN A 89 12.35 -3.94 -4.30
CA ASN A 89 13.70 -4.40 -4.00
C ASN A 89 14.67 -4.00 -5.10
N THR A 90 14.17 -3.98 -6.33
CA THR A 90 14.99 -3.61 -7.48
C THR A 90 14.32 -2.53 -8.32
N VAL A 91 14.19 -1.33 -7.74
CA VAL A 91 13.57 -0.21 -8.42
C VAL A 91 14.50 0.37 -9.49
N LYS A 92 14.05 0.34 -10.73
CA LYS A 92 14.84 0.87 -11.84
C LYS A 92 14.61 2.37 -12.02
N PHE A 93 15.65 3.15 -11.73
CA PHE A 93 15.55 4.60 -11.85
C PHE A 93 14.33 5.14 -11.10
N ALA A 1 11.61 -1.40 12.74
CA ALA A 1 11.44 -1.55 11.30
C ALA A 1 10.09 -2.18 10.98
N ILE A 2 9.67 -2.06 9.72
CA ILE A 2 8.39 -2.62 9.28
C ILE A 2 8.48 -4.14 9.13
N SER A 3 7.67 -4.86 9.91
CA SER A 3 7.65 -6.32 9.85
C SER A 3 6.57 -6.82 8.92
N CYS A 4 5.31 -6.73 9.38
CA CYS A 4 4.18 -7.18 8.59
C CYS A 4 2.86 -6.89 9.31
N GLY A 5 2.85 -7.09 10.61
CA GLY A 5 1.66 -6.84 11.39
C GLY A 5 1.15 -5.42 11.24
N ALA A 6 2.08 -4.48 11.09
CA ALA A 6 1.71 -3.08 10.92
C ALA A 6 1.15 -2.81 9.53
N VAL A 7 1.63 -3.57 8.55
CA VAL A 7 1.18 -3.42 7.17
C VAL A 7 -0.22 -4.00 6.99
N THR A 8 -0.43 -5.20 7.53
CA THR A 8 -1.73 -5.86 7.43
C THR A 8 -2.79 -5.12 8.21
N SER A 9 -2.37 -4.34 9.19
CA SER A 9 -3.30 -3.57 10.02
C SER A 9 -4.02 -2.52 9.19
N ASP A 10 -3.25 -1.73 8.45
CA ASP A 10 -3.82 -0.68 7.61
C ASP A 10 -4.45 -1.28 6.35
N LEU A 11 -4.03 -2.49 6.01
CA LEU A 11 -4.55 -3.17 4.82
C LEU A 11 -6.00 -3.59 5.04
N SER A 12 -6.33 -3.96 6.26
CA SER A 12 -7.69 -4.39 6.59
C SER A 12 -8.70 -3.33 6.19
N PRO A 13 -8.54 -2.11 6.72
CA PRO A 13 -9.43 -0.98 6.43
C PRO A 13 -9.28 -0.48 5.00
N CYS A 14 -8.11 -0.73 4.41
CA CYS A 14 -7.84 -0.31 3.04
C CYS A 14 -8.40 -1.31 2.04
N LEU A 15 -8.72 -2.50 2.52
CA LEU A 15 -9.28 -3.54 1.66
C LEU A 15 -10.64 -3.14 1.12
N THR A 16 -11.50 -2.64 2.00
CA THR A 16 -12.84 -2.21 1.61
C THR A 16 -12.79 -1.28 0.40
N TYR A 17 -11.83 -0.35 0.41
CA TYR A 17 -11.68 0.60 -0.68
C TYR A 17 -10.91 -0.02 -1.84
N LEU A 18 -9.91 -0.82 -1.51
CA LEU A 18 -9.08 -1.48 -2.52
C LEU A 18 -9.90 -2.52 -3.30
N THR A 19 -11.08 -2.84 -2.77
CA THR A 19 -11.96 -3.81 -3.42
C THR A 19 -12.98 -3.12 -4.32
N GLY A 20 -13.07 -1.80 -4.20
CA GLY A 20 -14.01 -1.04 -5.01
C GLY A 20 -15.12 -0.42 -4.19
N GLY A 21 -15.11 -0.68 -2.88
CA GLY A 21 -16.13 -0.13 -2.01
C GLY A 21 -15.92 1.34 -1.73
N PRO A 22 -16.65 1.85 -0.72
CA PRO A 22 -16.55 3.27 -0.33
C PRO A 22 -15.21 3.60 0.31
N GLY A 23 -14.67 4.77 -0.04
CA GLY A 23 -13.40 5.19 0.53
C GLY A 23 -12.74 6.28 -0.30
N PRO A 24 -11.45 6.54 -0.02
CA PRO A 24 -10.71 5.82 1.01
C PRO A 24 -11.18 6.17 2.43
N SER A 25 -11.33 5.15 3.26
CA SER A 25 -11.78 5.35 4.64
C SER A 25 -10.77 6.18 5.42
N PRO A 26 -11.21 6.71 6.58
CA PRO A 26 -10.37 7.54 7.44
C PRO A 26 -9.27 6.73 8.12
N GLN A 27 -9.63 5.56 8.65
CA GLN A 27 -8.68 4.69 9.33
C GLN A 27 -7.62 4.19 8.35
N CYS A 28 -8.02 3.95 7.11
CA CYS A 28 -7.12 3.47 6.08
C CYS A 28 -6.04 4.51 5.77
N CYS A 29 -6.47 5.74 5.52
CA CYS A 29 -5.55 6.83 5.22
C CYS A 29 -4.46 6.93 6.28
N GLY A 30 -4.87 7.01 7.54
CA GLY A 30 -3.93 7.12 8.64
C GLY A 30 -2.88 6.03 8.60
N GLY A 31 -3.31 4.79 8.38
CA GLY A 31 -2.38 3.67 8.32
C GLY A 31 -1.47 3.74 7.12
N VAL A 32 -2.02 4.12 5.97
CA VAL A 32 -1.25 4.22 4.75
C VAL A 32 -0.06 5.14 4.93
N LYS A 33 -0.32 6.39 5.28
CA LYS A 33 0.74 7.37 5.49
C LYS A 33 1.72 6.89 6.58
N LYS A 34 1.25 5.99 7.43
CA LYS A 34 2.07 5.46 8.51
C LYS A 34 3.08 4.45 7.97
N LEU A 35 2.65 3.64 7.01
CA LEU A 35 3.52 2.62 6.41
C LEU A 35 4.64 3.28 5.62
N LEU A 36 4.32 4.37 4.92
CA LEU A 36 5.30 5.09 4.13
C LEU A 36 6.20 5.94 5.02
N ALA A 37 5.62 6.53 6.05
CA ALA A 37 6.37 7.37 6.98
C ALA A 37 7.23 6.51 7.92
N ALA A 38 6.84 5.25 8.09
CA ALA A 38 7.57 4.34 8.95
C ALA A 38 8.80 3.77 8.24
N ALA A 39 8.84 3.94 6.92
CA ALA A 39 9.95 3.46 6.13
C ALA A 39 10.58 4.58 5.31
N ASN A 40 11.61 5.21 5.87
CA ASN A 40 12.30 6.31 5.20
C ASN A 40 13.43 5.78 4.33
N THR A 41 14.10 4.73 4.80
CA THR A 41 15.21 4.13 4.07
C THR A 41 14.71 3.09 3.08
N THR A 42 15.64 2.39 2.44
CA THR A 42 15.30 1.36 1.46
C THR A 42 14.93 0.05 2.15
N PRO A 43 15.80 -0.40 3.07
CA PRO A 43 15.59 -1.64 3.81
C PRO A 43 14.18 -1.75 4.38
N ASP A 44 13.75 -0.70 5.07
CA ASP A 44 12.41 -0.68 5.67
C ASP A 44 11.34 -0.72 4.59
N ARG A 45 11.53 0.07 3.54
CA ARG A 45 10.58 0.14 2.44
C ARG A 45 10.47 -1.22 1.73
N GLN A 46 11.56 -1.98 1.79
CA GLN A 46 11.59 -3.30 1.15
C GLN A 46 10.72 -4.29 1.92
N ALA A 47 10.83 -4.27 3.24
CA ALA A 47 10.06 -5.18 4.08
C ALA A 47 8.56 -4.97 3.87
N ALA A 48 8.12 -3.73 4.00
CA ALA A 48 6.71 -3.39 3.82
C ALA A 48 6.22 -3.81 2.44
N CYS A 49 6.91 -3.35 1.41
CA CYS A 49 6.54 -3.67 0.03
C CYS A 49 6.29 -5.17 -0.13
N ASN A 50 7.13 -5.96 0.51
CA ASN A 50 7.00 -7.42 0.44
C ASN A 50 5.67 -7.87 1.03
N CYS A 51 5.31 -7.30 2.17
CA CYS A 51 4.06 -7.65 2.84
C CYS A 51 2.87 -7.09 2.08
N LEU A 52 3.07 -5.96 1.41
CA LEU A 52 2.00 -5.32 0.65
C LEU A 52 1.72 -6.09 -0.63
N LYS A 53 2.76 -6.31 -1.43
CA LYS A 53 2.62 -7.04 -2.69
C LYS A 53 1.89 -8.36 -2.47
N SER A 54 2.25 -9.06 -1.40
CA SER A 54 1.63 -10.34 -1.08
C SER A 54 0.24 -10.14 -0.51
N ALA A 55 0.00 -8.98 0.09
CA ALA A 55 -1.29 -8.67 0.68
C ALA A 55 -2.32 -8.36 -0.39
N ALA A 56 -1.97 -7.45 -1.30
CA ALA A 56 -2.87 -7.07 -2.38
C ALA A 56 -3.12 -8.25 -3.33
N GLY A 57 -2.28 -9.28 -3.21
CA GLY A 57 -2.42 -10.45 -4.07
C GLY A 57 -3.76 -11.13 -3.90
N SER A 58 -4.45 -10.82 -2.80
CA SER A 58 -5.74 -11.42 -2.52
C SER A 58 -6.87 -10.54 -3.07
N ILE A 59 -6.50 -9.45 -3.71
CA ILE A 59 -7.48 -8.53 -4.27
C ILE A 59 -7.92 -8.98 -5.66
N THR A 60 -9.10 -9.59 -5.73
CA THR A 60 -9.64 -10.08 -6.99
C THR A 60 -9.94 -8.92 -7.94
N LYS A 61 -9.44 -9.01 -9.17
CA LYS A 61 -9.65 -7.99 -10.17
C LYS A 61 -9.19 -6.63 -9.65
N LEU A 62 -8.01 -6.59 -9.06
CA LEU A 62 -7.45 -5.35 -8.52
C LEU A 62 -7.49 -4.24 -9.56
N ASN A 63 -7.83 -3.03 -9.13
CA ASN A 63 -7.89 -1.89 -10.03
C ASN A 63 -6.74 -0.93 -9.78
N THR A 64 -5.75 -0.97 -10.66
CA THR A 64 -4.58 -0.10 -10.55
C THR A 64 -4.98 1.36 -10.41
N ASN A 65 -6.12 1.71 -11.00
CA ASN A 65 -6.62 3.08 -10.95
C ASN A 65 -7.05 3.44 -9.54
N ASN A 66 -7.84 2.56 -8.91
CA ASN A 66 -8.32 2.78 -7.56
C ASN A 66 -7.18 2.71 -6.55
N ALA A 67 -6.26 1.77 -6.78
CA ALA A 67 -5.12 1.60 -5.89
C ALA A 67 -4.27 2.87 -5.83
N ALA A 68 -4.15 3.54 -6.96
CA ALA A 68 -3.37 4.78 -7.03
C ALA A 68 -4.14 5.94 -6.42
N ALA A 69 -5.47 5.88 -6.51
CA ALA A 69 -6.31 6.94 -5.96
C ALA A 69 -6.35 6.90 -4.44
N LEU A 70 -6.11 5.71 -3.89
CA LEU A 70 -6.11 5.53 -2.44
C LEU A 70 -5.13 6.48 -1.77
N PRO A 71 -3.85 6.39 -2.17
CA PRO A 71 -2.79 7.23 -1.62
C PRO A 71 -2.92 8.69 -2.06
N GLY A 72 -3.22 8.89 -3.33
CA GLY A 72 -3.37 10.23 -3.86
C GLY A 72 -4.50 11.00 -3.18
N LYS A 73 -5.58 10.30 -2.88
CA LYS A 73 -6.74 10.91 -2.23
C LYS A 73 -6.47 11.12 -0.74
N CYS A 74 -5.62 10.27 -0.17
CA CYS A 74 -5.28 10.36 1.24
C CYS A 74 -4.17 11.39 1.48
N GLY A 75 -3.77 12.06 0.40
CA GLY A 75 -2.72 13.06 0.51
C GLY A 75 -1.35 12.45 0.70
N VAL A 76 -1.09 11.36 -0.01
CA VAL A 76 0.21 10.68 0.08
C VAL A 76 0.62 10.10 -1.27
N ASN A 77 1.92 10.21 -1.57
CA ASN A 77 2.44 9.70 -2.82
C ASN A 77 3.46 8.59 -2.57
N ILE A 78 3.52 7.63 -3.49
CA ILE A 78 4.46 6.51 -3.38
C ILE A 78 5.45 6.50 -4.54
N PRO A 79 6.59 5.83 -4.32
CA PRO A 79 7.64 5.72 -5.34
C PRO A 79 7.22 4.84 -6.52
N TYR A 80 6.35 3.88 -6.25
CA TYR A 80 5.87 2.97 -7.29
C TYR A 80 4.36 2.77 -7.17
N LYS A 81 3.80 2.02 -8.12
CA LYS A 81 2.36 1.75 -8.13
C LYS A 81 2.03 0.58 -7.20
N ILE A 82 0.77 0.49 -6.81
CA ILE A 82 0.31 -0.58 -5.93
C ILE A 82 -0.32 -1.72 -6.72
N SER A 83 0.44 -2.79 -6.91
CA SER A 83 -0.06 -3.95 -7.65
C SER A 83 0.85 -5.16 -7.44
N THR A 84 0.55 -6.24 -8.14
CA THR A 84 1.34 -7.47 -8.03
C THR A 84 2.57 -7.41 -8.93
N THR A 85 2.78 -6.25 -9.55
CA THR A 85 3.93 -6.07 -10.43
C THR A 85 4.80 -4.91 -9.97
N THR A 86 5.13 -4.91 -8.68
CA THR A 86 5.97 -3.87 -8.11
C THR A 86 7.28 -4.43 -7.58
N ASN A 87 8.36 -3.68 -7.78
CA ASN A 87 9.68 -4.11 -7.32
C ASN A 87 10.38 -3.00 -6.54
N CYS A 88 10.25 -3.03 -5.22
CA CYS A 88 10.87 -2.03 -4.37
C CYS A 88 12.34 -2.34 -4.14
N ASN A 89 12.64 -3.60 -3.87
CA ASN A 89 14.01 -4.03 -3.65
C ASN A 89 14.92 -3.59 -4.79
N THR A 90 14.37 -3.54 -6.00
CA THR A 90 15.12 -3.14 -7.17
C THR A 90 14.38 -2.06 -7.96
N VAL A 91 14.23 -0.88 -7.37
CA VAL A 91 13.54 0.22 -8.01
C VAL A 91 14.40 0.84 -9.11
N LYS A 92 13.80 1.03 -10.29
CA LYS A 92 14.51 1.61 -11.41
C LYS A 92 14.22 3.11 -11.54
N PHE A 93 15.22 3.93 -11.25
CA PHE A 93 15.08 5.37 -11.32
C PHE A 93 13.86 5.83 -10.52
N ALA A 1 11.03 0.57 11.58
CA ALA A 1 11.35 -0.42 10.57
C ALA A 1 10.10 -1.18 10.13
N ILE A 2 9.90 -1.27 8.82
CA ILE A 2 8.75 -1.97 8.27
C ILE A 2 8.98 -3.47 8.25
N SER A 3 7.90 -4.23 8.43
CA SER A 3 7.99 -5.69 8.43
C SER A 3 6.76 -6.31 7.78
N CYS A 4 5.62 -6.20 8.46
CA CYS A 4 4.37 -6.76 7.94
C CYS A 4 3.20 -6.41 8.87
N GLY A 5 3.46 -6.43 10.17
CA GLY A 5 2.42 -6.11 11.14
C GLY A 5 1.84 -4.73 10.93
N ALA A 6 2.68 -3.79 10.52
CA ALA A 6 2.24 -2.41 10.28
C ALA A 6 1.61 -2.28 8.90
N VAL A 7 2.01 -3.14 7.98
CA VAL A 7 1.48 -3.12 6.62
C VAL A 7 0.09 -3.73 6.56
N THR A 8 -0.07 -4.90 7.18
CA THR A 8 -1.35 -5.59 7.20
C THR A 8 -2.37 -4.82 8.03
N SER A 9 -1.89 -4.04 8.99
CA SER A 9 -2.76 -3.26 9.86
C SER A 9 -3.56 -2.24 9.06
N ASP A 10 -2.84 -1.46 8.25
CA ASP A 10 -3.47 -0.43 7.42
C ASP A 10 -4.18 -1.06 6.23
N LEU A 11 -3.79 -2.28 5.88
CA LEU A 11 -4.38 -2.99 4.76
C LEU A 11 -5.82 -3.41 5.07
N SER A 12 -6.05 -3.76 6.33
CA SER A 12 -7.38 -4.19 6.77
C SER A 12 -8.43 -3.14 6.41
N PRO A 13 -8.23 -1.91 6.91
CA PRO A 13 -9.15 -0.80 6.66
C PRO A 13 -9.10 -0.33 5.20
N CYS A 14 -7.98 -0.59 4.54
CA CYS A 14 -7.81 -0.19 3.15
C CYS A 14 -8.42 -1.22 2.21
N LEU A 15 -8.72 -2.40 2.73
CA LEU A 15 -9.31 -3.47 1.94
C LEU A 15 -10.71 -3.08 1.47
N THR A 16 -11.52 -2.58 2.40
CA THR A 16 -12.88 -2.16 2.08
C THR A 16 -12.91 -1.25 0.86
N TYR A 17 -11.92 -0.37 0.78
CA TYR A 17 -11.84 0.57 -0.34
C TYR A 17 -11.14 -0.07 -1.54
N LEU A 18 -10.17 -0.93 -1.25
CA LEU A 18 -9.41 -1.61 -2.30
C LEU A 18 -10.27 -2.67 -2.98
N THR A 19 -11.45 -2.93 -2.42
CA THR A 19 -12.36 -3.92 -2.98
C THR A 19 -13.39 -3.26 -3.89
N GLY A 20 -13.49 -1.95 -3.81
CA GLY A 20 -14.43 -1.21 -4.64
C GLY A 20 -15.54 -0.57 -3.82
N GLY A 21 -15.40 -0.62 -2.50
CA GLY A 21 -16.41 -0.03 -1.63
C GLY A 21 -16.17 1.44 -1.38
N PRO A 22 -16.85 1.99 -0.37
CA PRO A 22 -16.73 3.41 -0.01
C PRO A 22 -15.38 3.73 0.59
N GLY A 23 -14.82 4.89 0.21
CA GLY A 23 -13.53 5.29 0.72
C GLY A 23 -12.88 6.36 -0.14
N PRO A 24 -11.57 6.59 0.09
CA PRO A 24 -10.81 5.87 1.11
C PRO A 24 -11.22 6.25 2.53
N SER A 25 -11.33 5.25 3.40
CA SER A 25 -11.72 5.48 4.78
C SER A 25 -10.69 6.33 5.50
N PRO A 26 -11.07 6.87 6.67
CA PRO A 26 -10.19 7.71 7.48
C PRO A 26 -9.06 6.92 8.13
N GLN A 27 -9.41 5.75 8.66
CA GLN A 27 -8.41 4.89 9.30
C GLN A 27 -7.39 4.38 8.29
N CYS A 28 -7.86 4.13 7.07
CA CYS A 28 -6.99 3.64 6.01
C CYS A 28 -5.93 4.66 5.65
N CYS A 29 -6.36 5.88 5.35
CA CYS A 29 -5.46 6.96 4.99
C CYS A 29 -4.35 7.11 6.04
N GLY A 30 -4.74 7.17 7.31
CA GLY A 30 -3.77 7.31 8.37
C GLY A 30 -2.71 6.23 8.34
N GLY A 31 -3.13 5.00 8.12
CA GLY A 31 -2.19 3.88 8.06
C GLY A 31 -1.29 3.95 6.84
N VAL A 32 -1.88 4.30 5.69
CA VAL A 32 -1.13 4.40 4.45
C VAL A 32 0.07 5.33 4.60
N LYS A 33 -0.19 6.56 5.00
CA LYS A 33 0.87 7.55 5.17
C LYS A 33 1.90 7.05 6.19
N LYS A 34 1.47 6.18 7.09
CA LYS A 34 2.35 5.62 8.10
C LYS A 34 3.38 4.68 7.48
N LEU A 35 2.93 3.86 6.53
CA LEU A 35 3.81 2.91 5.86
C LEU A 35 4.87 3.64 5.03
N LEU A 36 4.46 4.72 4.38
CA LEU A 36 5.37 5.50 3.56
C LEU A 36 6.27 6.37 4.43
N ALA A 37 5.72 6.86 5.53
CA ALA A 37 6.48 7.70 6.45
C ALA A 37 7.48 6.88 7.26
N ALA A 38 7.20 5.58 7.40
CA ALA A 38 8.06 4.68 8.14
C ALA A 38 9.20 4.16 7.27
N ALA A 39 9.17 4.51 5.99
CA ALA A 39 10.19 4.07 5.04
C ALA A 39 10.82 5.27 4.33
N ASN A 40 12.15 5.34 4.36
CA ASN A 40 12.87 6.42 3.73
C ASN A 40 13.92 5.89 2.76
N THR A 41 14.58 4.79 3.15
CA THR A 41 15.60 4.18 2.32
C THR A 41 15.01 3.11 1.42
N THR A 42 15.88 2.37 0.73
CA THR A 42 15.44 1.32 -0.17
C THR A 42 15.09 0.05 0.60
N PRO A 43 16.02 -0.38 1.48
CA PRO A 43 15.83 -1.59 2.30
C PRO A 43 14.47 -1.62 2.97
N ASP A 44 14.08 -0.51 3.57
CA ASP A 44 12.80 -0.42 4.26
C ASP A 44 11.65 -0.55 3.27
N ARG A 45 11.73 0.17 2.16
CA ARG A 45 10.70 0.14 1.14
C ARG A 45 10.59 -1.25 0.52
N GLN A 46 11.70 -1.99 0.55
CA GLN A 46 11.73 -3.34 0.00
C GLN A 46 10.89 -4.30 0.84
N ALA A 47 11.08 -4.24 2.16
CA ALA A 47 10.35 -5.10 3.08
C ALA A 47 8.84 -4.87 2.95
N ALA A 48 8.42 -3.61 3.03
CA ALA A 48 7.01 -3.28 2.91
C ALA A 48 6.44 -3.74 1.58
N CYS A 49 7.08 -3.32 0.50
CA CYS A 49 6.63 -3.69 -0.84
C CYS A 49 6.35 -5.19 -0.94
N ASN A 50 7.21 -5.98 -0.30
CA ASN A 50 7.05 -7.43 -0.31
C ASN A 50 5.73 -7.83 0.31
N CYS A 51 5.51 -7.43 1.57
CA CYS A 51 4.27 -7.76 2.27
C CYS A 51 3.08 -7.11 1.59
N LEU A 52 3.33 -6.02 0.86
CA LEU A 52 2.27 -5.31 0.16
C LEU A 52 1.81 -6.08 -1.07
N LYS A 53 2.74 -6.31 -1.99
CA LYS A 53 2.43 -7.04 -3.22
C LYS A 53 1.72 -8.35 -2.91
N SER A 54 2.16 -9.03 -1.87
CA SER A 54 1.57 -10.30 -1.47
C SER A 54 0.22 -10.08 -0.79
N ALA A 55 0.07 -8.93 -0.15
CA ALA A 55 -1.17 -8.59 0.54
C ALA A 55 -2.29 -8.30 -0.46
N ALA A 56 -2.03 -7.40 -1.40
CA ALA A 56 -3.01 -7.04 -2.41
C ALA A 56 -3.31 -8.23 -3.32
N GLY A 57 -2.46 -9.25 -3.26
CA GLY A 57 -2.65 -10.43 -4.10
C GLY A 57 -3.94 -11.16 -3.77
N SER A 58 -4.53 -10.84 -2.63
CA SER A 58 -5.77 -11.47 -2.20
C SER A 58 -6.98 -10.63 -2.58
N ILE A 59 -6.72 -9.55 -3.31
CA ILE A 59 -7.79 -8.66 -3.73
C ILE A 59 -8.44 -9.16 -5.02
N THR A 60 -9.59 -9.82 -4.88
CA THR A 60 -10.31 -10.36 -6.02
C THR A 60 -10.75 -9.24 -6.96
N LYS A 61 -10.37 -9.35 -8.23
CA LYS A 61 -10.72 -8.36 -9.24
C LYS A 61 -10.20 -6.99 -8.84
N LEU A 62 -8.93 -6.92 -8.46
CA LEU A 62 -8.32 -5.66 -8.06
C LEU A 62 -8.56 -4.58 -9.10
N ASN A 63 -8.85 -3.36 -8.63
CA ASN A 63 -9.10 -2.23 -9.53
C ASN A 63 -7.92 -1.27 -9.53
N THR A 64 -7.12 -1.32 -10.58
CA THR A 64 -5.96 -0.44 -10.71
C THR A 64 -6.35 1.02 -10.53
N ASN A 65 -7.55 1.37 -10.98
CA ASN A 65 -8.05 2.73 -10.86
C ASN A 65 -8.32 3.09 -9.40
N ASN A 66 -8.96 2.18 -8.69
CA ASN A 66 -9.29 2.41 -7.28
C ASN A 66 -8.02 2.37 -6.43
N ALA A 67 -7.10 1.48 -6.77
CA ALA A 67 -5.85 1.34 -6.04
C ALA A 67 -5.04 2.63 -6.09
N ALA A 68 -5.05 3.28 -7.25
CA ALA A 68 -4.32 4.52 -7.44
C ALA A 68 -5.04 5.70 -6.80
N ALA A 69 -6.37 5.59 -6.69
CA ALA A 69 -7.18 6.63 -6.08
C ALA A 69 -7.01 6.65 -4.57
N LEU A 70 -6.65 5.50 -4.01
CA LEU A 70 -6.46 5.39 -2.56
C LEU A 70 -5.42 6.39 -2.08
N PRO A 71 -4.20 6.30 -2.64
CA PRO A 71 -3.10 7.19 -2.29
C PRO A 71 -3.32 8.62 -2.76
N GLY A 72 -3.88 8.76 -3.95
CA GLY A 72 -4.14 10.08 -4.50
C GLY A 72 -5.19 10.84 -3.71
N LYS A 73 -6.18 10.11 -3.20
CA LYS A 73 -7.25 10.72 -2.43
C LYS A 73 -6.79 11.04 -1.01
N CYS A 74 -5.84 10.25 -0.51
CA CYS A 74 -5.31 10.46 0.83
C CYS A 74 -4.22 11.52 0.82
N GLY A 75 -3.96 12.09 -0.35
CA GLY A 75 -2.93 13.12 -0.47
C GLY A 75 -1.53 12.55 -0.32
N VAL A 76 -1.43 11.23 -0.30
CA VAL A 76 -0.14 10.56 -0.15
C VAL A 76 0.16 9.67 -1.34
N ASN A 77 1.25 9.96 -2.04
CA ASN A 77 1.64 9.18 -3.21
C ASN A 77 2.79 8.24 -2.87
N ILE A 78 2.90 7.15 -3.64
CA ILE A 78 3.96 6.18 -3.42
C ILE A 78 4.97 6.19 -4.56
N PRO A 79 6.23 5.85 -4.24
CA PRO A 79 7.31 5.81 -5.23
C PRO A 79 7.15 4.67 -6.22
N TYR A 80 6.35 3.68 -5.85
CA TYR A 80 6.12 2.52 -6.70
C TYR A 80 4.63 2.33 -6.96
N LYS A 81 4.30 1.44 -7.90
CA LYS A 81 2.91 1.16 -8.24
C LYS A 81 2.33 0.10 -7.31
N ILE A 82 1.01 -0.04 -7.32
CA ILE A 82 0.33 -1.01 -6.47
C ILE A 82 -0.36 -2.07 -7.32
N SER A 83 0.33 -3.18 -7.54
CA SER A 83 -0.22 -4.28 -8.33
C SER A 83 0.71 -5.48 -8.33
N THR A 84 0.33 -6.53 -9.04
CA THR A 84 1.13 -7.75 -9.12
C THR A 84 2.27 -7.59 -10.13
N THR A 85 2.35 -6.42 -10.75
CA THR A 85 3.39 -6.14 -11.73
C THR A 85 4.34 -5.06 -11.24
N THR A 86 4.74 -5.17 -9.98
CA THR A 86 5.65 -4.20 -9.38
C THR A 86 6.85 -4.90 -8.74
N ASN A 87 8.02 -4.27 -8.86
CA ASN A 87 9.25 -4.83 -8.30
C ASN A 87 10.09 -3.74 -7.64
N CYS A 88 9.93 -3.58 -6.34
CA CYS A 88 10.68 -2.57 -5.60
C CYS A 88 12.10 -3.07 -5.29
N ASN A 89 12.27 -4.38 -5.32
CA ASN A 89 13.58 -4.98 -5.04
C ASN A 89 14.57 -4.69 -6.17
N THR A 90 14.04 -4.33 -7.33
CA THR A 90 14.87 -4.02 -8.48
C THR A 90 15.15 -2.52 -8.58
N VAL A 91 14.31 -1.72 -7.94
CA VAL A 91 14.46 -0.28 -7.94
C VAL A 91 15.24 0.21 -6.73
N LYS A 92 16.28 1.00 -6.98
CA LYS A 92 17.11 1.53 -5.91
C LYS A 92 16.94 3.04 -5.78
N PHE A 93 16.34 3.48 -4.68
CA PHE A 93 16.12 4.90 -4.44
C PHE A 93 15.41 5.55 -5.62
N ALA A 1 11.61 -1.28 12.59
CA ALA A 1 11.60 -1.76 11.22
C ALA A 1 10.23 -2.36 10.85
N ILE A 2 9.88 -2.26 9.58
CA ILE A 2 8.60 -2.78 9.11
C ILE A 2 8.64 -4.30 8.99
N SER A 3 7.82 -4.97 9.80
CA SER A 3 7.76 -6.43 9.80
C SER A 3 6.64 -6.93 8.89
N CYS A 4 5.40 -6.80 9.38
CA CYS A 4 4.24 -7.24 8.61
C CYS A 4 2.95 -6.90 9.36
N GLY A 5 2.95 -7.13 10.66
CA GLY A 5 1.77 -6.85 11.46
C GLY A 5 1.30 -5.43 11.31
N ALA A 6 2.24 -4.49 11.23
CA ALA A 6 1.91 -3.08 11.09
C ALA A 6 1.38 -2.78 9.69
N VAL A 7 1.77 -3.61 8.72
CA VAL A 7 1.32 -3.43 7.35
C VAL A 7 -0.11 -3.94 7.16
N THR A 8 -0.39 -5.13 7.69
CA THR A 8 -1.72 -5.72 7.58
C THR A 8 -2.75 -4.90 8.34
N SER A 9 -2.28 -4.13 9.32
CA SER A 9 -3.17 -3.29 10.13
C SER A 9 -3.86 -2.24 9.26
N ASP A 10 -3.07 -1.51 8.48
CA ASP A 10 -3.61 -0.48 7.61
C ASP A 10 -4.28 -1.10 6.38
N LEU A 11 -3.92 -2.33 6.08
CA LEU A 11 -4.48 -3.04 4.93
C LEU A 11 -5.95 -3.39 5.18
N SER A 12 -6.27 -3.70 6.43
CA SER A 12 -7.64 -4.06 6.79
C SER A 12 -8.62 -2.98 6.36
N PRO A 13 -8.39 -1.75 6.84
CA PRO A 13 -9.25 -0.60 6.51
C PRO A 13 -9.10 -0.16 5.06
N CYS A 14 -7.95 -0.48 4.47
CA CYS A 14 -7.68 -0.12 3.08
C CYS A 14 -8.29 -1.14 2.13
N LEU A 15 -8.65 -2.30 2.66
CA LEU A 15 -9.24 -3.36 1.85
C LEU A 15 -10.60 -2.93 1.30
N THR A 16 -11.44 -2.38 2.18
CA THR A 16 -12.76 -1.92 1.79
C THR A 16 -12.70 -1.02 0.55
N TYR A 17 -11.67 -0.19 0.50
CA TYR A 17 -11.48 0.73 -0.62
C TYR A 17 -10.76 0.04 -1.77
N LEU A 18 -9.84 -0.86 -1.43
CA LEU A 18 -9.07 -1.59 -2.43
C LEU A 18 -9.94 -2.62 -3.15
N THR A 19 -11.15 -2.82 -2.63
CA THR A 19 -12.08 -3.77 -3.22
C THR A 19 -13.04 -3.08 -4.19
N GLY A 20 -13.07 -1.75 -4.13
CA GLY A 20 -13.95 -1.00 -5.01
C GLY A 20 -15.07 -0.31 -4.25
N GLY A 21 -14.96 -0.28 -2.93
CA GLY A 21 -15.99 0.35 -2.12
C GLY A 21 -15.71 1.82 -1.87
N PRO A 22 -16.41 2.39 -0.87
CA PRO A 22 -16.25 3.80 -0.51
C PRO A 22 -14.90 4.10 0.13
N GLY A 23 -14.30 5.22 -0.23
CA GLY A 23 -13.01 5.59 0.33
C GLY A 23 -12.28 6.61 -0.53
N PRO A 24 -10.98 6.78 -0.25
CA PRO A 24 -10.28 6.05 0.81
C PRO A 24 -10.74 6.49 2.20
N SER A 25 -10.92 5.51 3.08
CA SER A 25 -11.37 5.79 4.44
C SER A 25 -10.32 6.60 5.20
N PRO A 26 -10.73 7.19 6.32
CA PRO A 26 -9.84 8.02 7.16
C PRO A 26 -8.78 7.18 7.87
N GLN A 27 -9.19 6.04 8.43
CA GLN A 27 -8.27 5.16 9.13
C GLN A 27 -7.24 4.57 8.17
N CYS A 28 -7.67 4.32 6.94
CA CYS A 28 -6.79 3.75 5.92
C CYS A 28 -5.66 4.71 5.59
N CYS A 29 -6.02 5.94 5.26
CA CYS A 29 -5.03 6.96 4.91
C CYS A 29 -3.96 7.07 5.99
N GLY A 30 -4.41 7.22 7.24
CA GLY A 30 -3.47 7.33 8.34
C GLY A 30 -2.46 6.21 8.37
N GLY A 31 -2.94 4.98 8.19
CA GLY A 31 -2.04 3.83 8.19
C GLY A 31 -1.12 3.81 7.00
N VAL A 32 -1.65 4.15 5.83
CA VAL A 32 -0.87 4.16 4.60
C VAL A 32 0.37 5.05 4.75
N LYS A 33 0.15 6.32 5.07
CA LYS A 33 1.24 7.27 5.26
C LYS A 33 2.20 6.80 6.34
N LYS A 34 1.70 5.96 7.25
CA LYS A 34 2.51 5.43 8.33
C LYS A 34 3.48 4.36 7.82
N LEU A 35 3.00 3.53 6.90
CA LEU A 35 3.83 2.47 6.34
C LEU A 35 4.98 3.05 5.54
N LEU A 36 4.71 4.12 4.80
CA LEU A 36 5.73 4.77 3.99
C LEU A 36 6.61 5.68 4.84
N ALA A 37 6.06 6.15 5.96
CA ALA A 37 6.79 7.02 6.86
C ALA A 37 7.79 6.23 7.69
N ALA A 38 7.42 5.02 8.07
CA ALA A 38 8.29 4.16 8.87
C ALA A 38 9.38 3.53 8.01
N ALA A 39 9.30 3.77 6.70
CA ALA A 39 10.29 3.23 5.77
C ALA A 39 10.92 4.33 4.94
N ASN A 40 11.98 4.94 5.48
CA ASN A 40 12.68 6.02 4.79
C ASN A 40 13.74 5.46 3.86
N THR A 41 14.41 4.40 4.30
CA THR A 41 15.46 3.77 3.50
C THR A 41 14.88 2.73 2.56
N THR A 42 15.76 1.98 1.89
CA THR A 42 15.34 0.95 0.95
C THR A 42 14.96 -0.34 1.68
N PRO A 43 15.85 -0.80 2.57
CA PRO A 43 15.63 -2.02 3.35
C PRO A 43 14.25 -2.07 3.99
N ASP A 44 13.86 -0.97 4.63
CA ASP A 44 12.55 -0.88 5.27
C ASP A 44 11.43 -0.96 4.25
N ARG A 45 11.57 -0.20 3.16
CA ARG A 45 10.56 -0.19 2.10
C ARG A 45 10.44 -1.57 1.46
N GLN A 46 11.53 -2.32 1.48
CA GLN A 46 11.55 -3.65 0.88
C GLN A 46 10.66 -4.61 1.67
N ALA A 47 10.86 -4.63 2.99
CA ALA A 47 10.07 -5.51 3.85
C ALA A 47 8.58 -5.24 3.69
N ALA A 48 8.18 -3.98 3.84
CA ALA A 48 6.78 -3.60 3.71
C ALA A 48 6.23 -3.98 2.33
N CYS A 49 6.93 -3.55 1.28
CA CYS A 49 6.51 -3.84 -0.08
C CYS A 49 6.18 -5.32 -0.24
N ASN A 50 6.96 -6.17 0.42
CA ASN A 50 6.75 -7.61 0.36
C ASN A 50 5.43 -8.00 0.99
N CYS A 51 5.14 -7.43 2.15
CA CYS A 51 3.90 -7.71 2.86
C CYS A 51 2.70 -7.11 2.14
N LEU A 52 2.92 -5.97 1.49
CA LEU A 52 1.86 -5.29 0.76
C LEU A 52 1.55 -6.00 -0.55
N LYS A 53 2.58 -6.14 -1.40
CA LYS A 53 2.42 -6.81 -2.69
C LYS A 53 1.77 -8.17 -2.51
N SER A 54 2.18 -8.89 -1.47
CA SER A 54 1.63 -10.22 -1.19
C SER A 54 0.23 -10.12 -0.60
N ALA A 55 -0.04 -9.00 0.08
CA ALA A 55 -1.33 -8.78 0.70
C ALA A 55 -2.40 -8.50 -0.36
N ALA A 56 -2.13 -7.54 -1.23
CA ALA A 56 -3.06 -7.17 -2.29
C ALA A 56 -3.25 -8.33 -3.27
N GLY A 57 -2.35 -9.30 -3.21
CA GLY A 57 -2.43 -10.44 -4.11
C GLY A 57 -3.71 -11.25 -3.89
N SER A 58 -4.38 -11.02 -2.78
CA SER A 58 -5.60 -11.74 -2.45
C SER A 58 -6.83 -10.93 -2.87
N ILE A 59 -6.59 -9.80 -3.53
CA ILE A 59 -7.68 -8.94 -3.98
C ILE A 59 -8.24 -9.41 -5.31
N THR A 60 -9.47 -9.93 -5.28
CA THR A 60 -10.13 -10.42 -6.48
C THR A 60 -10.45 -9.28 -7.43
N LYS A 61 -10.02 -9.42 -8.68
CA LYS A 61 -10.27 -8.39 -9.70
C LYS A 61 -9.69 -7.05 -9.26
N LEU A 62 -8.46 -7.08 -8.76
CA LEU A 62 -7.79 -5.86 -8.31
C LEU A 62 -7.84 -4.78 -9.38
N ASN A 63 -8.07 -3.55 -8.96
CA ASN A 63 -8.15 -2.42 -9.89
C ASN A 63 -6.94 -1.51 -9.74
N THR A 64 -6.01 -1.62 -10.70
CA THR A 64 -4.80 -0.80 -10.67
C THR A 64 -5.13 0.68 -10.55
N ASN A 65 -6.28 1.07 -11.10
CA ASN A 65 -6.71 2.46 -11.05
C ASN A 65 -7.10 2.86 -9.63
N ASN A 66 -7.85 2.00 -8.96
CA ASN A 66 -8.29 2.25 -7.59
C ASN A 66 -7.11 2.20 -6.63
N ALA A 67 -6.19 1.28 -6.87
CA ALA A 67 -5.01 1.13 -6.03
C ALA A 67 -4.16 2.39 -6.03
N ALA A 68 -4.04 3.00 -7.20
CA ALA A 68 -3.25 4.22 -7.34
C ALA A 68 -4.01 5.43 -6.79
N ALA A 69 -5.33 5.35 -6.78
CA ALA A 69 -6.16 6.43 -6.27
C ALA A 69 -6.11 6.49 -4.74
N LEU A 70 -5.89 5.34 -4.12
CA LEU A 70 -5.81 5.27 -2.66
C LEU A 70 -4.78 6.25 -2.13
N PRO A 71 -3.53 6.12 -2.59
CA PRO A 71 -2.42 6.99 -2.17
C PRO A 71 -2.57 8.41 -2.71
N GLY A 72 -3.07 8.52 -3.94
CA GLY A 72 -3.24 9.83 -4.55
C GLY A 72 -4.25 10.68 -3.80
N LYS A 73 -5.39 10.09 -3.47
CA LYS A 73 -6.44 10.81 -2.75
C LYS A 73 -6.08 10.96 -1.27
N CYS A 74 -5.19 10.10 -0.80
CA CYS A 74 -4.77 10.14 0.60
C CYS A 74 -3.65 11.16 0.79
N GLY A 75 -3.28 11.85 -0.29
CA GLY A 75 -2.22 12.84 -0.23
C GLY A 75 -0.86 12.22 0.02
N VAL A 76 -0.70 10.97 -0.40
CA VAL A 76 0.57 10.26 -0.23
C VAL A 76 0.83 9.32 -1.40
N ASN A 77 1.39 9.87 -2.47
CA ASN A 77 1.69 9.08 -3.66
C ASN A 77 3.10 8.49 -3.57
N ILE A 78 3.26 7.27 -4.08
CA ILE A 78 4.55 6.60 -4.06
C ILE A 78 5.12 6.45 -5.47
N PRO A 79 6.45 6.31 -5.56
CA PRO A 79 7.14 6.16 -6.85
C PRO A 79 6.85 4.81 -7.50
N TYR A 80 6.28 3.90 -6.73
CA TYR A 80 5.96 2.57 -7.24
C TYR A 80 4.45 2.34 -7.25
N LYS A 81 4.01 1.43 -8.11
CA LYS A 81 2.58 1.12 -8.23
C LYS A 81 2.17 0.08 -7.20
N ILE A 82 0.86 -0.12 -7.05
CA ILE A 82 0.34 -1.08 -6.09
C ILE A 82 -0.37 -2.23 -6.81
N SER A 83 0.25 -3.41 -6.79
CA SER A 83 -0.32 -4.58 -7.44
C SER A 83 0.59 -5.79 -7.25
N THR A 84 0.05 -6.98 -7.53
CA THR A 84 0.81 -8.21 -7.40
C THR A 84 1.80 -8.39 -8.54
N THR A 85 1.74 -7.48 -9.51
CA THR A 85 2.63 -7.53 -10.66
C THR A 85 3.62 -6.36 -10.65
N THR A 86 4.02 -5.95 -9.46
CA THR A 86 4.96 -4.84 -9.31
C THR A 86 6.23 -5.29 -8.57
N ASN A 87 7.36 -4.74 -8.97
CA ASN A 87 8.63 -5.08 -8.35
C ASN A 87 9.22 -3.87 -7.63
N CYS A 88 9.09 -3.85 -6.30
CA CYS A 88 9.61 -2.76 -5.50
C CYS A 88 11.13 -2.74 -5.52
N ASN A 89 11.72 -3.83 -5.99
CA ASN A 89 13.17 -3.95 -6.05
C ASN A 89 13.74 -3.11 -7.20
N THR A 90 12.94 -2.94 -8.25
CA THR A 90 13.36 -2.16 -9.40
C THR A 90 12.87 -0.71 -9.30
N VAL A 91 12.88 -0.18 -8.07
CA VAL A 91 12.44 1.19 -7.85
C VAL A 91 13.61 2.15 -7.83
N LYS A 92 13.59 3.12 -8.74
CA LYS A 92 14.66 4.10 -8.83
C LYS A 92 14.22 5.44 -8.25
N PHE A 93 14.88 5.84 -7.16
CA PHE A 93 14.55 7.11 -6.50
C PHE A 93 13.06 7.18 -6.17
N ALA A 1 12.06 -1.13 11.91
CA ALA A 1 11.91 -1.51 10.51
C ALA A 1 10.54 -2.11 10.23
N ILE A 2 10.09 -2.03 8.99
CA ILE A 2 8.80 -2.57 8.60
C ILE A 2 8.84 -4.09 8.48
N SER A 3 8.04 -4.77 9.30
CA SER A 3 8.00 -6.23 9.29
C SER A 3 6.86 -6.72 8.40
N CYS A 4 5.63 -6.61 8.91
CA CYS A 4 4.46 -7.05 8.16
C CYS A 4 3.18 -6.70 8.91
N GLY A 5 3.20 -6.89 10.23
CA GLY A 5 2.03 -6.60 11.04
C GLY A 5 1.56 -5.16 10.86
N ALA A 6 2.50 -4.23 10.72
CA ALA A 6 2.17 -2.83 10.55
C ALA A 6 1.55 -2.58 9.18
N VAL A 7 1.96 -3.37 8.19
CA VAL A 7 1.45 -3.22 6.84
C VAL A 7 0.03 -3.78 6.73
N THR A 8 -0.18 -4.98 7.26
CA THR A 8 -1.48 -5.62 7.22
C THR A 8 -2.51 -4.83 8.03
N SER A 9 -2.01 -4.04 8.98
CA SER A 9 -2.89 -3.24 9.82
C SER A 9 -3.65 -2.21 8.99
N ASP A 10 -2.93 -1.48 8.15
CA ASP A 10 -3.53 -0.46 7.29
C ASP A 10 -4.27 -1.11 6.13
N LEU A 11 -3.89 -2.33 5.80
CA LEU A 11 -4.52 -3.05 4.70
C LEU A 11 -5.95 -3.45 5.04
N SER A 12 -6.18 -3.74 6.32
CA SER A 12 -7.50 -4.13 6.79
C SER A 12 -8.55 -3.09 6.41
N PRO A 13 -8.33 -1.85 6.87
CA PRO A 13 -9.24 -0.74 6.59
C PRO A 13 -9.20 -0.30 5.14
N CYS A 14 -8.09 -0.60 4.46
CA CYS A 14 -7.92 -0.24 3.07
C CYS A 14 -8.59 -1.28 2.15
N LEU A 15 -8.84 -2.46 2.70
CA LEU A 15 -9.47 -3.53 1.95
C LEU A 15 -10.85 -3.11 1.45
N THR A 16 -11.68 -2.63 2.37
CA THR A 16 -13.03 -2.19 2.02
C THR A 16 -13.00 -1.22 0.85
N TYR A 17 -11.95 -0.44 0.75
CA TYR A 17 -11.81 0.54 -0.32
C TYR A 17 -11.21 -0.12 -1.57
N LEU A 18 -10.25 -1.01 -1.36
CA LEU A 18 -9.59 -1.70 -2.47
C LEU A 18 -10.52 -2.74 -3.08
N THR A 19 -11.66 -2.97 -2.42
CA THR A 19 -12.64 -3.94 -2.91
C THR A 19 -13.71 -3.27 -3.74
N GLY A 20 -13.78 -1.95 -3.67
CA GLY A 20 -14.77 -1.21 -4.42
C GLY A 20 -15.81 -0.56 -3.53
N GLY A 21 -15.49 -0.42 -2.25
CA GLY A 21 -16.41 0.20 -1.32
C GLY A 21 -16.17 1.68 -1.13
N PRO A 22 -16.78 2.26 -0.09
CA PRO A 22 -16.65 3.69 0.21
C PRO A 22 -15.26 4.04 0.73
N GLY A 23 -14.73 5.18 0.29
CA GLY A 23 -13.41 5.60 0.71
C GLY A 23 -12.85 6.70 -0.16
N PRO A 24 -11.56 7.01 0.02
CA PRO A 24 -10.72 6.32 1.01
C PRO A 24 -11.10 6.67 2.45
N SER A 25 -11.27 5.64 3.27
CA SER A 25 -11.64 5.83 4.66
C SER A 25 -10.54 6.58 5.42
N PRO A 26 -10.90 7.12 6.60
CA PRO A 26 -9.96 7.87 7.45
C PRO A 26 -8.91 6.96 8.08
N GLN A 27 -9.30 5.75 8.43
CA GLN A 27 -8.39 4.79 9.04
C GLN A 27 -7.40 4.26 8.01
N CYS A 28 -7.87 4.08 6.78
CA CYS A 28 -7.02 3.57 5.71
C CYS A 28 -5.88 4.54 5.40
N CYS A 29 -6.25 5.79 5.10
CA CYS A 29 -5.27 6.82 4.80
C CYS A 29 -4.23 6.94 5.92
N GLY A 30 -4.72 6.99 7.16
CA GLY A 30 -3.81 7.11 8.29
C GLY A 30 -2.71 6.08 8.27
N GLY A 31 -3.09 4.82 8.06
CA GLY A 31 -2.11 3.75 8.02
C GLY A 31 -1.23 3.81 6.78
N VAL A 32 -1.84 4.17 5.65
CA VAL A 32 -1.10 4.27 4.39
C VAL A 32 0.08 5.22 4.52
N LYS A 33 -0.20 6.45 4.93
CA LYS A 33 0.83 7.47 5.09
C LYS A 33 1.88 7.01 6.11
N LYS A 34 1.49 6.09 6.98
CA LYS A 34 2.41 5.57 8.00
C LYS A 34 3.41 4.60 7.38
N LEU A 35 2.95 3.81 6.43
CA LEU A 35 3.80 2.83 5.76
C LEU A 35 4.89 3.53 4.95
N LEU A 36 4.47 4.49 4.13
CA LEU A 36 5.41 5.24 3.29
C LEU A 36 6.33 6.11 4.15
N ALA A 37 5.80 6.59 5.26
CA ALA A 37 6.56 7.44 6.18
C ALA A 37 7.57 6.61 6.98
N ALA A 38 7.16 5.39 7.35
CA ALA A 38 8.02 4.51 8.11
C ALA A 38 9.11 3.91 7.24
N ALA A 39 8.98 4.09 5.92
CA ALA A 39 9.95 3.55 4.98
C ALA A 39 10.50 4.66 4.08
N ASN A 40 11.47 5.41 4.59
CA ASN A 40 12.08 6.50 3.83
C ASN A 40 13.22 5.99 2.95
N THR A 41 13.86 4.90 3.39
CA THR A 41 14.95 4.31 2.63
C THR A 41 14.46 3.20 1.72
N THR A 42 15.40 2.49 1.10
CA THR A 42 15.06 1.40 0.19
C THR A 42 14.75 0.12 0.96
N PRO A 43 15.66 -0.27 1.86
CA PRO A 43 15.51 -1.47 2.68
C PRO A 43 14.12 -1.57 3.32
N ASP A 44 13.70 -0.48 3.95
CA ASP A 44 12.40 -0.43 4.60
C ASP A 44 11.27 -0.57 3.58
N ARG A 45 11.39 0.16 2.48
CA ARG A 45 10.38 0.13 1.43
C ARG A 45 10.29 -1.26 0.80
N GLN A 46 11.40 -2.00 0.86
CA GLN A 46 11.45 -3.34 0.31
C GLN A 46 10.60 -4.31 1.12
N ALA A 47 10.83 -4.32 2.43
CA ALA A 47 10.08 -5.19 3.34
C ALA A 47 8.58 -4.96 3.19
N ALA A 48 8.15 -3.74 3.46
CA ALA A 48 6.74 -3.38 3.37
C ALA A 48 6.16 -3.80 2.02
N CYS A 49 6.79 -3.35 0.95
CA CYS A 49 6.32 -3.68 -0.40
C CYS A 49 6.05 -5.18 -0.53
N ASN A 50 7.00 -5.98 -0.06
CA ASN A 50 6.86 -7.44 -0.13
C ASN A 50 5.58 -7.89 0.55
N CYS A 51 5.26 -7.27 1.69
CA CYS A 51 4.06 -7.61 2.45
C CYS A 51 2.81 -7.06 1.77
N LEU A 52 2.98 -5.94 1.06
CA LEU A 52 1.85 -5.31 0.35
C LEU A 52 1.47 -6.12 -0.88
N LYS A 53 2.45 -6.34 -1.76
CA LYS A 53 2.22 -7.09 -2.99
C LYS A 53 1.54 -8.43 -2.69
N SER A 54 2.00 -9.09 -1.64
CA SER A 54 1.45 -10.38 -1.25
C SER A 54 0.09 -10.20 -0.56
N ALA A 55 -0.11 -9.03 0.03
CA ALA A 55 -1.36 -8.73 0.72
C ALA A 55 -2.49 -8.47 -0.28
N ALA A 56 -2.24 -7.55 -1.21
CA ALA A 56 -3.23 -7.21 -2.22
C ALA A 56 -3.51 -8.39 -3.15
N GLY A 57 -2.64 -9.40 -3.10
CA GLY A 57 -2.80 -10.56 -3.93
C GLY A 57 -4.10 -11.29 -3.65
N SER A 58 -4.71 -11.00 -2.50
CA SER A 58 -5.96 -11.64 -2.12
C SER A 58 -7.16 -10.80 -2.57
N ILE A 59 -6.88 -9.69 -3.23
CA ILE A 59 -7.92 -8.80 -3.72
C ILE A 59 -8.45 -9.26 -5.07
N THR A 60 -9.69 -9.74 -5.10
CA THR A 60 -10.31 -10.21 -6.33
C THR A 60 -10.73 -9.05 -7.21
N LYS A 61 -10.28 -9.08 -8.47
CA LYS A 61 -10.61 -8.03 -9.42
C LYS A 61 -10.20 -6.66 -8.88
N LEU A 62 -8.97 -6.57 -8.41
CA LEU A 62 -8.45 -5.32 -7.86
C LEU A 62 -8.65 -4.17 -8.85
N ASN A 63 -9.03 -3.01 -8.33
CA ASN A 63 -9.25 -1.83 -9.17
C ASN A 63 -8.10 -0.84 -9.04
N THR A 64 -7.22 -0.84 -10.03
CA THR A 64 -6.07 0.05 -10.03
C THR A 64 -6.50 1.51 -9.85
N ASN A 65 -7.67 1.83 -10.38
CA ASN A 65 -8.20 3.19 -10.28
C ASN A 65 -8.49 3.55 -8.82
N ASN A 66 -9.17 2.65 -8.13
CA ASN A 66 -9.52 2.87 -6.73
C ASN A 66 -8.28 2.78 -5.83
N ALA A 67 -7.42 1.80 -6.13
CA ALA A 67 -6.20 1.61 -5.36
C ALA A 67 -5.25 2.80 -5.52
N ALA A 68 -5.15 3.31 -6.74
CA ALA A 68 -4.28 4.44 -7.02
C ALA A 68 -4.91 5.75 -6.54
N ALA A 69 -6.23 5.73 -6.36
CA ALA A 69 -6.95 6.91 -5.90
C ALA A 69 -6.74 7.14 -4.41
N LEU A 70 -6.67 6.05 -3.66
CA LEU A 70 -6.46 6.13 -2.21
C LEU A 70 -5.31 7.06 -1.87
N PRO A 71 -4.12 6.76 -2.43
CA PRO A 71 -2.93 7.56 -2.20
C PRO A 71 -3.00 8.93 -2.86
N GLY A 72 -3.37 8.94 -4.14
CA GLY A 72 -3.48 10.19 -4.88
C GLY A 72 -4.43 11.16 -4.22
N LYS A 73 -5.41 10.63 -3.49
CA LYS A 73 -6.39 11.46 -2.81
C LYS A 73 -5.80 12.08 -1.54
N CYS A 74 -5.15 11.26 -0.74
CA CYS A 74 -4.54 11.73 0.50
C CYS A 74 -3.16 12.31 0.23
N GLY A 75 -2.77 12.36 -1.03
CA GLY A 75 -1.47 12.90 -1.40
C GLY A 75 -0.33 12.08 -0.83
N VAL A 76 -0.47 10.76 -0.88
CA VAL A 76 0.56 9.87 -0.37
C VAL A 76 0.65 8.59 -1.21
N ASN A 77 1.34 8.67 -2.33
CA ASN A 77 1.50 7.53 -3.22
C ASN A 77 2.91 6.96 -3.15
N ILE A 78 3.17 5.91 -3.92
CA ILE A 78 4.49 5.28 -3.93
C ILE A 78 5.16 5.47 -5.28
N PRO A 79 6.51 5.34 -5.29
CA PRO A 79 7.30 5.50 -6.51
C PRO A 79 7.09 4.35 -7.49
N TYR A 80 6.37 3.33 -7.05
CA TYR A 80 6.09 2.17 -7.87
C TYR A 80 4.60 1.90 -7.99
N LYS A 81 4.21 1.02 -8.90
CA LYS A 81 2.80 0.69 -9.10
C LYS A 81 2.37 -0.41 -8.13
N ILE A 82 1.06 -0.56 -7.98
CA ILE A 82 0.52 -1.58 -7.09
C ILE A 82 -0.07 -2.75 -7.87
N SER A 83 0.75 -3.79 -8.06
CA SER A 83 0.32 -4.96 -8.79
C SER A 83 1.20 -6.17 -8.45
N THR A 84 0.87 -7.33 -9.03
CA THR A 84 1.63 -8.55 -8.79
C THR A 84 2.90 -8.58 -9.63
N THR A 85 3.11 -7.53 -10.43
CA THR A 85 4.27 -7.45 -11.29
C THR A 85 5.16 -6.28 -10.90
N THR A 86 5.05 -5.85 -9.65
CA THR A 86 5.84 -4.73 -9.14
C THR A 86 7.08 -5.22 -8.39
N ASN A 87 8.22 -4.63 -8.70
CA ASN A 87 9.48 -5.00 -8.06
C ASN A 87 10.06 -3.83 -7.27
N CYS A 88 9.76 -3.81 -5.96
CA CYS A 88 10.25 -2.75 -5.10
C CYS A 88 11.72 -2.96 -4.74
N ASN A 89 12.26 -4.10 -5.18
CA ASN A 89 13.66 -4.43 -4.92
C ASN A 89 14.59 -3.60 -5.79
N THR A 90 14.05 -3.08 -6.88
CA THR A 90 14.84 -2.27 -7.81
C THR A 90 14.62 -0.77 -7.56
N VAL A 91 14.10 -0.44 -6.39
CA VAL A 91 13.83 0.94 -6.02
C VAL A 91 15.12 1.65 -5.62
N LYS A 92 15.44 2.74 -6.32
CA LYS A 92 16.64 3.51 -6.03
C LYS A 92 16.30 4.78 -5.25
N PHE A 93 16.76 4.84 -4.01
CA PHE A 93 16.50 6.00 -3.16
C PHE A 93 15.01 6.32 -3.11
N ALA A 1 11.47 -0.29 11.95
CA ALA A 1 11.59 -1.29 10.90
C ALA A 1 10.24 -1.94 10.60
N ILE A 2 9.79 -1.80 9.35
CA ILE A 2 8.51 -2.37 8.94
C ILE A 2 8.62 -3.88 8.78
N SER A 3 7.82 -4.61 9.55
CA SER A 3 7.83 -6.07 9.49
C SER A 3 6.72 -6.58 8.57
N CYS A 4 5.48 -6.52 9.08
CA CYS A 4 4.33 -6.99 8.31
C CYS A 4 3.03 -6.73 9.07
N GLY A 5 3.07 -6.96 10.38
CA GLY A 5 1.89 -6.76 11.19
C GLY A 5 1.34 -5.36 11.07
N ALA A 6 2.21 -4.39 10.85
CA ALA A 6 1.80 -3.00 10.71
C ALA A 6 1.20 -2.73 9.33
N VAL A 7 1.69 -3.47 8.34
CA VAL A 7 1.19 -3.31 6.97
C VAL A 7 -0.19 -3.94 6.81
N THR A 8 -0.39 -5.09 7.45
CA THR A 8 -1.67 -5.79 7.39
C THR A 8 -2.75 -5.05 8.15
N SER A 9 -2.33 -4.26 9.15
CA SER A 9 -3.26 -3.50 9.96
C SER A 9 -4.01 -2.48 9.11
N ASP A 10 -3.27 -1.71 8.32
CA ASP A 10 -3.86 -0.70 7.46
C ASP A 10 -4.49 -1.34 6.22
N LEU A 11 -4.14 -2.60 5.98
CA LEU A 11 -4.67 -3.32 4.82
C LEU A 11 -6.13 -3.70 5.05
N SER A 12 -6.46 -4.07 6.28
CA SER A 12 -7.82 -4.46 6.63
C SER A 12 -8.82 -3.37 6.25
N PRO A 13 -8.57 -2.15 6.74
CA PRO A 13 -9.43 -0.99 6.47
C PRO A 13 -9.33 -0.54 5.01
N CYS A 14 -8.19 -0.79 4.39
CA CYS A 14 -7.97 -0.40 3.00
C CYS A 14 -8.57 -1.43 2.05
N LEU A 15 -8.89 -2.61 2.59
CA LEU A 15 -9.47 -3.69 1.78
C LEU A 15 -10.85 -3.29 1.26
N THR A 16 -11.71 -2.84 2.16
CA THR A 16 -13.06 -2.43 1.79
C THR A 16 -13.05 -1.44 0.64
N TYR A 17 -12.01 -0.61 0.60
CA TYR A 17 -11.87 0.39 -0.47
C TYR A 17 -11.18 -0.22 -1.69
N LEU A 18 -10.20 -1.07 -1.44
CA LEU A 18 -9.46 -1.72 -2.53
C LEU A 18 -10.33 -2.75 -3.23
N THR A 19 -11.49 -3.05 -2.65
CA THR A 19 -12.41 -4.02 -3.22
C THR A 19 -13.47 -3.34 -4.08
N GLY A 20 -13.55 -2.01 -3.97
CA GLY A 20 -14.51 -1.26 -4.74
C GLY A 20 -15.56 -0.59 -3.87
N GLY A 21 -15.44 -0.78 -2.56
CA GLY A 21 -16.38 -0.18 -1.63
C GLY A 21 -16.15 1.31 -1.45
N PRO A 22 -16.85 1.91 -0.47
CA PRO A 22 -16.72 3.34 -0.17
C PRO A 22 -15.37 3.70 0.44
N GLY A 23 -14.84 4.86 0.06
CA GLY A 23 -13.56 5.28 0.58
C GLY A 23 -12.96 6.43 -0.22
N PRO A 24 -11.69 6.73 0.05
CA PRO A 24 -10.89 6.01 1.05
C PRO A 24 -11.35 6.30 2.47
N SER A 25 -11.51 5.24 3.26
CA SER A 25 -11.95 5.38 4.65
C SER A 25 -10.93 6.17 5.47
N PRO A 26 -11.36 6.64 6.64
CA PRO A 26 -10.49 7.41 7.55
C PRO A 26 -9.41 6.55 8.18
N GLN A 27 -9.76 5.31 8.51
CA GLN A 27 -8.82 4.39 9.12
C GLN A 27 -7.77 3.93 8.12
N CYS A 28 -8.18 3.76 6.87
CA CYS A 28 -7.28 3.32 5.82
C CYS A 28 -6.19 4.36 5.57
N CYS A 29 -6.62 5.60 5.31
CA CYS A 29 -5.68 6.69 5.06
C CYS A 29 -4.68 6.82 6.19
N GLY A 30 -5.17 6.82 7.42
CA GLY A 30 -4.31 6.95 8.58
C GLY A 30 -3.17 5.95 8.56
N GLY A 31 -3.48 4.68 8.30
CA GLY A 31 -2.46 3.66 8.25
C GLY A 31 -1.55 3.80 7.05
N VAL A 32 -2.11 4.23 5.93
CA VAL A 32 -1.34 4.41 4.71
C VAL A 32 -0.19 5.38 4.92
N LYS A 33 -0.52 6.58 5.39
CA LYS A 33 0.50 7.61 5.65
C LYS A 33 1.52 7.12 6.66
N LYS A 34 1.13 6.13 7.47
CA LYS A 34 2.01 5.57 8.48
C LYS A 34 3.07 4.67 7.85
N LEU A 35 2.66 3.91 6.84
CA LEU A 35 3.58 3.00 6.15
C LEU A 35 4.66 3.79 5.41
N LEU A 36 4.25 4.81 4.67
CA LEU A 36 5.18 5.65 3.93
C LEU A 36 6.06 6.46 4.86
N ALA A 37 5.47 6.93 5.97
CA ALA A 37 6.20 7.72 6.94
C ALA A 37 7.13 6.85 7.78
N ALA A 38 6.79 5.56 7.87
CA ALA A 38 7.59 4.61 8.63
C ALA A 38 8.76 4.08 7.81
N ALA A 39 8.69 4.29 6.50
CA ALA A 39 9.74 3.82 5.60
C ALA A 39 10.28 4.98 4.76
N ASN A 40 11.41 5.53 5.19
CA ASN A 40 12.04 6.64 4.47
C ASN A 40 13.20 6.16 3.61
N THR A 41 13.83 5.06 4.04
CA THR A 41 14.95 4.50 3.30
C THR A 41 14.48 3.39 2.36
N THR A 42 15.44 2.71 1.73
CA THR A 42 15.12 1.63 0.81
C THR A 42 14.80 0.34 1.56
N PRO A 43 15.68 -0.03 2.51
CA PRO A 43 15.49 -1.25 3.32
C PRO A 43 14.08 -1.36 3.88
N ASP A 44 13.62 -0.29 4.52
CA ASP A 44 12.29 -0.28 5.11
C ASP A 44 11.21 -0.40 4.03
N ARG A 45 11.37 0.36 2.95
CA ARG A 45 10.43 0.33 1.85
C ARG A 45 10.37 -1.04 1.20
N GLN A 46 11.47 -1.78 1.31
CA GLN A 46 11.56 -3.12 0.73
C GLN A 46 10.67 -4.10 1.50
N ALA A 47 10.83 -4.13 2.81
CA ALA A 47 10.05 -5.02 3.67
C ALA A 47 8.55 -4.81 3.45
N ALA A 48 8.11 -3.57 3.64
CA ALA A 48 6.69 -3.24 3.47
C ALA A 48 6.21 -3.63 2.07
N CYS A 49 6.92 -3.17 1.05
CA CYS A 49 6.56 -3.48 -0.33
C CYS A 49 6.29 -4.97 -0.50
N ASN A 50 7.09 -5.80 0.16
CA ASN A 50 6.93 -7.24 0.08
C ASN A 50 5.60 -7.68 0.69
N CYS A 51 5.24 -7.07 1.81
CA CYS A 51 3.99 -7.39 2.48
C CYS A 51 2.79 -6.83 1.73
N LEU A 52 2.98 -5.68 1.09
CA LEU A 52 1.92 -5.04 0.32
C LEU A 52 1.70 -5.77 -1.00
N LYS A 53 2.75 -5.86 -1.82
CA LYS A 53 2.66 -6.53 -3.10
C LYS A 53 2.04 -7.91 -2.96
N SER A 54 2.40 -8.62 -1.89
CA SER A 54 1.88 -9.95 -1.64
C SER A 54 0.44 -9.88 -1.13
N ALA A 55 0.11 -8.80 -0.44
CA ALA A 55 -1.23 -8.61 0.09
C ALA A 55 -2.23 -8.29 -1.02
N ALA A 56 -1.92 -7.24 -1.79
CA ALA A 56 -2.79 -6.83 -2.88
C ALA A 56 -2.92 -7.94 -3.93
N GLY A 57 -1.99 -8.89 -3.90
CA GLY A 57 -2.03 -9.99 -4.84
C GLY A 57 -3.18 -10.93 -4.60
N SER A 58 -3.88 -10.75 -3.48
CA SER A 58 -5.02 -11.59 -3.13
C SER A 58 -6.32 -10.81 -3.25
N ILE A 59 -6.30 -9.73 -4.03
CA ILE A 59 -7.48 -8.90 -4.22
C ILE A 59 -8.24 -9.32 -5.49
N THR A 60 -9.46 -9.82 -5.29
CA THR A 60 -10.29 -10.24 -6.41
C THR A 60 -10.63 -9.07 -7.33
N LYS A 61 -10.06 -9.09 -8.53
CA LYS A 61 -10.30 -8.04 -9.50
C LYS A 61 -9.88 -6.68 -8.95
N LEU A 62 -8.62 -6.57 -8.52
CA LEU A 62 -8.09 -5.33 -7.97
C LEU A 62 -8.37 -4.17 -8.92
N ASN A 63 -8.73 -3.02 -8.34
CA ASN A 63 -9.00 -1.83 -9.13
C ASN A 63 -7.88 -0.82 -9.01
N THR A 64 -7.02 -0.76 -10.03
CA THR A 64 -5.90 0.17 -10.04
C THR A 64 -6.36 1.60 -9.79
N ASN A 65 -7.54 1.93 -10.31
CA ASN A 65 -8.10 3.27 -10.16
C ASN A 65 -8.40 3.56 -8.68
N ASN A 66 -9.00 2.59 -8.02
CA ASN A 66 -9.35 2.74 -6.60
C ASN A 66 -8.10 2.71 -5.73
N ALA A 67 -7.18 1.82 -6.05
CA ALA A 67 -5.94 1.70 -5.30
C ALA A 67 -5.10 2.97 -5.40
N ALA A 68 -5.02 3.52 -6.60
CA ALA A 68 -4.26 4.74 -6.84
C ALA A 68 -5.01 5.96 -6.32
N ALA A 69 -6.32 5.82 -6.15
CA ALA A 69 -7.15 6.92 -5.66
C ALA A 69 -6.97 7.11 -4.16
N LEU A 70 -6.79 6.01 -3.44
CA LEU A 70 -6.61 6.06 -2.00
C LEU A 70 -5.54 7.09 -1.62
N PRO A 71 -4.33 6.91 -2.18
CA PRO A 71 -3.20 7.81 -1.92
C PRO A 71 -3.39 9.19 -2.54
N GLY A 72 -3.77 9.20 -3.82
CA GLY A 72 -3.98 10.46 -4.51
C GLY A 72 -5.04 11.32 -3.85
N LYS A 73 -5.95 10.67 -3.13
CA LYS A 73 -7.03 11.38 -2.44
C LYS A 73 -6.50 12.03 -1.16
N CYS A 74 -5.80 11.26 -0.36
CA CYS A 74 -5.24 11.76 0.90
C CYS A 74 -3.91 12.46 0.66
N GLY A 75 -3.51 12.56 -0.60
CA GLY A 75 -2.27 13.21 -0.94
C GLY A 75 -1.06 12.49 -0.36
N VAL A 76 -1.06 11.16 -0.47
CA VAL A 76 0.04 10.36 0.04
C VAL A 76 0.29 9.14 -0.84
N ASN A 77 1.05 9.35 -1.91
CA ASN A 77 1.37 8.27 -2.85
C ASN A 77 2.72 7.66 -2.52
N ILE A 78 3.09 6.61 -3.26
CA ILE A 78 4.36 5.95 -3.06
C ILE A 78 5.31 6.19 -4.24
N PRO A 79 6.62 6.05 -3.97
CA PRO A 79 7.65 6.24 -5.00
C PRO A 79 7.64 5.15 -6.06
N TYR A 80 6.84 4.11 -5.82
CA TYR A 80 6.74 3.00 -6.75
C TYR A 80 5.29 2.77 -7.17
N LYS A 81 5.05 1.65 -7.85
CA LYS A 81 3.71 1.31 -8.31
C LYS A 81 3.07 0.26 -7.40
N ILE A 82 1.77 0.03 -7.59
CA ILE A 82 1.06 -0.95 -6.79
C ILE A 82 0.46 -2.05 -7.67
N SER A 83 1.20 -3.15 -7.80
CA SER A 83 0.75 -4.27 -8.62
C SER A 83 1.69 -5.47 -8.45
N THR A 84 1.34 -6.57 -9.10
CA THR A 84 2.15 -7.79 -9.03
C THR A 84 3.35 -7.71 -9.96
N THR A 85 3.42 -6.63 -10.74
CA THR A 85 4.51 -6.43 -11.67
C THR A 85 5.50 -5.40 -11.17
N THR A 86 5.49 -5.17 -9.85
CA THR A 86 6.38 -4.21 -9.23
C THR A 86 7.36 -4.89 -8.28
N ASN A 87 8.59 -4.40 -8.25
CA ASN A 87 9.62 -4.96 -7.39
C ASN A 87 10.43 -3.86 -6.72
N CYS A 88 10.14 -3.59 -5.45
CA CYS A 88 10.84 -2.57 -4.69
C CYS A 88 12.23 -3.04 -4.29
N ASN A 89 12.46 -4.34 -4.39
CA ASN A 89 13.75 -4.92 -4.05
C ASN A 89 14.75 -4.74 -5.19
N THR A 90 14.27 -4.88 -6.42
CA THR A 90 15.12 -4.75 -7.59
C THR A 90 14.89 -3.40 -8.28
N VAL A 91 14.88 -2.33 -7.50
CA VAL A 91 14.67 -1.00 -8.02
C VAL A 91 15.91 -0.49 -8.75
N LYS A 92 15.72 -0.02 -9.99
CA LYS A 92 16.83 0.50 -10.79
C LYS A 92 16.89 2.02 -10.71
N PHE A 93 17.66 2.52 -9.74
CA PHE A 93 17.81 3.96 -9.55
C PHE A 93 16.44 4.65 -9.46
N ALA A 1 11.92 -0.06 10.80
CA ALA A 1 11.96 -1.44 10.35
C ALA A 1 10.56 -2.02 10.24
N ILE A 2 9.98 -1.91 9.04
CA ILE A 2 8.65 -2.42 8.78
C ILE A 2 8.65 -3.94 8.67
N SER A 3 7.84 -4.59 9.49
CA SER A 3 7.75 -6.05 9.48
C SER A 3 6.59 -6.53 8.60
N CYS A 4 5.37 -6.37 9.10
CA CYS A 4 4.18 -6.77 8.35
C CYS A 4 2.91 -6.38 9.10
N GLY A 5 2.94 -6.54 10.42
CA GLY A 5 1.79 -6.20 11.23
C GLY A 5 1.33 -4.77 11.03
N ALA A 6 2.26 -3.92 10.60
CA ALA A 6 1.95 -2.51 10.36
C ALA A 6 1.32 -2.31 8.99
N VAL A 7 1.76 -3.10 8.02
CA VAL A 7 1.23 -3.02 6.67
C VAL A 7 -0.16 -3.63 6.57
N THR A 8 -0.33 -4.79 7.19
CA THR A 8 -1.61 -5.49 7.17
C THR A 8 -2.65 -4.72 7.97
N SER A 9 -2.20 -3.96 8.96
CA SER A 9 -3.09 -3.19 9.81
C SER A 9 -3.88 -2.17 8.99
N ASP A 10 -3.18 -1.44 8.14
CA ASP A 10 -3.81 -0.43 7.29
C ASP A 10 -4.54 -1.09 6.12
N LEU A 11 -4.13 -2.30 5.78
CA LEU A 11 -4.73 -3.04 4.68
C LEU A 11 -6.15 -3.48 5.04
N SER A 12 -6.37 -3.74 6.33
CA SER A 12 -7.69 -4.16 6.80
C SER A 12 -8.76 -3.15 6.43
N PRO A 13 -8.57 -1.90 6.89
CA PRO A 13 -9.51 -0.81 6.62
C PRO A 13 -9.49 -0.38 5.15
N CYS A 14 -8.38 -0.66 4.47
CA CYS A 14 -8.23 -0.30 3.07
C CYS A 14 -8.89 -1.33 2.17
N LEU A 15 -9.04 -2.56 2.68
CA LEU A 15 -9.66 -3.64 1.93
C LEU A 15 -11.00 -3.20 1.35
N THR A 16 -11.87 -2.68 2.22
CA THR A 16 -13.19 -2.22 1.79
C THR A 16 -13.08 -1.27 0.60
N TYR A 17 -11.98 -0.54 0.53
CA TYR A 17 -11.77 0.40 -0.56
C TYR A 17 -11.15 -0.29 -1.78
N LEU A 18 -10.21 -1.21 -1.51
CA LEU A 18 -9.55 -1.94 -2.59
C LEU A 18 -10.49 -3.00 -3.18
N THR A 19 -11.64 -3.17 -2.55
CA THR A 19 -12.62 -4.15 -3.02
C THR A 19 -13.66 -3.49 -3.91
N GLY A 20 -13.70 -2.16 -3.90
CA GLY A 20 -14.66 -1.43 -4.72
C GLY A 20 -15.76 -0.79 -3.89
N GLY A 21 -15.51 -0.63 -2.59
CA GLY A 21 -16.49 -0.02 -1.72
C GLY A 21 -16.28 1.47 -1.53
N PRO A 22 -16.97 2.05 -0.55
CA PRO A 22 -16.85 3.48 -0.25
C PRO A 22 -15.51 3.84 0.36
N GLY A 23 -14.96 4.99 -0.05
CA GLY A 23 -13.68 5.42 0.46
C GLY A 23 -13.05 6.52 -0.39
N PRO A 24 -11.76 6.79 -0.14
CA PRO A 24 -10.98 6.10 0.88
C PRO A 24 -11.43 6.46 2.29
N SER A 25 -11.63 5.44 3.13
CA SER A 25 -12.06 5.64 4.51
C SER A 25 -11.01 6.41 5.30
N PRO A 26 -11.42 6.95 6.45
CA PRO A 26 -10.52 7.71 7.33
C PRO A 26 -9.47 6.83 8.00
N GLN A 27 -9.85 5.60 8.33
CA GLN A 27 -8.94 4.67 8.97
C GLN A 27 -7.91 4.15 7.98
N CYS A 28 -8.33 3.97 6.73
CA CYS A 28 -7.44 3.48 5.69
C CYS A 28 -6.32 4.47 5.42
N CYS A 29 -6.68 5.72 5.15
CA CYS A 29 -5.70 6.77 4.87
C CYS A 29 -4.72 6.91 6.04
N GLY A 30 -5.26 6.92 7.25
CA GLY A 30 -4.43 7.06 8.43
C GLY A 30 -3.28 6.07 8.44
N GLY A 31 -3.60 4.79 8.23
CA GLY A 31 -2.59 3.76 8.23
C GLY A 31 -1.64 3.88 7.05
N VAL A 32 -2.18 4.25 5.90
CA VAL A 32 -1.38 4.40 4.69
C VAL A 32 -0.24 5.39 4.91
N LYS A 33 -0.58 6.59 5.34
CA LYS A 33 0.41 7.64 5.59
C LYS A 33 1.41 7.19 6.65
N LYS A 34 1.00 6.24 7.48
CA LYS A 34 1.86 5.71 8.53
C LYS A 34 2.93 4.79 7.95
N LEU A 35 2.56 4.00 6.95
CA LEU A 35 3.48 3.08 6.31
C LEU A 35 4.59 3.83 5.59
N LEU A 36 4.20 4.78 4.75
CA LEU A 36 5.17 5.58 3.99
C LEU A 36 6.03 6.41 4.93
N ALA A 37 5.43 6.90 6.00
CA ALA A 37 6.14 7.71 6.99
C ALA A 37 7.06 6.84 7.85
N ALA A 38 6.70 5.57 7.98
CA ALA A 38 7.49 4.63 8.78
C ALA A 38 8.64 4.05 7.97
N ALA A 39 8.70 4.41 6.69
CA ALA A 39 9.75 3.91 5.80
C ALA A 39 10.50 5.07 5.16
N ASN A 40 11.65 5.42 5.74
CA ASN A 40 12.46 6.51 5.22
C ASN A 40 13.66 5.96 4.43
N THR A 41 14.20 4.84 4.90
CA THR A 41 15.34 4.22 4.23
C THR A 41 14.89 3.33 3.09
N THR A 42 15.85 2.62 2.48
CA THR A 42 15.54 1.72 1.37
C THR A 42 15.05 0.37 1.87
N PRO A 43 15.83 -0.24 2.78
CA PRO A 43 15.49 -1.54 3.36
C PRO A 43 14.04 -1.61 3.83
N ASP A 44 13.54 -0.50 4.35
CA ASP A 44 12.17 -0.43 4.85
C ASP A 44 11.18 -0.63 3.70
N ARG A 45 11.42 0.06 2.59
CA ARG A 45 10.55 -0.04 1.43
C ARG A 45 10.42 -1.48 0.96
N GLN A 46 11.54 -2.19 0.94
CA GLN A 46 11.55 -3.58 0.51
C GLN A 46 10.61 -4.43 1.38
N ALA A 47 10.78 -4.32 2.70
CA ALA A 47 9.95 -5.07 3.62
C ALA A 47 8.47 -4.82 3.37
N ALA A 48 8.07 -3.55 3.39
CA ALA A 48 6.68 -3.18 3.17
C ALA A 48 6.20 -3.66 1.80
N CYS A 49 6.95 -3.31 0.76
CA CYS A 49 6.60 -3.71 -0.60
C CYS A 49 6.28 -5.20 -0.67
N ASN A 50 7.01 -5.99 0.11
CA ASN A 50 6.81 -7.43 0.14
C ASN A 50 5.46 -7.78 0.74
N CYS A 51 5.18 -7.24 1.92
CA CYS A 51 3.91 -7.49 2.59
C CYS A 51 2.75 -6.92 1.80
N LEU A 52 3.02 -5.86 1.04
CA LEU A 52 1.99 -5.21 0.24
C LEU A 52 1.66 -6.05 -1.00
N LYS A 53 2.68 -6.32 -1.82
CA LYS A 53 2.50 -7.11 -3.03
C LYS A 53 1.78 -8.42 -2.72
N SER A 54 2.15 -9.04 -1.60
CA SER A 54 1.54 -10.30 -1.19
C SER A 54 0.14 -10.07 -0.64
N ALA A 55 -0.09 -8.88 -0.08
CA ALA A 55 -1.39 -8.54 0.48
C ALA A 55 -2.41 -8.28 -0.62
N ALA A 56 -2.06 -7.41 -1.57
CA ALA A 56 -2.94 -7.07 -2.67
C ALA A 56 -3.18 -8.28 -3.56
N GLY A 57 -2.36 -9.31 -3.40
CA GLY A 57 -2.50 -10.51 -4.21
C GLY A 57 -3.73 -11.31 -3.83
N SER A 58 -4.38 -10.92 -2.74
CA SER A 58 -5.59 -11.61 -2.28
C SER A 58 -6.82 -10.74 -2.48
N ILE A 59 -6.73 -9.78 -3.39
CA ILE A 59 -7.84 -8.89 -3.68
C ILE A 59 -8.61 -9.34 -4.91
N THR A 60 -9.88 -9.69 -4.71
CA THR A 60 -10.73 -10.14 -5.81
C THR A 60 -11.02 -9.00 -6.79
N LYS A 61 -10.49 -9.14 -8.01
CA LYS A 61 -10.70 -8.12 -9.04
C LYS A 61 -10.18 -6.77 -8.58
N LEU A 62 -8.93 -6.74 -8.15
CA LEU A 62 -8.30 -5.50 -7.68
C LEU A 62 -8.47 -4.39 -8.71
N ASN A 63 -8.76 -3.18 -8.22
CA ASN A 63 -8.94 -2.03 -9.10
C ASN A 63 -7.78 -1.05 -8.96
N THR A 64 -6.88 -1.06 -9.94
CA THR A 64 -5.73 -0.17 -9.93
C THR A 64 -6.15 1.28 -9.77
N ASN A 65 -7.34 1.60 -10.27
CA ASN A 65 -7.86 2.96 -10.18
C ASN A 65 -8.21 3.32 -8.74
N ASN A 66 -8.83 2.39 -8.03
CA ASN A 66 -9.22 2.61 -6.64
C ASN A 66 -8.00 2.57 -5.74
N ALA A 67 -7.10 1.64 -6.00
CA ALA A 67 -5.88 1.50 -5.21
C ALA A 67 -4.99 2.72 -5.35
N ALA A 68 -4.86 3.22 -6.58
CA ALA A 68 -4.03 4.39 -6.85
C ALA A 68 -4.73 5.67 -6.40
N ALA A 69 -6.05 5.61 -6.29
CA ALA A 69 -6.84 6.76 -5.85
C ALA A 69 -6.70 6.99 -4.36
N LEU A 70 -6.57 5.92 -3.60
CA LEU A 70 -6.44 6.00 -2.15
C LEU A 70 -5.34 7.00 -1.77
N PRO A 71 -4.12 6.76 -2.27
CA PRO A 71 -2.98 7.63 -1.99
C PRO A 71 -3.09 8.98 -2.68
N GLY A 72 -3.42 8.97 -3.97
CA GLY A 72 -3.57 10.21 -4.72
C GLY A 72 -4.61 11.13 -4.12
N LYS A 73 -5.58 10.54 -3.42
CA LYS A 73 -6.64 11.32 -2.80
C LYS A 73 -6.15 11.99 -1.51
N CYS A 74 -5.50 11.20 -0.67
CA CYS A 74 -4.97 11.70 0.60
C CYS A 74 -3.61 12.36 0.39
N GLY A 75 -3.17 12.42 -0.86
CA GLY A 75 -1.88 13.02 -1.17
C GLY A 75 -0.72 12.26 -0.54
N VAL A 76 -0.84 10.94 -0.50
CA VAL A 76 0.20 10.10 0.07
C VAL A 76 0.42 8.84 -0.76
N ASN A 77 1.19 8.97 -1.83
CA ASN A 77 1.48 7.85 -2.71
C ASN A 77 2.91 7.34 -2.50
N ILE A 78 3.26 6.26 -3.20
CA ILE A 78 4.59 5.68 -3.10
C ILE A 78 5.37 5.87 -4.39
N PRO A 79 6.70 5.83 -4.29
CA PRO A 79 7.59 6.00 -5.45
C PRO A 79 7.54 4.79 -6.39
N TYR A 80 6.85 3.74 -5.96
CA TYR A 80 6.72 2.53 -6.76
C TYR A 80 5.28 2.32 -7.20
N LYS A 81 5.00 1.14 -7.76
CA LYS A 81 3.66 0.82 -8.23
C LYS A 81 2.98 -0.15 -7.26
N ILE A 82 1.72 -0.47 -7.54
CA ILE A 82 0.95 -1.39 -6.72
C ILE A 82 0.25 -2.45 -7.56
N SER A 83 0.86 -3.63 -7.64
CA SER A 83 0.29 -4.72 -8.42
C SER A 83 1.12 -6.00 -8.26
N THR A 84 0.77 -7.03 -9.02
CA THR A 84 1.47 -8.30 -8.96
C THR A 84 2.76 -8.25 -9.78
N THR A 85 3.03 -7.09 -10.39
CA THR A 85 4.22 -6.91 -11.20
C THR A 85 5.00 -5.68 -10.77
N THR A 86 5.23 -5.56 -9.46
CA THR A 86 5.96 -4.44 -8.91
C THR A 86 7.24 -4.90 -8.22
N ASN A 87 8.38 -4.41 -8.70
CA ASN A 87 9.67 -4.77 -8.12
C ASN A 87 10.35 -3.55 -7.51
N CYS A 88 10.20 -3.39 -6.20
CA CYS A 88 10.80 -2.27 -5.50
C CYS A 88 12.29 -2.51 -5.26
N ASN A 89 12.72 -3.74 -5.48
CA ASN A 89 14.12 -4.11 -5.29
C ASN A 89 14.97 -3.68 -6.48
N THR A 90 14.39 -3.79 -7.68
CA THR A 90 15.09 -3.42 -8.90
C THR A 90 14.75 -1.98 -9.31
N VAL A 91 14.74 -1.08 -8.34
CA VAL A 91 14.44 0.31 -8.59
C VAL A 91 15.70 1.10 -8.96
N LYS A 92 15.64 1.83 -10.07
CA LYS A 92 16.77 2.62 -10.52
C LYS A 92 16.74 4.02 -9.92
N PHE A 93 17.59 4.26 -8.93
CA PHE A 93 17.65 5.56 -8.27
C PHE A 93 16.28 5.98 -7.77
N ALA A 1 11.41 -0.79 11.75
CA ALA A 1 11.57 -1.86 10.77
C ALA A 1 10.22 -2.41 10.34
N ILE A 2 9.94 -2.33 9.05
CA ILE A 2 8.68 -2.83 8.50
C ILE A 2 8.69 -4.35 8.41
N SER A 3 7.79 -4.98 9.16
CA SER A 3 7.69 -6.43 9.18
C SER A 3 6.64 -6.91 8.18
N CYS A 4 5.38 -6.75 8.54
CA CYS A 4 4.27 -7.16 7.68
C CYS A 4 2.93 -6.77 8.29
N GLY A 5 2.72 -7.14 9.54
CA GLY A 5 1.48 -6.80 10.22
C GLY A 5 1.17 -5.32 10.17
N ALA A 6 2.19 -4.50 10.40
CA ALA A 6 2.02 -3.06 10.39
C ALA A 6 1.64 -2.56 9.00
N VAL A 7 1.97 -3.35 7.99
CA VAL A 7 1.65 -2.99 6.61
C VAL A 7 0.17 -3.22 6.30
N THR A 8 -0.33 -4.40 6.65
CA THR A 8 -1.72 -4.74 6.41
C THR A 8 -2.65 -3.85 7.22
N SER A 9 -2.09 -3.15 8.21
CA SER A 9 -2.87 -2.26 9.06
C SER A 9 -3.65 -1.26 8.23
N ASP A 10 -3.01 -0.73 7.19
CA ASP A 10 -3.65 0.25 6.32
C ASP A 10 -4.61 -0.44 5.34
N LEU A 11 -4.31 -1.68 5.01
CA LEU A 11 -5.14 -2.46 4.09
C LEU A 11 -6.45 -2.86 4.75
N SER A 12 -6.41 -3.07 6.06
CA SER A 12 -7.60 -3.46 6.81
C SER A 12 -8.75 -2.49 6.53
N PRO A 13 -8.53 -1.21 6.82
CA PRO A 13 -9.53 -0.17 6.61
C PRO A 13 -9.79 0.11 5.13
N CYS A 14 -8.76 -0.07 4.32
CA CYS A 14 -8.86 0.15 2.88
C CYS A 14 -9.45 -1.07 2.17
N LEU A 15 -9.77 -2.10 2.96
CA LEU A 15 -10.34 -3.32 2.41
C LEU A 15 -11.53 -3.02 1.51
N THR A 16 -12.52 -2.34 2.06
CA THR A 16 -13.72 -1.98 1.30
C THR A 16 -13.36 -1.15 0.08
N TYR A 17 -12.18 -0.55 0.10
CA TYR A 17 -11.72 0.29 -1.00
C TYR A 17 -11.05 -0.56 -2.08
N LEU A 18 -10.22 -1.51 -1.64
CA LEU A 18 -9.50 -2.39 -2.57
C LEU A 18 -10.45 -3.44 -3.16
N THR A 19 -11.66 -3.49 -2.62
CA THR A 19 -12.66 -4.45 -3.08
C THR A 19 -13.57 -3.84 -4.13
N GLY A 20 -13.40 -2.54 -4.36
CA GLY A 20 -14.22 -1.85 -5.34
C GLY A 20 -15.28 -0.97 -4.70
N GLY A 21 -15.15 -0.75 -3.40
CA GLY A 21 -16.11 0.07 -2.68
C GLY A 21 -15.66 1.52 -2.56
N PRO A 22 -16.33 2.27 -1.67
CA PRO A 22 -16.01 3.68 -1.45
C PRO A 22 -14.68 3.86 -0.73
N GLY A 23 -14.09 5.05 -0.88
CA GLY A 23 -12.81 5.33 -0.25
C GLY A 23 -11.93 6.23 -1.08
N PRO A 24 -10.65 6.35 -0.69
CA PRO A 24 -10.13 5.66 0.49
C PRO A 24 -10.69 6.23 1.79
N SER A 25 -10.88 5.35 2.78
CA SER A 25 -11.42 5.75 4.07
C SER A 25 -10.43 6.67 4.79
N PRO A 26 -10.93 7.38 5.82
CA PRO A 26 -10.12 8.30 6.62
C PRO A 26 -9.11 7.56 7.50
N GLN A 27 -9.58 6.54 8.20
CA GLN A 27 -8.72 5.75 9.08
C GLN A 27 -7.55 5.14 8.29
N CYS A 28 -7.84 4.68 7.09
CA CYS A 28 -6.83 4.07 6.24
C CYS A 28 -5.73 5.09 5.89
N CYS A 29 -6.15 6.25 5.38
CA CYS A 29 -5.21 7.30 5.00
C CYS A 29 -4.20 7.54 6.12
N GLY A 30 -4.69 7.62 7.35
CA GLY A 30 -3.81 7.86 8.48
C GLY A 30 -2.80 6.75 8.67
N GLY A 31 -3.24 5.50 8.48
CA GLY A 31 -2.36 4.37 8.64
C GLY A 31 -1.34 4.26 7.51
N VAL A 32 -1.80 4.51 6.29
CA VAL A 32 -0.93 4.45 5.12
C VAL A 32 0.31 5.32 5.30
N LYS A 33 0.08 6.60 5.59
CA LYS A 33 1.17 7.54 5.79
C LYS A 33 2.14 7.04 6.86
N LYS A 34 1.63 6.21 7.76
CA LYS A 34 2.45 5.67 8.84
C LYS A 34 3.49 4.69 8.29
N LEU A 35 3.08 3.86 7.34
CA LEU A 35 3.98 2.89 6.72
C LEU A 35 5.08 3.59 5.95
N LEU A 36 4.70 4.58 5.14
CA LEU A 36 5.66 5.33 4.34
C LEU A 36 6.53 6.22 5.23
N ALA A 37 5.99 6.58 6.39
CA ALA A 37 6.71 7.44 7.34
C ALA A 37 7.74 6.63 8.13
N ALA A 38 7.47 5.34 8.30
CA ALA A 38 8.36 4.46 9.05
C ALA A 38 9.47 3.93 8.15
N ALA A 39 9.40 4.26 6.86
CA ALA A 39 10.39 3.81 5.89
C ALA A 39 11.02 4.98 5.16
N ASN A 40 12.32 5.15 5.32
CA ASN A 40 13.04 6.24 4.67
C ASN A 40 14.14 5.69 3.76
N THR A 41 14.73 4.58 4.16
CA THR A 41 15.79 3.94 3.37
C THR A 41 15.22 3.02 2.30
N THR A 42 16.10 2.33 1.59
CA THR A 42 15.69 1.42 0.54
C THR A 42 15.27 0.07 1.12
N PRO A 43 16.13 -0.49 1.98
CA PRO A 43 15.87 -1.79 2.62
C PRO A 43 14.47 -1.87 3.21
N ASP A 44 14.08 -0.85 3.95
CA ASP A 44 12.76 -0.81 4.58
C ASP A 44 11.67 -0.73 3.52
N ARG A 45 11.90 0.05 2.48
CA ARG A 45 10.93 0.22 1.41
C ARG A 45 10.73 -1.10 0.66
N GLN A 46 11.76 -1.94 0.65
CA GLN A 46 11.70 -3.23 -0.03
C GLN A 46 10.83 -4.21 0.76
N ALA A 47 11.08 -4.31 2.06
CA ALA A 47 10.32 -5.21 2.92
C ALA A 47 8.83 -4.91 2.83
N ALA A 48 8.47 -3.64 2.94
CA ALA A 48 7.07 -3.23 2.87
C ALA A 48 6.44 -3.66 1.54
N CYS A 49 7.01 -3.17 0.44
CA CYS A 49 6.50 -3.49 -0.88
C CYS A 49 6.27 -4.99 -1.02
N ASN A 50 7.18 -5.78 -0.48
CA ASN A 50 7.07 -7.23 -0.54
C ASN A 50 5.80 -7.72 0.14
N CYS A 51 5.50 -7.15 1.31
CA CYS A 51 4.32 -7.51 2.08
C CYS A 51 3.07 -6.92 1.44
N LEU A 52 3.23 -5.79 0.76
CA LEU A 52 2.11 -5.12 0.11
C LEU A 52 1.70 -5.86 -1.16
N LYS A 53 2.62 -5.96 -2.10
CA LYS A 53 2.36 -6.66 -3.36
C LYS A 53 1.76 -8.03 -3.12
N SER A 54 2.27 -8.72 -2.11
CA SER A 54 1.78 -10.06 -1.77
C SER A 54 0.43 -9.97 -1.06
N ALA A 55 0.21 -8.88 -0.34
CA ALA A 55 -1.05 -8.68 0.37
C ALA A 55 -2.20 -8.43 -0.60
N ALA A 56 -2.02 -7.45 -1.47
CA ALA A 56 -3.04 -7.11 -2.46
C ALA A 56 -3.37 -8.30 -3.35
N GLY A 57 -2.45 -9.25 -3.42
CA GLY A 57 -2.66 -10.42 -4.25
C GLY A 57 -3.84 -11.26 -3.78
N SER A 58 -4.17 -11.13 -2.50
CA SER A 58 -5.28 -11.88 -1.92
C SER A 58 -6.56 -11.05 -1.93
N ILE A 59 -6.60 -10.05 -2.80
CA ILE A 59 -7.76 -9.18 -2.91
C ILE A 59 -8.68 -9.63 -4.04
N THR A 60 -9.89 -10.06 -3.69
CA THR A 60 -10.86 -10.52 -4.67
C THR A 60 -11.10 -9.46 -5.74
N LYS A 61 -10.71 -9.76 -6.98
CA LYS A 61 -10.90 -8.83 -8.09
C LYS A 61 -10.18 -7.53 -7.82
N LEU A 62 -8.91 -7.61 -7.44
CA LEU A 62 -8.10 -6.43 -7.16
C LEU A 62 -8.20 -5.41 -8.29
N ASN A 63 -8.29 -4.14 -7.94
CA ASN A 63 -8.39 -3.07 -8.93
C ASN A 63 -7.14 -2.19 -8.90
N THR A 64 -6.28 -2.35 -9.90
CA THR A 64 -5.06 -1.56 -9.99
C THR A 64 -5.35 -0.07 -9.89
N ASN A 65 -6.51 0.33 -10.42
CA ASN A 65 -6.90 1.74 -10.39
C ASN A 65 -7.22 2.18 -8.97
N ASN A 66 -7.82 1.29 -8.19
CA ASN A 66 -8.18 1.59 -6.81
C ASN A 66 -6.93 1.65 -5.92
N ALA A 67 -6.05 0.67 -6.10
CA ALA A 67 -4.82 0.61 -5.32
C ALA A 67 -4.01 1.90 -5.46
N ALA A 68 -3.93 2.42 -6.69
CA ALA A 68 -3.20 3.64 -6.96
C ALA A 68 -3.97 4.86 -6.46
N ALA A 69 -5.29 4.75 -6.44
CA ALA A 69 -6.14 5.84 -5.99
C ALA A 69 -6.05 6.03 -4.48
N LEU A 70 -5.64 4.97 -3.79
CA LEU A 70 -5.51 5.02 -2.33
C LEU A 70 -4.50 6.07 -1.92
N PRO A 71 -3.25 5.93 -2.40
CA PRO A 71 -2.17 6.87 -2.08
C PRO A 71 -2.37 8.23 -2.75
N GLY A 72 -2.98 8.22 -3.93
CA GLY A 72 -3.22 9.47 -4.64
C GLY A 72 -4.32 10.30 -4.00
N LYS A 73 -5.37 9.63 -3.53
CA LYS A 73 -6.49 10.31 -2.90
C LYS A 73 -6.13 10.75 -1.48
N CYS A 74 -5.21 10.01 -0.85
CA CYS A 74 -4.78 10.32 0.51
C CYS A 74 -3.69 11.38 0.49
N GLY A 75 -3.38 11.90 -0.69
CA GLY A 75 -2.36 12.93 -0.82
C GLY A 75 -0.96 12.38 -0.58
N VAL A 76 -0.85 11.06 -0.46
CA VAL A 76 0.43 10.42 -0.24
C VAL A 76 0.79 9.47 -1.39
N ASN A 77 1.40 10.03 -2.42
CA ASN A 77 1.79 9.24 -3.59
C ASN A 77 3.19 8.66 -3.41
N ILE A 78 3.43 7.51 -4.00
CA ILE A 78 4.73 6.85 -3.89
C ILE A 78 5.41 6.77 -5.27
N PRO A 79 6.75 6.63 -5.25
CA PRO A 79 7.55 6.54 -6.48
C PRO A 79 7.32 5.23 -7.22
N TYR A 80 6.59 4.32 -6.59
CA TYR A 80 6.31 3.02 -7.19
C TYR A 80 4.81 2.76 -7.23
N LYS A 81 4.37 2.06 -8.27
CA LYS A 81 2.95 1.74 -8.43
C LYS A 81 2.59 0.46 -7.67
N ILE A 82 1.30 0.14 -7.64
CA ILE A 82 0.83 -1.04 -6.94
C ILE A 82 0.16 -2.01 -7.92
N SER A 83 0.67 -3.24 -7.98
CA SER A 83 0.13 -4.26 -8.86
C SER A 83 0.89 -5.57 -8.72
N THR A 84 0.24 -6.67 -9.09
CA THR A 84 0.86 -7.98 -9.00
C THR A 84 2.01 -8.12 -9.99
N THR A 85 2.08 -7.18 -10.94
CA THR A 85 3.13 -7.19 -11.94
C THR A 85 4.13 -6.07 -11.71
N THR A 86 4.20 -5.59 -10.47
CA THR A 86 5.11 -4.51 -10.12
C THR A 86 6.30 -5.04 -9.31
N ASN A 87 7.48 -4.49 -9.57
CA ASN A 87 8.68 -4.90 -8.86
C ASN A 87 9.34 -3.71 -8.16
N CYS A 88 9.19 -3.65 -6.84
CA CYS A 88 9.75 -2.57 -6.05
C CYS A 88 11.26 -2.75 -5.89
N ASN A 89 11.72 -3.99 -6.00
CA ASN A 89 13.14 -4.30 -5.87
C ASN A 89 13.95 -3.59 -6.95
N THR A 90 13.28 -3.21 -8.03
CA THR A 90 13.94 -2.52 -9.15
C THR A 90 13.79 -1.01 -9.01
N VAL A 91 13.47 -0.56 -7.80
CA VAL A 91 13.30 0.87 -7.54
C VAL A 91 14.58 1.49 -6.99
N LYS A 92 14.93 2.66 -7.51
CA LYS A 92 16.13 3.36 -7.06
C LYS A 92 15.79 4.46 -6.06
N PHE A 93 16.07 4.20 -4.79
CA PHE A 93 15.79 5.17 -3.74
C PHE A 93 14.34 5.62 -3.79
N ALA A 1 12.15 -1.10 11.61
CA ALA A 1 12.18 -2.25 10.72
C ALA A 1 10.78 -2.79 10.46
N ILE A 2 10.28 -2.57 9.26
CA ILE A 2 8.94 -3.04 8.89
C ILE A 2 8.94 -4.56 8.65
N SER A 3 8.15 -5.27 9.44
CA SER A 3 8.06 -6.72 9.32
C SER A 3 6.87 -7.11 8.44
N CYS A 4 5.66 -7.01 8.99
CA CYS A 4 4.46 -7.35 8.26
C CYS A 4 3.21 -7.02 9.09
N GLY A 5 3.28 -7.32 10.39
CA GLY A 5 2.16 -7.05 11.26
C GLY A 5 1.71 -5.61 11.22
N ALA A 6 2.66 -4.70 11.03
CA ALA A 6 2.36 -3.27 10.97
C ALA A 6 1.76 -2.91 9.61
N VAL A 7 2.12 -3.67 8.59
CA VAL A 7 1.62 -3.42 7.24
C VAL A 7 0.17 -3.86 7.10
N THR A 8 -0.15 -5.03 7.66
CA THR A 8 -1.51 -5.56 7.61
C THR A 8 -2.47 -4.68 8.39
N SER A 9 -1.94 -3.90 9.32
CA SER A 9 -2.76 -3.01 10.14
C SER A 9 -3.50 -2.00 9.27
N ASP A 10 -2.75 -1.31 8.42
CA ASP A 10 -3.33 -0.31 7.54
C ASP A 10 -4.09 -0.96 6.39
N LEU A 11 -3.76 -2.22 6.11
CA LEU A 11 -4.40 -2.97 5.04
C LEU A 11 -5.85 -3.29 5.39
N SER A 12 -6.10 -3.54 6.67
CA SER A 12 -7.44 -3.87 7.13
C SER A 12 -8.44 -2.79 6.71
N PRO A 13 -8.17 -1.55 7.13
CA PRO A 13 -9.03 -0.40 6.81
C PRO A 13 -8.96 -0.02 5.33
N CYS A 14 -7.86 -0.39 4.68
CA CYS A 14 -7.68 -0.09 3.27
C CYS A 14 -8.36 -1.14 2.40
N LEU A 15 -8.70 -2.27 3.00
CA LEU A 15 -9.37 -3.35 2.28
C LEU A 15 -10.76 -2.92 1.81
N THR A 16 -11.52 -2.31 2.72
CA THR A 16 -12.87 -1.86 2.39
C THR A 16 -12.87 -1.01 1.12
N TYR A 17 -11.86 -0.18 0.96
CA TYR A 17 -11.74 0.68 -0.21
C TYR A 17 -11.10 -0.07 -1.37
N LEU A 18 -10.11 -0.91 -1.06
CA LEU A 18 -9.42 -1.69 -2.07
C LEU A 18 -10.34 -2.74 -2.68
N THR A 19 -11.49 -2.95 -2.04
CA THR A 19 -12.46 -3.93 -2.51
C THR A 19 -13.51 -3.28 -3.41
N GLY A 20 -13.54 -1.95 -3.41
CA GLY A 20 -14.50 -1.23 -4.23
C GLY A 20 -15.51 -0.47 -3.41
N GLY A 21 -15.40 -0.58 -2.09
CA GLY A 21 -16.32 0.11 -1.20
C GLY A 21 -16.03 1.60 -1.11
N PRO A 22 -16.67 2.27 -0.15
CA PRO A 22 -16.49 3.71 0.07
C PRO A 22 -15.12 4.04 0.62
N GLY A 23 -14.53 5.12 0.12
CA GLY A 23 -13.21 5.54 0.57
C GLY A 23 -12.55 6.51 -0.37
N PRO A 24 -11.23 6.70 -0.21
CA PRO A 24 -10.46 6.02 0.84
C PRO A 24 -10.82 6.52 2.24
N SER A 25 -10.98 5.59 3.17
CA SER A 25 -11.34 5.93 4.54
C SER A 25 -10.23 6.75 5.20
N PRO A 26 -10.56 7.41 6.32
CA PRO A 26 -9.62 8.24 7.06
C PRO A 26 -8.54 7.42 7.76
N GLN A 27 -8.96 6.30 8.35
CA GLN A 27 -8.02 5.42 9.06
C GLN A 27 -7.03 4.80 8.08
N CYS A 28 -7.50 4.48 6.88
CA CYS A 28 -6.65 3.87 5.86
C CYS A 28 -5.54 4.83 5.44
N CYS A 29 -5.93 6.07 5.12
CA CYS A 29 -4.98 7.09 4.69
C CYS A 29 -3.84 7.22 5.69
N GLY A 30 -4.19 7.38 6.96
CA GLY A 30 -3.19 7.51 8.00
C GLY A 30 -2.20 6.36 8.00
N GLY A 31 -2.72 5.14 7.86
CA GLY A 31 -1.85 3.97 7.85
C GLY A 31 -0.97 3.91 6.63
N VAL A 32 -1.55 4.22 5.46
CA VAL A 32 -0.80 4.20 4.21
C VAL A 32 0.44 5.07 4.30
N LYS A 33 0.24 6.35 4.56
CA LYS A 33 1.36 7.29 4.67
C LYS A 33 2.33 6.87 5.76
N LYS A 34 1.84 6.06 6.71
CA LYS A 34 2.66 5.58 7.80
C LYS A 34 3.63 4.50 7.32
N LEU A 35 3.15 3.63 6.45
CA LEU A 35 3.97 2.55 5.90
C LEU A 35 5.11 3.11 5.05
N LEU A 36 4.80 4.11 4.24
CA LEU A 36 5.78 4.73 3.37
C LEU A 36 6.72 5.64 4.17
N ALA A 37 6.17 6.31 5.18
CA ALA A 37 6.96 7.20 6.03
C ALA A 37 7.82 6.40 7.00
N ALA A 38 7.40 5.18 7.30
CA ALA A 38 8.12 4.32 8.22
C ALA A 38 9.33 3.68 7.53
N ALA A 39 9.36 3.76 6.21
CA ALA A 39 10.45 3.18 5.43
C ALA A 39 11.10 4.23 4.53
N ASN A 40 12.08 4.94 5.07
CA ASN A 40 12.78 5.97 4.32
C ASN A 40 13.86 5.36 3.42
N THR A 41 14.50 4.30 3.92
CA THR A 41 15.55 3.63 3.18
C THR A 41 14.97 2.61 2.21
N THR A 42 15.85 1.87 1.52
CA THR A 42 15.43 0.87 0.57
C THR A 42 15.07 -0.45 1.27
N PRO A 43 15.97 -0.91 2.14
CA PRO A 43 15.78 -2.16 2.90
C PRO A 43 14.40 -2.22 3.55
N ASP A 44 14.05 -1.18 4.29
CA ASP A 44 12.76 -1.13 4.96
C ASP A 44 11.62 -1.10 3.96
N ARG A 45 11.79 -0.32 2.90
CA ARG A 45 10.77 -0.21 1.86
C ARG A 45 10.55 -1.54 1.16
N GLN A 46 11.60 -2.34 1.08
CA GLN A 46 11.52 -3.65 0.44
C GLN A 46 10.63 -4.60 1.25
N ALA A 47 10.89 -4.67 2.55
CA ALA A 47 10.12 -5.54 3.43
C ALA A 47 8.63 -5.23 3.32
N ALA A 48 8.25 -4.00 3.60
CA ALA A 48 6.86 -3.59 3.54
C ALA A 48 6.28 -3.86 2.15
N CYS A 49 6.95 -3.37 1.12
CA CYS A 49 6.49 -3.56 -0.25
C CYS A 49 6.13 -5.03 -0.51
N ASN A 50 6.93 -5.93 0.07
CA ASN A 50 6.69 -7.36 -0.09
C ASN A 50 5.37 -7.78 0.55
N CYS A 51 5.10 -7.23 1.74
CA CYS A 51 3.88 -7.55 2.46
C CYS A 51 2.67 -6.93 1.77
N LEU A 52 2.86 -5.75 1.19
CA LEU A 52 1.79 -5.05 0.50
C LEU A 52 1.49 -5.70 -0.85
N LYS A 53 2.51 -5.79 -1.69
CA LYS A 53 2.36 -6.40 -3.01
C LYS A 53 1.68 -7.76 -2.91
N SER A 54 2.08 -8.54 -1.90
CA SER A 54 1.52 -9.87 -1.69
C SER A 54 0.11 -9.78 -1.11
N ALA A 55 -0.15 -8.70 -0.37
CA ALA A 55 -1.45 -8.49 0.25
C ALA A 55 -2.50 -8.12 -0.80
N ALA A 56 -2.17 -7.12 -1.61
CA ALA A 56 -3.09 -6.66 -2.66
C ALA A 56 -3.30 -7.74 -3.71
N GLY A 57 -2.40 -8.73 -3.74
CA GLY A 57 -2.50 -9.81 -4.70
C GLY A 57 -3.67 -10.73 -4.40
N SER A 58 -4.21 -10.63 -3.19
CA SER A 58 -5.33 -11.49 -2.78
C SER A 58 -6.63 -10.69 -2.77
N ILE A 59 -6.66 -9.59 -3.52
CA ILE A 59 -7.84 -8.75 -3.60
C ILE A 59 -8.77 -9.20 -4.72
N THR A 60 -9.91 -9.77 -4.35
CA THR A 60 -10.88 -10.26 -5.33
C THR A 60 -11.31 -9.13 -6.27
N LYS A 61 -11.11 -9.34 -7.57
CA LYS A 61 -11.48 -8.35 -8.57
C LYS A 61 -10.81 -7.01 -8.28
N LEU A 62 -9.52 -7.05 -7.99
CA LEU A 62 -8.76 -5.85 -7.70
C LEU A 62 -8.96 -4.80 -8.79
N ASN A 63 -9.09 -3.54 -8.38
CA ASN A 63 -9.29 -2.44 -9.32
C ASN A 63 -8.06 -1.54 -9.38
N THR A 64 -7.28 -1.69 -10.45
CA THR A 64 -6.08 -0.88 -10.62
C THR A 64 -6.38 0.60 -10.50
N ASN A 65 -7.58 1.00 -10.91
CA ASN A 65 -7.99 2.39 -10.85
C ASN A 65 -8.21 2.83 -9.40
N ASN A 66 -8.86 1.98 -8.62
CA ASN A 66 -9.14 2.28 -7.23
C ASN A 66 -7.86 2.19 -6.39
N ALA A 67 -7.01 1.22 -6.71
CA ALA A 67 -5.76 1.04 -6.00
C ALA A 67 -4.86 2.27 -6.14
N ALA A 68 -4.85 2.86 -7.34
CA ALA A 68 -4.05 4.04 -7.60
C ALA A 68 -4.69 5.29 -7.00
N ALA A 69 -6.00 5.27 -6.88
CA ALA A 69 -6.73 6.41 -6.32
C ALA A 69 -6.55 6.48 -4.81
N LEU A 70 -6.33 5.33 -4.18
CA LEU A 70 -6.14 5.27 -2.74
C LEU A 70 -5.02 6.22 -2.30
N PRO A 71 -3.82 6.03 -2.86
CA PRO A 71 -2.65 6.85 -2.53
C PRO A 71 -2.79 8.27 -3.07
N GLY A 72 -3.25 8.39 -4.32
CA GLY A 72 -3.42 9.70 -4.92
C GLY A 72 -4.40 10.57 -4.17
N LYS A 73 -5.41 9.94 -3.58
CA LYS A 73 -6.43 10.66 -2.82
C LYS A 73 -5.91 11.06 -1.45
N CYS A 74 -5.07 10.20 -0.87
CA CYS A 74 -4.50 10.46 0.44
C CYS A 74 -3.28 11.37 0.34
N GLY A 75 -2.96 11.79 -0.89
CA GLY A 75 -1.83 12.67 -1.11
C GLY A 75 -0.50 11.97 -0.86
N VAL A 76 -0.45 10.67 -1.18
CA VAL A 76 0.76 9.89 -1.00
C VAL A 76 0.92 8.85 -2.11
N ASN A 77 1.47 9.27 -3.24
CA ASN A 77 1.67 8.37 -4.37
C ASN A 77 3.03 7.69 -4.29
N ILE A 78 3.25 6.72 -5.17
CA ILE A 78 4.51 5.99 -5.19
C ILE A 78 5.22 6.16 -6.53
N PRO A 79 6.53 5.90 -6.54
CA PRO A 79 7.36 6.02 -7.76
C PRO A 79 7.03 4.94 -8.78
N TYR A 80 6.21 3.98 -8.37
CA TYR A 80 5.83 2.88 -9.27
C TYR A 80 4.34 2.58 -9.14
N LYS A 81 3.81 1.86 -10.12
CA LYS A 81 2.39 1.50 -10.13
C LYS A 81 2.14 0.26 -9.28
N ILE A 82 0.88 0.04 -8.92
CA ILE A 82 0.51 -1.11 -8.10
C ILE A 82 0.19 -2.32 -8.97
N SER A 83 0.92 -3.41 -8.74
CA SER A 83 0.70 -4.63 -9.51
C SER A 83 1.62 -5.75 -9.01
N THR A 84 1.44 -6.95 -9.55
CA THR A 84 2.24 -8.10 -9.16
C THR A 84 3.60 -8.07 -9.86
N THR A 85 3.82 -7.06 -10.70
CA THR A 85 5.07 -6.94 -11.43
C THR A 85 5.86 -5.71 -10.96
N THR A 86 5.79 -5.42 -9.67
CA THR A 86 6.48 -4.27 -9.10
C THR A 86 7.42 -4.69 -7.98
N ASN A 87 8.68 -4.28 -8.07
CA ASN A 87 9.67 -4.63 -7.05
C ASN A 87 10.40 -3.38 -6.58
N CYS A 88 10.00 -2.87 -5.42
CA CYS A 88 10.62 -1.68 -4.85
C CYS A 88 12.13 -1.85 -4.71
N ASN A 89 12.56 -3.11 -4.58
CA ASN A 89 13.98 -3.42 -4.45
C ASN A 89 14.78 -2.88 -5.64
N THR A 90 14.13 -2.85 -6.80
CA THR A 90 14.76 -2.36 -8.02
C THR A 90 14.44 -0.88 -8.26
N VAL A 91 14.00 -0.20 -7.21
CA VAL A 91 13.65 1.21 -7.30
C VAL A 91 14.00 1.95 -6.03
N LYS A 92 14.86 2.96 -6.15
CA LYS A 92 15.29 3.75 -5.00
C LYS A 92 14.60 5.11 -4.99
N PHE A 93 13.74 5.33 -4.01
CA PHE A 93 13.01 6.59 -3.89
C PHE A 93 12.29 6.93 -5.19
N ALA A 1 11.85 0.04 11.61
CA ALA A 1 11.94 -1.12 10.73
C ALA A 1 10.56 -1.72 10.47
N ILE A 2 10.14 -1.67 9.22
CA ILE A 2 8.84 -2.21 8.83
C ILE A 2 8.87 -3.73 8.78
N SER A 3 8.03 -4.36 9.62
CA SER A 3 7.97 -5.81 9.68
C SER A 3 6.85 -6.34 8.78
N CYS A 4 5.62 -6.20 9.26
CA CYS A 4 4.45 -6.67 8.51
C CYS A 4 3.16 -6.32 9.24
N GLY A 5 3.17 -6.50 10.56
CA GLY A 5 1.99 -6.20 11.35
C GLY A 5 1.49 -4.78 11.15
N ALA A 6 2.42 -3.86 10.91
CA ALA A 6 2.08 -2.47 10.69
C ALA A 6 1.50 -2.25 9.30
N VAL A 7 1.93 -3.08 8.35
CA VAL A 7 1.45 -2.98 6.97
C VAL A 7 0.06 -3.60 6.83
N THR A 8 -0.11 -4.80 7.40
CA THR A 8 -1.38 -5.50 7.33
C THR A 8 -2.46 -4.74 8.09
N SER A 9 -2.06 -3.96 9.09
CA SER A 9 -2.99 -3.19 9.88
C SER A 9 -3.74 -2.17 9.02
N ASP A 10 -2.98 -1.44 8.21
CA ASP A 10 -3.55 -0.42 7.33
C ASP A 10 -4.24 -1.07 6.13
N LEU A 11 -3.83 -2.30 5.82
CA LEU A 11 -4.41 -3.04 4.70
C LEU A 11 -5.85 -3.45 4.99
N SER A 12 -6.12 -3.75 6.24
CA SER A 12 -7.46 -4.16 6.65
C SER A 12 -8.50 -3.13 6.23
N PRO A 13 -8.32 -1.87 6.70
CA PRO A 13 -9.23 -0.78 6.38
C PRO A 13 -9.13 -0.34 4.92
N CYS A 14 -7.99 -0.62 4.30
CA CYS A 14 -7.77 -0.27 2.91
C CYS A 14 -8.37 -1.32 1.98
N LEU A 15 -8.66 -2.49 2.52
CA LEU A 15 -9.24 -3.57 1.75
C LEU A 15 -10.61 -3.19 1.21
N THR A 16 -11.48 -2.72 2.09
CA THR A 16 -12.82 -2.31 1.70
C THR A 16 -12.79 -1.34 0.51
N TYR A 17 -11.81 -0.45 0.52
CA TYR A 17 -11.66 0.52 -0.55
C TYR A 17 -11.00 -0.11 -1.78
N LEU A 18 -9.99 -0.93 -1.54
CA LEU A 18 -9.27 -1.59 -2.61
C LEU A 18 -10.15 -2.64 -3.29
N THR A 19 -11.29 -2.95 -2.68
CA THR A 19 -12.22 -3.92 -3.23
C THR A 19 -13.31 -3.23 -4.05
N GLY A 20 -13.38 -1.90 -3.94
CA GLY A 20 -14.38 -1.16 -4.69
C GLY A 20 -15.40 -0.50 -3.79
N GLY A 21 -15.24 -0.69 -2.47
CA GLY A 21 -16.17 -0.11 -1.52
C GLY A 21 -15.97 1.39 -1.35
N PRO A 22 -16.61 1.96 -0.33
CA PRO A 22 -16.51 3.39 -0.04
C PRO A 22 -15.13 3.78 0.49
N GLY A 23 -14.64 4.93 0.04
CA GLY A 23 -13.33 5.40 0.49
C GLY A 23 -12.79 6.51 -0.39
N PRO A 24 -11.51 6.86 -0.19
CA PRO A 24 -10.66 6.20 0.82
C PRO A 24 -11.08 6.55 2.24
N SER A 25 -11.21 5.52 3.08
CA SER A 25 -11.61 5.71 4.46
C SER A 25 -10.55 6.50 5.23
N PRO A 26 -10.95 7.03 6.39
CA PRO A 26 -10.04 7.83 7.25
C PRO A 26 -8.97 6.96 7.89
N GLN A 27 -9.34 5.75 8.29
CA GLN A 27 -8.41 4.83 8.93
C GLN A 27 -7.38 4.31 7.92
N CYS A 28 -7.84 4.10 6.69
CA CYS A 28 -6.97 3.59 5.63
C CYS A 28 -5.86 4.59 5.32
N CYS A 29 -6.26 5.82 5.00
CA CYS A 29 -5.30 6.88 4.67
C CYS A 29 -4.27 7.03 5.79
N GLY A 30 -4.75 7.09 7.03
CA GLY A 30 -3.85 7.24 8.16
C GLY A 30 -2.72 6.22 8.14
N GLY A 31 -3.08 4.96 8.00
CA GLY A 31 -2.07 3.90 7.97
C GLY A 31 -1.18 3.99 6.76
N VAL A 32 -1.76 4.34 5.61
CA VAL A 32 -1.00 4.46 4.37
C VAL A 32 0.18 5.40 4.54
N LYS A 33 -0.10 6.63 4.97
CA LYS A 33 0.93 7.63 5.17
C LYS A 33 1.95 7.16 6.20
N LYS A 34 1.52 6.28 7.09
CA LYS A 34 2.39 5.74 8.12
C LYS A 34 3.36 4.72 7.54
N LEU A 35 2.88 3.95 6.56
CA LEU A 35 3.70 2.93 5.93
C LEU A 35 4.86 3.55 5.17
N LEU A 36 4.56 4.59 4.40
CA LEU A 36 5.58 5.29 3.61
C LEU A 36 6.46 6.15 4.52
N ALA A 37 5.87 6.70 5.56
CA ALA A 37 6.60 7.54 6.51
C ALA A 37 7.50 6.70 7.41
N ALA A 38 7.12 5.44 7.60
CA ALA A 38 7.88 4.52 8.45
C ALA A 38 9.10 3.98 7.71
N ALA A 39 9.15 4.22 6.40
CA ALA A 39 10.26 3.75 5.58
C ALA A 39 10.90 4.92 4.82
N ASN A 40 12.19 5.10 5.01
CA ASN A 40 12.92 6.17 4.34
C ASN A 40 14.02 5.61 3.45
N THR A 41 14.67 4.55 3.91
CA THR A 41 15.75 3.92 3.16
C THR A 41 15.19 2.86 2.20
N THR A 42 16.10 2.11 1.57
CA THR A 42 15.71 1.07 0.63
C THR A 42 15.30 -0.20 1.36
N PRO A 43 16.17 -0.67 2.27
CA PRO A 43 15.92 -1.89 3.05
C PRO A 43 14.53 -1.90 3.67
N ASP A 44 14.16 -0.79 4.30
CA ASP A 44 12.84 -0.69 4.93
C ASP A 44 11.73 -0.75 3.89
N ARG A 45 11.91 -0.02 2.80
CA ARG A 45 10.93 0.01 1.72
C ARG A 45 10.76 -1.37 1.10
N GLN A 46 11.84 -2.14 1.08
CA GLN A 46 11.82 -3.48 0.50
C GLN A 46 10.94 -4.42 1.35
N ALA A 47 11.08 -4.32 2.67
CA ALA A 47 10.29 -5.14 3.57
C ALA A 47 8.80 -4.90 3.39
N ALA A 48 8.40 -3.64 3.47
CA ALA A 48 6.99 -3.27 3.33
C ALA A 48 6.45 -3.75 1.98
N CYS A 49 7.13 -3.39 0.90
CA CYS A 49 6.72 -3.79 -0.44
C CYS A 49 6.39 -5.27 -0.49
N ASN A 50 7.18 -6.07 0.22
CA ASN A 50 6.98 -7.52 0.26
C ASN A 50 5.66 -7.87 0.93
N CYS A 51 5.36 -7.18 2.03
CA CYS A 51 4.12 -7.42 2.77
C CYS A 51 2.92 -6.87 2.01
N LEU A 52 3.13 -5.77 1.29
CA LEU A 52 2.07 -5.15 0.51
C LEU A 52 1.76 -5.96 -0.75
N LYS A 53 2.77 -6.14 -1.58
CA LYS A 53 2.61 -6.91 -2.81
C LYS A 53 1.95 -8.26 -2.54
N SER A 54 2.36 -8.90 -1.46
CA SER A 54 1.80 -10.20 -1.09
C SER A 54 0.41 -10.05 -0.49
N ALA A 55 0.16 -8.89 0.11
CA ALA A 55 -1.14 -8.62 0.71
C ALA A 55 -2.20 -8.36 -0.35
N ALA A 56 -1.93 -7.38 -1.21
CA ALA A 56 -2.87 -7.02 -2.28
C ALA A 56 -3.02 -8.17 -3.27
N GLY A 57 -2.10 -9.13 -3.21
CA GLY A 57 -2.14 -10.26 -4.11
C GLY A 57 -3.41 -11.08 -3.95
N SER A 58 -4.11 -10.87 -2.84
CA SER A 58 -5.35 -11.60 -2.57
C SER A 58 -6.56 -10.80 -3.04
N ILE A 59 -6.31 -9.65 -3.64
CA ILE A 59 -7.38 -8.80 -4.14
C ILE A 59 -7.80 -9.22 -5.54
N THR A 60 -8.99 -9.83 -5.63
CA THR A 60 -9.52 -10.28 -6.91
C THR A 60 -10.02 -9.10 -7.75
N LYS A 61 -9.60 -9.07 -9.02
CA LYS A 61 -10.00 -8.01 -9.92
C LYS A 61 -9.67 -6.64 -9.34
N LEU A 62 -8.46 -6.51 -8.80
CA LEU A 62 -8.02 -5.25 -8.21
C LEU A 62 -8.23 -4.09 -9.19
N ASN A 63 -8.67 -2.95 -8.64
CA ASN A 63 -8.91 -1.76 -9.46
C ASN A 63 -7.79 -0.75 -9.29
N THR A 64 -6.89 -0.71 -10.26
CA THR A 64 -5.77 0.22 -10.21
C THR A 64 -6.24 1.66 -10.02
N ASN A 65 -7.42 1.96 -10.56
CA ASN A 65 -8.00 3.29 -10.45
C ASN A 65 -8.33 3.62 -8.99
N ASN A 66 -8.95 2.68 -8.30
CA ASN A 66 -9.33 2.87 -6.91
C ASN A 66 -8.10 2.81 -6.01
N ALA A 67 -7.21 1.85 -6.28
CA ALA A 67 -6.00 1.69 -5.50
C ALA A 67 -5.08 2.90 -5.64
N ALA A 68 -4.96 3.40 -6.87
CA ALA A 68 -4.11 4.56 -7.14
C ALA A 68 -4.77 5.84 -6.65
N ALA A 69 -6.09 5.81 -6.52
CA ALA A 69 -6.85 6.98 -6.06
C ALA A 69 -6.66 7.19 -4.56
N LEU A 70 -6.54 6.09 -3.82
CA LEU A 70 -6.36 6.15 -2.37
C LEU A 70 -5.26 7.13 -2.01
N PRO A 71 -4.04 6.88 -2.54
CA PRO A 71 -2.87 7.73 -2.28
C PRO A 71 -2.99 9.09 -2.94
N GLY A 72 -3.33 9.09 -4.23
CA GLY A 72 -3.47 10.34 -4.95
C GLY A 72 -4.48 11.27 -4.33
N LYS A 73 -5.45 10.70 -3.63
CA LYS A 73 -6.49 11.49 -2.97
C LYS A 73 -5.96 12.13 -1.69
N CYS A 74 -5.29 11.32 -0.86
CA CYS A 74 -4.73 11.82 0.39
C CYS A 74 -3.37 12.45 0.17
N GLY A 75 -2.95 12.52 -1.10
CA GLY A 75 -1.67 13.11 -1.42
C GLY A 75 -0.50 12.35 -0.83
N VAL A 76 -0.60 11.02 -0.88
CA VAL A 76 0.46 10.15 -0.35
C VAL A 76 0.62 8.89 -1.19
N ASN A 77 1.35 9.02 -2.30
CA ASN A 77 1.57 7.89 -3.19
C ASN A 77 3.01 7.37 -3.06
N ILE A 78 3.30 6.27 -3.74
CA ILE A 78 4.63 5.68 -3.71
C ILE A 78 5.33 5.81 -5.05
N PRO A 79 6.67 5.77 -5.04
CA PRO A 79 7.48 5.88 -6.25
C PRO A 79 7.37 4.65 -7.14
N TYR A 80 6.71 3.61 -6.63
CA TYR A 80 6.53 2.38 -7.38
C TYR A 80 5.05 2.14 -7.67
N LYS A 81 4.76 0.99 -8.28
CA LYS A 81 3.39 0.63 -8.62
C LYS A 81 2.81 -0.35 -7.61
N ILE A 82 1.50 -0.47 -7.58
CA ILE A 82 0.82 -1.38 -6.66
C ILE A 82 0.15 -2.53 -7.41
N SER A 83 0.73 -3.71 -7.31
CA SER A 83 0.18 -4.89 -7.98
C SER A 83 0.99 -6.13 -7.63
N THR A 84 0.35 -7.30 -7.72
CA THR A 84 1.01 -8.57 -7.42
C THR A 84 2.06 -8.90 -8.46
N THR A 85 2.07 -8.16 -9.56
CA THR A 85 3.02 -8.38 -10.64
C THR A 85 4.01 -7.23 -10.73
N THR A 86 4.35 -6.64 -9.59
CA THR A 86 5.30 -5.53 -9.54
C THR A 86 6.54 -5.90 -8.74
N ASN A 87 7.69 -5.40 -9.19
CA ASN A 87 8.95 -5.68 -8.50
C ASN A 87 9.52 -4.41 -7.87
N CYS A 88 9.43 -4.33 -6.55
CA CYS A 88 9.94 -3.16 -5.83
C CYS A 88 11.47 -3.18 -5.77
N ASN A 89 12.05 -4.37 -5.90
CA ASN A 89 13.50 -4.51 -5.87
C ASN A 89 14.15 -3.75 -7.02
N THR A 90 13.37 -3.49 -8.07
CA THR A 90 13.87 -2.77 -9.23
C THR A 90 13.55 -1.28 -9.13
N VAL A 91 13.27 -0.82 -7.92
CA VAL A 91 12.96 0.58 -7.69
C VAL A 91 14.20 1.36 -7.25
N LYS A 92 14.47 2.47 -7.92
CA LYS A 92 15.62 3.30 -7.60
C LYS A 92 15.21 4.49 -6.75
N PHE A 93 15.58 4.46 -5.48
CA PHE A 93 15.24 5.55 -4.56
C PHE A 93 13.75 5.85 -4.59
N ALA A 1 11.10 -0.16 12.10
CA ALA A 1 11.25 -0.77 10.79
C ALA A 1 9.99 -1.52 10.37
N ILE A 2 9.74 -1.56 9.07
CA ILE A 2 8.56 -2.24 8.54
C ILE A 2 8.79 -3.74 8.48
N SER A 3 7.71 -4.51 8.69
CA SER A 3 7.80 -5.96 8.66
C SER A 3 6.54 -6.57 8.03
N CYS A 4 5.42 -6.46 8.75
CA CYS A 4 4.15 -7.00 8.26
C CYS A 4 3.03 -6.65 9.23
N GLY A 5 3.30 -6.75 10.52
CA GLY A 5 2.30 -6.46 11.52
C GLY A 5 1.71 -5.06 11.36
N ALA A 6 2.53 -4.12 10.92
CA ALA A 6 2.09 -2.75 10.72
C ALA A 6 1.45 -2.58 9.34
N VAL A 7 1.83 -3.44 8.41
CA VAL A 7 1.30 -3.39 7.05
C VAL A 7 -0.13 -3.94 6.99
N THR A 8 -0.35 -5.05 7.70
CA THR A 8 -1.66 -5.69 7.72
C THR A 8 -2.67 -4.82 8.48
N SER A 9 -2.16 -3.99 9.38
CA SER A 9 -3.03 -3.12 10.17
C SER A 9 -3.73 -2.10 9.28
N ASP A 10 -2.96 -1.39 8.46
CA ASP A 10 -3.50 -0.39 7.56
C ASP A 10 -4.20 -1.06 6.37
N LEU A 11 -3.84 -2.31 6.11
CA LEU A 11 -4.42 -3.05 5.00
C LEU A 11 -5.88 -3.39 5.28
N SER A 12 -6.19 -3.66 6.54
CA SER A 12 -7.56 -3.99 6.94
C SER A 12 -8.54 -2.92 6.48
N PRO A 13 -8.30 -1.68 6.92
CA PRO A 13 -9.16 -0.54 6.56
C PRO A 13 -9.03 -0.16 5.09
N CYS A 14 -7.90 -0.51 4.49
CA CYS A 14 -7.64 -0.20 3.09
C CYS A 14 -8.28 -1.24 2.18
N LEU A 15 -8.63 -2.38 2.76
CA LEU A 15 -9.25 -3.47 2.00
C LEU A 15 -10.61 -3.05 1.46
N THR A 16 -11.44 -2.47 2.34
CA THR A 16 -12.77 -2.02 1.95
C THR A 16 -12.71 -1.15 0.70
N TYR A 17 -11.66 -0.34 0.59
CA TYR A 17 -11.50 0.55 -0.55
C TYR A 17 -10.81 -0.19 -1.70
N LEU A 18 -9.85 -1.05 -1.37
CA LEU A 18 -9.13 -1.81 -2.37
C LEU A 18 -10.01 -2.87 -3.01
N THR A 19 -11.20 -3.06 -2.43
CA THR A 19 -12.14 -4.06 -2.94
C THR A 19 -13.15 -3.41 -3.90
N GLY A 20 -13.20 -2.09 -3.88
CA GLY A 20 -14.12 -1.37 -4.76
C GLY A 20 -15.23 -0.69 -3.99
N GLY A 21 -15.09 -0.65 -2.66
CA GLY A 21 -16.10 -0.02 -1.84
C GLY A 21 -15.86 1.46 -1.65
N PRO A 22 -16.54 2.06 -0.65
CA PRO A 22 -16.41 3.49 -0.36
C PRO A 22 -15.05 3.83 0.25
N GLY A 23 -14.48 4.96 -0.17
CA GLY A 23 -13.19 5.37 0.34
C GLY A 23 -12.50 6.38 -0.57
N PRO A 24 -11.20 6.60 -0.35
CA PRO A 24 -10.45 5.90 0.71
C PRO A 24 -10.87 6.35 2.10
N SER A 25 -11.03 5.40 3.01
CA SER A 25 -11.42 5.70 4.38
C SER A 25 -10.35 6.53 5.09
N PRO A 26 -10.74 7.17 6.20
CA PRO A 26 -9.84 8.01 6.98
C PRO A 26 -8.76 7.19 7.70
N GLN A 27 -9.17 6.05 8.25
CA GLN A 27 -8.25 5.18 8.97
C GLN A 27 -7.22 4.59 8.02
N CYS A 28 -7.63 4.30 6.79
CA CYS A 28 -6.75 3.73 5.79
C CYS A 28 -5.64 4.72 5.42
N CYS A 29 -6.04 5.94 5.10
CA CYS A 29 -5.09 6.98 4.72
C CYS A 29 -4.00 7.13 5.78
N GLY A 30 -4.41 7.26 7.03
CA GLY A 30 -3.46 7.41 8.13
C GLY A 30 -2.43 6.29 8.15
N GLY A 31 -2.90 5.06 7.99
CA GLY A 31 -2.00 3.92 8.00
C GLY A 31 -1.09 3.89 6.79
N VAL A 32 -1.65 4.20 5.63
CA VAL A 32 -0.87 4.21 4.39
C VAL A 32 0.35 5.10 4.51
N LYS A 33 0.12 6.38 4.79
CA LYS A 33 1.20 7.34 4.94
C LYS A 33 2.21 6.87 5.99
N LYS A 34 1.74 6.04 6.92
CA LYS A 34 2.59 5.52 7.98
C LYS A 34 3.58 4.50 7.43
N LEU A 35 3.10 3.62 6.57
CA LEU A 35 3.94 2.59 5.96
C LEU A 35 5.01 3.22 5.07
N LEU A 36 4.67 4.34 4.45
CA LEU A 36 5.60 5.05 3.58
C LEU A 36 6.50 5.98 4.37
N ALA A 37 5.97 6.51 5.46
CA ALA A 37 6.74 7.42 6.32
C ALA A 37 7.77 6.66 7.14
N ALA A 38 7.45 5.42 7.48
CA ALA A 38 8.36 4.58 8.27
C ALA A 38 9.43 3.96 7.39
N ALA A 39 9.34 4.20 6.09
CA ALA A 39 10.30 3.66 5.13
C ALA A 39 10.94 4.76 4.31
N ASN A 40 12.13 5.18 4.70
CA ASN A 40 12.86 6.24 3.99
C ASN A 40 13.92 5.65 3.07
N THR A 41 14.46 4.50 3.46
CA THR A 41 15.49 3.84 2.67
C THR A 41 14.87 2.77 1.77
N THR A 42 15.74 1.98 1.11
CA THR A 42 15.27 0.92 0.22
C THR A 42 14.91 -0.32 1.00
N PRO A 43 15.81 -0.77 1.90
CA PRO A 43 15.60 -1.96 2.72
C PRO A 43 14.23 -1.96 3.39
N ASP A 44 13.84 -0.82 3.97
CA ASP A 44 12.55 -0.70 4.64
C ASP A 44 11.41 -0.85 3.63
N ARG A 45 11.48 -0.10 2.54
CA ARG A 45 10.45 -0.15 1.51
C ARG A 45 10.35 -1.55 0.91
N GLN A 46 11.46 -2.29 0.95
CA GLN A 46 11.49 -3.64 0.41
C GLN A 46 10.65 -4.59 1.24
N ALA A 47 10.85 -4.54 2.55
CA ALA A 47 10.10 -5.39 3.47
C ALA A 47 8.60 -5.18 3.33
N ALA A 48 8.18 -3.91 3.37
CA ALA A 48 6.77 -3.57 3.25
C ALA A 48 6.23 -4.00 1.88
N CYS A 49 6.88 -3.55 0.82
CA CYS A 49 6.45 -3.88 -0.53
C CYS A 49 6.20 -5.38 -0.66
N ASN A 50 7.00 -6.18 0.03
CA ASN A 50 6.86 -7.63 -0.01
C ASN A 50 5.52 -8.07 0.58
N CYS A 51 5.28 -7.66 1.83
CA CYS A 51 4.05 -8.01 2.51
C CYS A 51 2.84 -7.38 1.82
N LEU A 52 3.07 -6.25 1.15
CA LEU A 52 2.01 -5.55 0.45
C LEU A 52 1.64 -6.26 -0.84
N LYS A 53 2.65 -6.52 -1.68
CA LYS A 53 2.43 -7.21 -2.94
C LYS A 53 1.65 -8.50 -2.75
N SER A 54 1.98 -9.22 -1.68
CA SER A 54 1.30 -10.48 -1.37
C SER A 54 -0.11 -10.22 -0.84
N ALA A 55 -0.27 -9.11 -0.12
CA ALA A 55 -1.56 -8.75 0.45
C ALA A 55 -2.55 -8.38 -0.65
N ALA A 56 -2.19 -7.42 -1.49
CA ALA A 56 -3.05 -6.98 -2.58
C ALA A 56 -3.24 -8.09 -3.60
N GLY A 57 -2.31 -9.04 -3.62
CA GLY A 57 -2.40 -10.14 -4.57
C GLY A 57 -3.61 -11.01 -4.32
N SER A 58 -4.18 -10.90 -3.12
CA SER A 58 -5.36 -11.69 -2.76
C SER A 58 -6.64 -10.87 -2.90
N ILE A 59 -6.56 -9.80 -3.68
CA ILE A 59 -7.71 -8.93 -3.90
C ILE A 59 -8.51 -9.39 -5.12
N THR A 60 -9.73 -9.85 -4.88
CA THR A 60 -10.61 -10.32 -5.95
C THR A 60 -10.81 -9.23 -7.00
N LYS A 61 -10.31 -9.47 -8.20
CA LYS A 61 -10.44 -8.52 -9.30
C LYS A 61 -9.82 -7.18 -8.93
N LEU A 62 -8.56 -7.22 -8.49
CA LEU A 62 -7.85 -6.01 -8.09
C LEU A 62 -7.93 -4.96 -9.20
N ASN A 63 -8.11 -3.70 -8.80
CA ASN A 63 -8.21 -2.60 -9.75
C ASN A 63 -6.98 -1.70 -9.66
N THR A 64 -6.08 -1.83 -10.64
CA THR A 64 -4.87 -1.03 -10.66
C THR A 64 -5.19 0.47 -10.55
N ASN A 65 -6.29 0.87 -11.17
CA ASN A 65 -6.70 2.27 -11.15
C ASN A 65 -7.09 2.70 -9.73
N ASN A 66 -7.83 1.84 -9.04
CA ASN A 66 -8.25 2.13 -7.68
C ASN A 66 -7.07 2.13 -6.72
N ALA A 67 -6.17 1.18 -6.92
CA ALA A 67 -4.97 1.07 -6.07
C ALA A 67 -4.16 2.35 -6.10
N ALA A 68 -4.06 2.96 -7.28
CA ALA A 68 -3.31 4.20 -7.44
C ALA A 68 -4.09 5.39 -6.90
N ALA A 69 -5.42 5.28 -6.91
CA ALA A 69 -6.28 6.35 -6.42
C ALA A 69 -6.23 6.44 -4.89
N LEU A 70 -5.96 5.31 -4.25
CA LEU A 70 -5.88 5.26 -2.80
C LEU A 70 -4.87 6.27 -2.27
N PRO A 71 -3.61 6.15 -2.72
CA PRO A 71 -2.53 7.05 -2.31
C PRO A 71 -2.70 8.45 -2.88
N GLY A 72 -3.25 8.54 -4.08
CA GLY A 72 -3.46 9.83 -4.71
C GLY A 72 -4.50 10.67 -3.99
N LYS A 73 -5.63 10.05 -3.67
CA LYS A 73 -6.71 10.74 -2.97
C LYS A 73 -6.38 10.92 -1.50
N CYS A 74 -5.46 10.11 -1.00
CA CYS A 74 -5.05 10.19 0.40
C CYS A 74 -3.99 11.28 0.60
N GLY A 75 -3.67 11.98 -0.48
CA GLY A 75 -2.67 13.03 -0.41
C GLY A 75 -1.27 12.49 -0.16
N VAL A 76 -1.01 11.28 -0.64
CA VAL A 76 0.29 10.66 -0.47
C VAL A 76 0.66 9.81 -1.69
N ASN A 77 1.30 10.44 -2.68
CA ASN A 77 1.70 9.74 -3.89
C ASN A 77 3.08 9.13 -3.73
N ILE A 78 3.25 7.90 -4.24
CA ILE A 78 4.53 7.22 -4.15
C ILE A 78 5.14 7.02 -5.54
N PRO A 79 6.48 6.85 -5.57
CA PRO A 79 7.21 6.65 -6.83
C PRO A 79 6.92 5.31 -7.47
N TYR A 80 6.35 4.40 -6.68
CA TYR A 80 6.01 3.06 -7.18
C TYR A 80 4.51 2.84 -7.18
N LYS A 81 4.08 1.67 -7.66
CA LYS A 81 2.67 1.33 -7.70
C LYS A 81 2.31 0.34 -6.61
N ILE A 82 1.02 0.04 -6.48
CA ILE A 82 0.55 -0.90 -5.47
C ILE A 82 -0.32 -1.98 -6.10
N SER A 83 0.27 -3.15 -6.33
CA SER A 83 -0.45 -4.27 -6.93
C SER A 83 0.40 -5.53 -6.93
N THR A 84 -0.15 -6.61 -7.47
CA THR A 84 0.55 -7.88 -7.53
C THR A 84 1.57 -7.89 -8.66
N THR A 85 1.61 -6.80 -9.42
CA THR A 85 2.54 -6.68 -10.54
C THR A 85 3.44 -5.46 -10.38
N THR A 86 3.98 -5.29 -9.18
CA THR A 86 4.86 -4.16 -8.90
C THR A 86 6.26 -4.62 -8.56
N ASN A 87 7.26 -3.88 -9.01
CA ASN A 87 8.66 -4.23 -8.76
C ASN A 87 9.34 -3.14 -7.93
N CYS A 88 9.35 -3.34 -6.61
CA CYS A 88 9.98 -2.38 -5.71
C CYS A 88 11.49 -2.57 -5.67
N ASN A 89 11.94 -3.78 -5.98
CA ASN A 89 13.37 -4.09 -5.98
C ASN A 89 14.10 -3.28 -7.05
N THR A 90 13.35 -2.81 -8.05
CA THR A 90 13.92 -2.03 -9.13
C THR A 90 13.78 -0.53 -8.85
N VAL A 91 12.91 -0.19 -7.90
CA VAL A 91 12.69 1.21 -7.55
C VAL A 91 13.84 1.75 -6.71
N LYS A 92 14.48 2.81 -7.21
CA LYS A 92 15.60 3.42 -6.51
C LYS A 92 15.18 4.75 -5.88
N PHE A 93 15.13 4.78 -4.54
CA PHE A 93 14.76 5.98 -3.82
C PHE A 93 13.42 6.53 -4.33
N ALA A 1 11.72 -0.46 11.43
CA ALA A 1 11.83 -1.84 10.99
C ALA A 1 10.45 -2.44 10.66
N ILE A 2 10.03 -2.27 9.41
CA ILE A 2 8.74 -2.78 8.97
C ILE A 2 8.79 -4.29 8.79
N SER A 3 7.98 -5.01 9.58
CA SER A 3 7.93 -6.46 9.51
C SER A 3 6.79 -6.92 8.62
N CYS A 4 5.57 -6.84 9.13
CA CYS A 4 4.39 -7.24 8.38
C CYS A 4 3.12 -6.96 9.17
N GLY A 5 3.16 -7.25 10.47
CA GLY A 5 2.00 -7.02 11.32
C GLY A 5 1.51 -5.58 11.25
N ALA A 6 2.44 -4.65 11.10
CA ALA A 6 2.09 -3.23 11.02
C ALA A 6 1.55 -2.88 9.64
N VAL A 7 1.97 -3.65 8.63
CA VAL A 7 1.52 -3.41 7.27
C VAL A 7 0.08 -3.88 7.07
N THR A 8 -0.29 -4.97 7.74
CA THR A 8 -1.63 -5.52 7.63
C THR A 8 -2.63 -4.66 8.39
N SER A 9 -2.14 -3.91 9.37
CA SER A 9 -2.99 -3.04 10.18
C SER A 9 -3.69 -2.01 9.31
N ASP A 10 -2.92 -1.36 8.44
CA ASP A 10 -3.46 -0.34 7.55
C ASP A 10 -4.19 -0.98 6.37
N LEU A 11 -3.85 -2.23 6.08
CA LEU A 11 -4.47 -2.95 4.97
C LEU A 11 -5.92 -3.29 5.31
N SER A 12 -6.18 -3.58 6.57
CA SER A 12 -7.53 -3.92 7.02
C SER A 12 -8.53 -2.85 6.58
N PRO A 13 -8.30 -1.61 7.03
CA PRO A 13 -9.16 -0.47 6.71
C PRO A 13 -9.07 -0.07 5.24
N CYS A 14 -7.95 -0.42 4.60
CA CYS A 14 -7.74 -0.09 3.20
C CYS A 14 -8.39 -1.13 2.29
N LEU A 15 -8.74 -2.28 2.88
CA LEU A 15 -9.38 -3.35 2.13
C LEU A 15 -10.75 -2.94 1.62
N THR A 16 -11.55 -2.34 2.50
CA THR A 16 -12.89 -1.90 2.14
C THR A 16 -12.85 -1.03 0.88
N TYR A 17 -11.82 -0.21 0.76
CA TYR A 17 -11.67 0.67 -0.39
C TYR A 17 -10.98 -0.05 -1.54
N LEU A 18 -10.05 -0.94 -1.21
CA LEU A 18 -9.32 -1.71 -2.21
C LEU A 18 -10.21 -2.78 -2.84
N THR A 19 -11.39 -2.96 -2.27
CA THR A 19 -12.33 -3.94 -2.77
C THR A 19 -13.35 -3.31 -3.74
N GLY A 20 -13.39 -1.98 -3.74
CA GLY A 20 -14.31 -1.27 -4.60
C GLY A 20 -15.41 -0.56 -3.83
N GLY A 21 -15.26 -0.51 -2.51
CA GLY A 21 -16.26 0.15 -1.68
C GLY A 21 -15.97 1.63 -1.50
N PRO A 22 -16.64 2.24 -0.52
CA PRO A 22 -16.47 3.67 -0.21
C PRO A 22 -15.11 3.98 0.38
N GLY A 23 -14.52 5.09 -0.05
CA GLY A 23 -13.22 5.48 0.45
C GLY A 23 -12.52 6.49 -0.47
N PRO A 24 -11.22 6.68 -0.24
CA PRO A 24 -10.48 5.99 0.81
C PRO A 24 -10.89 6.45 2.21
N SER A 25 -11.06 5.50 3.12
CA SER A 25 -11.45 5.81 4.49
C SER A 25 -10.38 6.64 5.19
N PRO A 26 -10.76 7.26 6.32
CA PRO A 26 -9.83 8.09 7.11
C PRO A 26 -8.76 7.26 7.80
N GLN A 27 -9.16 6.14 8.40
CA GLN A 27 -8.22 5.27 9.10
C GLN A 27 -7.21 4.67 8.12
N CYS A 28 -7.66 4.40 6.90
CA CYS A 28 -6.80 3.82 5.88
C CYS A 28 -5.69 4.80 5.50
N CYS A 29 -6.07 6.03 5.16
CA CYS A 29 -5.11 7.05 4.77
C CYS A 29 -4.00 7.17 5.81
N GLY A 30 -4.39 7.28 7.08
CA GLY A 30 -3.42 7.41 8.14
C GLY A 30 -2.41 6.28 8.15
N GLY A 31 -2.91 5.04 8.01
CA GLY A 31 -2.02 3.89 7.99
C GLY A 31 -1.12 3.86 6.77
N VAL A 32 -1.68 4.19 5.62
CA VAL A 32 -0.91 4.20 4.37
C VAL A 32 0.34 5.07 4.51
N LYS A 33 0.13 6.35 4.83
CA LYS A 33 1.24 7.29 4.98
C LYS A 33 2.21 6.81 6.05
N LYS A 34 1.72 5.98 6.97
CA LYS A 34 2.54 5.44 8.04
C LYS A 34 3.52 4.40 7.51
N LEU A 35 3.04 3.56 6.60
CA LEU A 35 3.87 2.52 6.01
C LEU A 35 5.00 3.13 5.17
N LEU A 36 4.67 4.19 4.44
CA LEU A 36 5.66 4.86 3.59
C LEU A 36 6.59 5.73 4.43
N ALA A 37 6.02 6.36 5.46
CA ALA A 37 6.81 7.21 6.34
C ALA A 37 7.68 6.39 7.28
N ALA A 38 7.28 5.15 7.52
CA ALA A 38 8.02 4.26 8.40
C ALA A 38 9.22 3.64 7.68
N ALA A 39 9.23 3.78 6.35
CA ALA A 39 10.32 3.24 5.54
C ALA A 39 10.96 4.33 4.69
N ASN A 40 11.93 5.03 5.26
CA ASN A 40 12.62 6.10 4.55
C ASN A 40 13.72 5.55 3.66
N THR A 41 14.36 4.46 4.11
CA THR A 41 15.44 3.83 3.36
C THR A 41 14.88 2.79 2.39
N THR A 42 15.79 2.04 1.76
CA THR A 42 15.39 1.01 0.80
C THR A 42 15.01 -0.27 1.51
N PRO A 43 15.91 -0.75 2.39
CA PRO A 43 15.69 -1.99 3.15
C PRO A 43 14.31 -2.03 3.79
N ASP A 44 13.94 -0.96 4.47
CA ASP A 44 12.64 -0.87 5.14
C ASP A 44 11.51 -0.91 4.12
N ARG A 45 11.65 -0.13 3.05
CA ARG A 45 10.64 -0.07 2.00
C ARG A 45 10.48 -1.43 1.32
N GLN A 46 11.56 -2.21 1.32
CA GLN A 46 11.55 -3.53 0.70
C GLN A 46 10.65 -4.48 1.47
N ALA A 47 10.86 -4.55 2.79
CA ALA A 47 10.07 -5.43 3.64
C ALA A 47 8.58 -5.14 3.50
N ALA A 48 8.21 -3.88 3.70
CA ALA A 48 6.82 -3.46 3.59
C ALA A 48 6.25 -3.80 2.21
N CYS A 49 6.93 -3.32 1.17
CA CYS A 49 6.50 -3.56 -0.20
C CYS A 49 6.17 -5.04 -0.42
N ASN A 50 6.97 -5.91 0.18
CA ASN A 50 6.76 -7.35 0.06
C ASN A 50 5.45 -7.77 0.70
N CYS A 51 5.15 -7.19 1.86
CA CYS A 51 3.93 -7.50 2.59
C CYS A 51 2.71 -6.89 1.89
N LEU A 52 2.91 -5.72 1.30
CA LEU A 52 1.84 -5.02 0.60
C LEU A 52 1.53 -5.70 -0.73
N LYS A 53 2.55 -5.80 -1.59
CA LYS A 53 2.39 -6.43 -2.89
C LYS A 53 1.73 -7.79 -2.76
N SER A 54 2.14 -8.54 -1.75
CA SER A 54 1.59 -9.88 -1.51
C SER A 54 0.17 -9.79 -0.94
N ALA A 55 -0.11 -8.70 -0.22
CA ALA A 55 -1.41 -8.50 0.38
C ALA A 55 -2.46 -8.16 -0.68
N ALA A 56 -2.17 -7.14 -1.48
CA ALA A 56 -3.09 -6.72 -2.53
C ALA A 56 -3.23 -7.79 -3.60
N GLY A 57 -2.23 -8.67 -3.68
CA GLY A 57 -2.26 -9.74 -4.66
C GLY A 57 -3.40 -10.72 -4.42
N SER A 58 -4.00 -10.64 -3.24
CA SER A 58 -5.09 -11.54 -2.89
C SER A 58 -6.42 -10.80 -2.93
N ILE A 59 -6.47 -9.70 -3.68
CA ILE A 59 -7.69 -8.91 -3.81
C ILE A 59 -8.51 -9.36 -5.00
N THR A 60 -9.68 -9.96 -4.72
CA THR A 60 -10.56 -10.43 -5.77
C THR A 60 -10.97 -9.30 -6.70
N LYS A 61 -10.70 -9.47 -7.99
CA LYS A 61 -11.04 -8.46 -8.98
C LYS A 61 -10.41 -7.12 -8.63
N LEU A 62 -9.14 -7.14 -8.25
CA LEU A 62 -8.42 -5.93 -7.89
C LEU A 62 -8.57 -4.87 -8.98
N ASN A 63 -8.74 -3.61 -8.56
CA ASN A 63 -8.89 -2.51 -9.50
C ASN A 63 -7.67 -1.61 -9.48
N THR A 64 -6.83 -1.74 -10.51
CA THR A 64 -5.62 -0.94 -10.62
C THR A 64 -5.93 0.55 -10.50
N ASN A 65 -7.09 0.95 -11.02
CA ASN A 65 -7.51 2.34 -10.96
C ASN A 65 -7.80 2.77 -9.53
N ASN A 66 -8.50 1.92 -8.80
CA ASN A 66 -8.85 2.21 -7.41
C ASN A 66 -7.62 2.17 -6.51
N ALA A 67 -6.74 1.21 -6.79
CA ALA A 67 -5.51 1.07 -6.01
C ALA A 67 -4.66 2.32 -6.09
N ALA A 68 -4.60 2.92 -7.28
CA ALA A 68 -3.82 4.13 -7.48
C ALA A 68 -4.53 5.35 -6.90
N ALA A 69 -5.86 5.29 -6.84
CA ALA A 69 -6.65 6.38 -6.30
C ALA A 69 -6.52 6.46 -4.79
N LEU A 70 -6.20 5.33 -4.17
CA LEU A 70 -6.04 5.27 -2.72
C LEU A 70 -4.98 6.25 -2.24
N PRO A 71 -3.75 6.09 -2.77
CA PRO A 71 -2.62 6.96 -2.42
C PRO A 71 -2.78 8.37 -2.96
N GLY A 72 -3.33 8.48 -4.16
CA GLY A 72 -3.53 9.79 -4.77
C GLY A 72 -4.58 10.61 -4.04
N LYS A 73 -5.62 9.95 -3.55
CA LYS A 73 -6.69 10.62 -2.83
C LYS A 73 -6.25 10.99 -1.42
N CYS A 74 -5.34 10.20 -0.85
CA CYS A 74 -4.84 10.44 0.49
C CYS A 74 -3.72 11.48 0.47
N GLY A 75 -3.32 11.89 -0.72
CA GLY A 75 -2.25 12.86 -0.86
C GLY A 75 -0.88 12.24 -0.82
N VAL A 76 -0.83 10.93 -0.56
CA VAL A 76 0.44 10.21 -0.51
C VAL A 76 0.63 9.34 -1.75
N ASN A 77 1.18 9.93 -2.80
CA ASN A 77 1.41 9.20 -4.04
C ASN A 77 2.79 8.53 -4.03
N ILE A 78 2.89 7.39 -4.69
CA ILE A 78 4.15 6.64 -4.76
C ILE A 78 4.72 6.67 -6.16
N PRO A 79 6.04 6.45 -6.27
CA PRO A 79 6.75 6.44 -7.56
C PRO A 79 6.39 5.22 -8.40
N TYR A 80 5.87 4.18 -7.75
CA TYR A 80 5.49 2.95 -8.43
C TYR A 80 3.98 2.73 -8.34
N LYS A 81 3.46 1.88 -9.23
CA LYS A 81 2.04 1.58 -9.25
C LYS A 81 1.70 0.46 -8.28
N ILE A 82 0.45 0.41 -7.84
CA ILE A 82 0.00 -0.61 -6.91
C ILE A 82 -0.50 -1.84 -7.65
N SER A 83 0.29 -2.91 -7.62
CA SER A 83 -0.09 -4.15 -8.29
C SER A 83 0.79 -5.30 -7.81
N THR A 84 0.31 -6.53 -8.02
CA THR A 84 1.05 -7.73 -7.60
C THR A 84 2.23 -7.98 -8.53
N THR A 85 2.32 -7.20 -9.60
CA THR A 85 3.41 -7.35 -10.56
C THR A 85 4.50 -6.32 -10.33
N THR A 86 4.13 -5.20 -9.71
CA THR A 86 5.07 -4.12 -9.42
C THR A 86 6.30 -4.66 -8.70
N ASN A 87 7.47 -4.11 -9.02
CA ASN A 87 8.71 -4.53 -8.39
C ASN A 87 9.32 -3.39 -7.58
N CYS A 88 9.19 -3.48 -6.26
CA CYS A 88 9.72 -2.46 -5.36
C CYS A 88 11.24 -2.61 -5.22
N ASN A 89 11.74 -3.80 -5.52
CA ASN A 89 13.18 -4.06 -5.43
C ASN A 89 13.95 -3.21 -6.43
N THR A 90 13.26 -2.73 -7.46
CA THR A 90 13.88 -1.90 -8.49
C THR A 90 13.70 -0.42 -8.18
N VAL A 91 13.37 -0.12 -6.93
CA VAL A 91 13.17 1.27 -6.50
C VAL A 91 14.48 1.88 -6.01
N LYS A 92 14.90 2.97 -6.66
CA LYS A 92 16.13 3.65 -6.29
C LYS A 92 15.82 4.95 -5.54
N PHE A 93 16.22 5.00 -4.27
CA PHE A 93 15.98 6.18 -3.44
C PHE A 93 14.51 6.58 -3.48
N ALA A 1 12.48 0.70 10.94
CA ALA A 1 12.34 -0.26 9.85
C ALA A 1 11.05 -1.03 9.98
N ILE A 2 10.25 -1.03 8.91
CA ILE A 2 8.98 -1.74 8.90
C ILE A 2 9.20 -3.25 8.77
N SER A 3 8.39 -4.02 9.51
CA SER A 3 8.50 -5.47 9.49
C SER A 3 7.50 -6.08 8.51
N CYS A 4 6.23 -6.11 8.92
CA CYS A 4 5.17 -6.65 8.08
C CYS A 4 3.81 -6.52 8.77
N GLY A 5 3.79 -6.77 10.07
CA GLY A 5 2.55 -6.67 10.82
C GLY A 5 1.89 -5.31 10.69
N ALA A 6 2.72 -4.27 10.66
CA ALA A 6 2.23 -2.90 10.54
C ALA A 6 1.53 -2.68 9.20
N VAL A 7 1.91 -3.49 8.21
CA VAL A 7 1.33 -3.39 6.87
C VAL A 7 -0.08 -3.98 6.84
N THR A 8 -0.24 -5.14 7.46
CA THR A 8 -1.53 -5.81 7.50
C THR A 8 -2.54 -5.00 8.30
N SER A 9 -2.04 -4.17 9.21
CA SER A 9 -2.91 -3.33 10.04
C SER A 9 -3.65 -2.30 9.20
N ASP A 10 -2.89 -1.55 8.40
CA ASP A 10 -3.48 -0.53 7.53
C ASP A 10 -4.16 -1.16 6.33
N LEU A 11 -3.77 -2.40 6.01
CA LEU A 11 -4.34 -3.11 4.88
C LEU A 11 -5.80 -3.50 5.15
N SER A 12 -6.08 -3.83 6.41
CA SER A 12 -7.42 -4.22 6.80
C SER A 12 -8.44 -3.16 6.39
N PRO A 13 -8.25 -1.93 6.88
CA PRO A 13 -9.14 -0.81 6.57
C PRO A 13 -9.03 -0.36 5.12
N CYS A 14 -7.88 -0.65 4.50
CA CYS A 14 -7.65 -0.28 3.11
C CYS A 14 -8.26 -1.31 2.16
N LEU A 15 -8.59 -2.49 2.70
CA LEU A 15 -9.18 -3.55 1.91
C LEU A 15 -10.56 -3.16 1.41
N THR A 16 -11.39 -2.63 2.30
CA THR A 16 -12.74 -2.22 1.95
C THR A 16 -12.73 -1.32 0.72
N TYR A 17 -11.75 -0.42 0.65
CA TYR A 17 -11.63 0.50 -0.48
C TYR A 17 -10.92 -0.17 -1.65
N LEU A 18 -9.92 -0.98 -1.33
CA LEU A 18 -9.15 -1.68 -2.36
C LEU A 18 -10.00 -2.72 -3.06
N THR A 19 -11.16 -3.02 -2.49
CA THR A 19 -12.08 -4.00 -3.05
C THR A 19 -13.12 -3.34 -3.95
N GLY A 20 -13.20 -2.01 -3.88
CA GLY A 20 -14.16 -1.28 -4.68
C GLY A 20 -15.23 -0.61 -3.85
N GLY A 21 -15.17 -0.81 -2.53
CA GLY A 21 -16.16 -0.22 -1.65
C GLY A 21 -15.93 1.26 -1.43
N PRO A 22 -16.62 1.82 -0.43
CA PRO A 22 -16.51 3.25 -0.10
C PRO A 22 -15.16 3.61 0.51
N GLY A 23 -14.61 4.74 0.09
CA GLY A 23 -13.32 5.17 0.60
C GLY A 23 -12.67 6.23 -0.27
N PRO A 24 -11.38 6.49 -0.04
CA PRO A 24 -10.61 5.78 0.99
C PRO A 24 -11.04 6.18 2.40
N SER A 25 -11.16 5.19 3.27
CA SER A 25 -11.57 5.42 4.66
C SER A 25 -10.54 6.28 5.39
N PRO A 26 -10.93 6.83 6.54
CA PRO A 26 -10.06 7.67 7.36
C PRO A 26 -8.94 6.88 8.02
N GLN A 27 -9.30 5.71 8.55
CA GLN A 27 -8.32 4.85 9.22
C GLN A 27 -7.28 4.35 8.23
N CYS A 28 -7.72 4.07 7.00
CA CYS A 28 -6.83 3.58 5.97
C CYS A 28 -5.78 4.62 5.60
N CYS A 29 -6.23 5.84 5.32
CA CYS A 29 -5.34 6.93 4.96
C CYS A 29 -4.22 7.08 5.99
N GLY A 30 -4.60 7.14 7.26
CA GLY A 30 -3.62 7.29 8.32
C GLY A 30 -2.56 6.21 8.28
N GLY A 31 -3.00 4.96 8.08
CA GLY A 31 -2.07 3.86 8.02
C GLY A 31 -1.16 3.91 6.81
N VAL A 32 -1.75 4.21 5.65
CA VAL A 32 -0.99 4.30 4.41
C VAL A 32 0.19 5.25 4.55
N LYS A 33 -0.12 6.52 4.84
CA LYS A 33 0.92 7.53 5.01
C LYS A 33 1.93 7.11 6.07
N LYS A 34 1.50 6.24 6.98
CA LYS A 34 2.37 5.75 8.04
C LYS A 34 3.43 4.80 7.50
N LEU A 35 3.00 3.90 6.61
CA LEU A 35 3.91 2.93 6.01
C LEU A 35 4.94 3.62 5.12
N LEU A 36 4.54 4.73 4.52
CA LEU A 36 5.42 5.49 3.65
C LEU A 36 6.29 6.46 4.45
N ALA A 37 5.72 7.00 5.52
CA ALA A 37 6.44 7.94 6.37
C ALA A 37 7.45 7.21 7.26
N ALA A 38 7.10 5.99 7.66
CA ALA A 38 7.98 5.18 8.51
C ALA A 38 9.03 4.47 7.67
N ALA A 39 8.97 4.65 6.35
CA ALA A 39 9.92 4.01 5.45
C ALA A 39 10.61 5.05 4.56
N ASN A 40 11.89 5.30 4.84
CA ASN A 40 12.66 6.27 4.08
C ASN A 40 13.81 5.59 3.35
N THR A 41 14.25 4.45 3.88
CA THR A 41 15.35 3.70 3.27
C THR A 41 14.82 2.60 2.36
N THR A 42 15.72 1.76 1.86
CA THR A 42 15.36 0.67 0.98
C THR A 42 14.86 -0.53 1.77
N PRO A 43 15.66 -0.95 2.76
CA PRO A 43 15.34 -2.10 3.62
C PRO A 43 13.91 -2.04 4.15
N ASP A 44 13.54 -0.87 4.67
CA ASP A 44 12.19 -0.68 5.21
C ASP A 44 11.14 -0.80 4.10
N ARG A 45 11.38 -0.14 2.98
CA ARG A 45 10.46 -0.17 1.86
C ARG A 45 10.32 -1.59 1.31
N GLN A 46 11.37 -2.39 1.47
CA GLN A 46 11.36 -3.76 0.99
C GLN A 46 10.39 -4.62 1.80
N ALA A 47 10.52 -4.57 3.12
CA ALA A 47 9.66 -5.33 4.00
C ALA A 47 8.19 -5.04 3.73
N ALA A 48 7.85 -3.75 3.66
CA ALA A 48 6.47 -3.34 3.40
C ALA A 48 6.01 -3.81 2.03
N CYS A 49 6.77 -3.43 1.00
CA CYS A 49 6.44 -3.82 -0.37
C CYS A 49 6.16 -5.31 -0.47
N ASN A 50 6.87 -6.10 0.33
CA ASN A 50 6.68 -7.54 0.33
C ASN A 50 5.27 -7.91 0.80
N CYS A 51 4.95 -7.53 2.02
CA CYS A 51 3.64 -7.83 2.60
C CYS A 51 2.53 -7.10 1.82
N LEU A 52 2.91 -6.02 1.15
CA LEU A 52 1.95 -5.24 0.36
C LEU A 52 1.62 -5.94 -0.95
N LYS A 53 2.63 -6.14 -1.78
CA LYS A 53 2.45 -6.80 -3.07
C LYS A 53 1.71 -8.12 -2.90
N SER A 54 2.03 -8.84 -1.82
CA SER A 54 1.40 -10.12 -1.55
C SER A 54 -0.02 -9.93 -1.02
N ALA A 55 -0.24 -8.82 -0.33
CA ALA A 55 -1.54 -8.51 0.23
C ALA A 55 -2.56 -8.19 -0.88
N ALA A 56 -2.20 -7.23 -1.72
CA ALA A 56 -3.08 -6.82 -2.82
C ALA A 56 -3.25 -7.96 -3.83
N GLY A 57 -2.27 -8.87 -3.86
CA GLY A 57 -2.34 -9.99 -4.78
C GLY A 57 -3.55 -10.86 -4.55
N SER A 58 -4.14 -10.74 -3.36
CA SER A 58 -5.32 -11.53 -3.02
C SER A 58 -6.59 -10.72 -3.18
N ILE A 59 -6.52 -9.67 -4.00
CA ILE A 59 -7.67 -8.81 -4.24
C ILE A 59 -8.41 -9.24 -5.50
N THR A 60 -9.61 -9.78 -5.32
CA THR A 60 -10.42 -10.23 -6.44
C THR A 60 -10.65 -9.11 -7.45
N LYS A 61 -10.12 -9.28 -8.65
CA LYS A 61 -10.27 -8.28 -9.70
C LYS A 61 -9.71 -6.94 -9.26
N LEU A 62 -8.45 -6.95 -8.81
CA LEU A 62 -7.80 -5.73 -8.36
C LEU A 62 -7.92 -4.62 -9.40
N ASN A 63 -8.17 -3.39 -8.93
CA ASN A 63 -8.31 -2.25 -9.83
C ASN A 63 -7.11 -1.32 -9.70
N THR A 64 -6.21 -1.37 -10.68
CA THR A 64 -5.02 -0.53 -10.69
C THR A 64 -5.39 0.94 -10.52
N ASN A 65 -6.51 1.33 -11.10
CA ASN A 65 -6.98 2.71 -11.02
C ASN A 65 -7.35 3.07 -9.58
N ASN A 66 -8.04 2.17 -8.91
CA ASN A 66 -8.46 2.39 -7.53
C ASN A 66 -7.26 2.37 -6.59
N ALA A 67 -6.34 1.45 -6.82
CA ALA A 67 -5.14 1.34 -5.99
C ALA A 67 -4.35 2.65 -5.99
N ALA A 68 -4.28 3.29 -7.15
CA ALA A 68 -3.56 4.55 -7.28
C ALA A 68 -4.36 5.70 -6.70
N ALA A 69 -5.68 5.58 -6.71
CA ALA A 69 -6.56 6.61 -6.18
C ALA A 69 -6.52 6.62 -4.65
N LEU A 70 -6.19 5.48 -4.06
CA LEU A 70 -6.12 5.35 -2.61
C LEU A 70 -5.15 6.37 -2.02
N PRO A 71 -3.88 6.31 -2.48
CA PRO A 71 -2.83 7.22 -2.01
C PRO A 71 -3.05 8.65 -2.51
N GLY A 72 -3.46 8.79 -3.76
CA GLY A 72 -3.70 10.10 -4.32
C GLY A 72 -4.82 10.85 -3.63
N LYS A 73 -5.87 10.11 -3.25
CA LYS A 73 -7.01 10.71 -2.57
C LYS A 73 -6.69 10.99 -1.11
N CYS A 74 -5.77 10.21 -0.55
CA CYS A 74 -5.37 10.38 0.84
C CYS A 74 -4.31 11.46 0.98
N GLY A 75 -3.98 12.10 -0.13
CA GLY A 75 -2.98 13.15 -0.12
C GLY A 75 -1.58 12.62 0.08
N VAL A 76 -1.27 11.49 -0.56
CA VAL A 76 0.04 10.88 -0.44
C VAL A 76 0.47 10.24 -1.75
N ASN A 77 1.75 10.38 -2.09
CA ASN A 77 2.29 9.80 -3.32
C ASN A 77 3.49 8.91 -3.04
N ILE A 78 3.58 7.81 -3.77
CA ILE A 78 4.68 6.87 -3.59
C ILE A 78 5.60 6.86 -4.80
N PRO A 79 6.88 6.51 -4.58
CA PRO A 79 7.88 6.45 -5.65
C PRO A 79 7.62 5.30 -6.63
N TYR A 80 6.84 4.32 -6.19
CA TYR A 80 6.52 3.17 -7.02
C TYR A 80 5.02 2.99 -7.14
N LYS A 81 4.60 1.91 -7.81
CA LYS A 81 3.19 1.63 -8.00
C LYS A 81 2.74 0.49 -7.10
N ILE A 82 1.43 0.22 -7.09
CA ILE A 82 0.88 -0.85 -6.27
C ILE A 82 0.15 -1.87 -7.13
N SER A 83 0.67 -3.10 -7.13
CA SER A 83 0.08 -4.18 -7.90
C SER A 83 0.86 -5.48 -7.72
N THR A 84 0.21 -6.61 -8.00
CA THR A 84 0.85 -7.91 -7.86
C THR A 84 1.88 -8.14 -8.96
N THR A 85 1.91 -7.24 -9.94
CA THR A 85 2.85 -7.33 -11.04
C THR A 85 3.91 -6.24 -10.97
N THR A 86 4.34 -5.92 -9.75
CA THR A 86 5.34 -4.88 -9.56
C THR A 86 6.54 -5.43 -8.79
N ASN A 87 7.73 -4.96 -9.14
CA ASN A 87 8.95 -5.40 -8.48
C ASN A 87 9.60 -4.26 -7.69
N CYS A 88 9.34 -4.23 -6.39
CA CYS A 88 9.89 -3.19 -5.52
C CYS A 88 11.38 -3.37 -5.33
N ASN A 89 11.88 -4.55 -5.71
CA ASN A 89 13.30 -4.85 -5.57
C ASN A 89 14.11 -4.13 -6.65
N THR A 90 13.45 -3.79 -7.75
CA THR A 90 14.09 -3.10 -8.86
C THR A 90 13.93 -1.58 -8.74
N VAL A 91 13.59 -1.13 -7.54
CA VAL A 91 13.41 0.30 -7.30
C VAL A 91 14.74 1.01 -7.09
N LYS A 92 15.03 1.98 -7.96
CA LYS A 92 16.27 2.74 -7.88
C LYS A 92 16.08 4.01 -7.07
N PHE A 93 16.76 4.09 -5.93
CA PHE A 93 16.66 5.26 -5.06
C PHE A 93 15.20 5.58 -4.73
N ALA A 1 11.45 -0.04 11.12
CA ALA A 1 11.61 -1.44 10.78
C ALA A 1 10.26 -2.08 10.46
N ILE A 2 9.83 -1.96 9.21
CA ILE A 2 8.56 -2.51 8.78
C ILE A 2 8.66 -4.02 8.61
N SER A 3 7.89 -4.76 9.43
CA SER A 3 7.89 -6.21 9.37
C SER A 3 6.75 -6.72 8.50
N CYS A 4 5.54 -6.67 9.04
CA CYS A 4 4.36 -7.13 8.32
C CYS A 4 3.09 -6.86 9.13
N GLY A 5 3.18 -7.05 10.43
CA GLY A 5 2.04 -6.82 11.30
C GLY A 5 1.48 -5.41 11.17
N ALA A 6 2.38 -4.43 11.02
CA ALA A 6 1.97 -3.04 10.89
C ALA A 6 1.32 -2.78 9.52
N VAL A 7 1.73 -3.57 8.53
CA VAL A 7 1.19 -3.42 7.18
C VAL A 7 -0.22 -4.00 7.08
N THR A 8 -0.42 -5.17 7.70
CA THR A 8 -1.71 -5.84 7.69
C THR A 8 -2.75 -5.02 8.45
N SER A 9 -2.29 -4.23 9.41
CA SER A 9 -3.17 -3.40 10.21
C SER A 9 -3.90 -2.37 9.34
N ASP A 10 -3.13 -1.63 8.56
CA ASP A 10 -3.70 -0.61 7.67
C ASP A 10 -4.34 -1.26 6.45
N LEU A 11 -4.02 -2.53 6.22
CA LEU A 11 -4.57 -3.27 5.08
C LEU A 11 -6.04 -3.59 5.31
N SER A 12 -6.39 -3.92 6.54
CA SER A 12 -7.77 -4.27 6.88
C SER A 12 -8.72 -3.16 6.47
N PRO A 13 -8.44 -1.93 6.94
CA PRO A 13 -9.26 -0.76 6.64
C PRO A 13 -9.15 -0.33 5.18
N CYS A 14 -8.01 -0.64 4.57
CA CYS A 14 -7.77 -0.29 3.17
C CYS A 14 -8.41 -1.32 2.24
N LEU A 15 -8.74 -2.48 2.79
CA LEU A 15 -9.36 -3.54 2.01
C LEU A 15 -10.74 -3.13 1.50
N THR A 16 -11.55 -2.59 2.40
CA THR A 16 -12.89 -2.15 2.05
C THR A 16 -12.87 -1.24 0.81
N TYR A 17 -11.84 -0.40 0.72
CA TYR A 17 -11.70 0.51 -0.40
C TYR A 17 -11.02 -0.18 -1.58
N LEU A 18 -10.06 -1.03 -1.28
CA LEU A 18 -9.31 -1.76 -2.31
C LEU A 18 -10.19 -2.82 -2.97
N THR A 19 -11.37 -3.04 -2.39
CA THR A 19 -12.31 -4.02 -2.91
C THR A 19 -13.33 -3.37 -3.84
N GLY A 20 -13.40 -2.04 -3.79
CA GLY A 20 -14.34 -1.32 -4.63
C GLY A 20 -15.46 -0.68 -3.82
N GLY A 21 -15.34 -0.75 -2.50
CA GLY A 21 -16.36 -0.17 -1.64
C GLY A 21 -16.14 1.31 -1.40
N PRO A 22 -16.82 1.84 -0.37
CA PRO A 22 -16.70 3.26 -0.01
C PRO A 22 -15.34 3.61 0.58
N GLY A 23 -14.81 4.76 0.20
CA GLY A 23 -13.51 5.18 0.69
C GLY A 23 -12.86 6.22 -0.18
N PRO A 24 -11.55 6.45 0.02
CA PRO A 24 -10.78 5.74 1.05
C PRO A 24 -11.17 6.14 2.46
N SER A 25 -11.28 5.15 3.34
CA SER A 25 -11.66 5.40 4.73
C SER A 25 -10.61 6.24 5.43
N PRO A 26 -10.99 6.84 6.57
CA PRO A 26 -10.09 7.69 7.36
C PRO A 26 -8.98 6.89 8.04
N GLN A 27 -9.35 5.73 8.59
CA GLN A 27 -8.38 4.87 9.26
C GLN A 27 -7.34 4.34 8.28
N CYS A 28 -7.78 4.07 7.06
CA CYS A 28 -6.89 3.56 6.02
C CYS A 28 -5.83 4.60 5.66
N CYS A 29 -6.27 5.81 5.37
CA CYS A 29 -5.37 6.88 5.00
C CYS A 29 -4.25 7.03 6.02
N GLY A 30 -4.63 7.12 7.30
CA GLY A 30 -3.65 7.26 8.36
C GLY A 30 -2.60 6.17 8.33
N GLY A 31 -3.05 4.93 8.15
CA GLY A 31 -2.12 3.81 8.11
C GLY A 31 -1.23 3.84 6.87
N VAL A 32 -1.83 4.17 5.73
CA VAL A 32 -1.09 4.23 4.48
C VAL A 32 0.12 5.16 4.60
N LYS A 33 -0.13 6.42 4.91
CA LYS A 33 0.93 7.40 5.07
C LYS A 33 1.94 6.96 6.13
N LYS A 34 1.49 6.09 7.03
CA LYS A 34 2.35 5.59 8.10
C LYS A 34 3.34 4.56 7.55
N LEU A 35 2.86 3.70 6.67
CA LEU A 35 3.70 2.66 6.07
C LEU A 35 4.80 3.29 5.21
N LEU A 36 4.47 4.37 4.53
CA LEU A 36 5.43 5.06 3.67
C LEU A 36 6.32 6.01 4.49
N ALA A 37 5.79 6.46 5.62
CA ALA A 37 6.52 7.36 6.50
C ALA A 37 7.57 6.60 7.32
N ALA A 38 7.22 5.39 7.74
CA ALA A 38 8.13 4.56 8.53
C ALA A 38 9.19 3.91 7.64
N ALA A 39 9.08 4.13 6.33
CA ALA A 39 10.01 3.56 5.38
C ALA A 39 10.64 4.64 4.52
N ASN A 40 11.62 5.35 5.07
CA ASN A 40 12.30 6.42 4.35
C ASN A 40 13.36 5.86 3.41
N THR A 41 14.06 4.81 3.87
CA THR A 41 15.09 4.18 3.07
C THR A 41 14.51 3.14 2.13
N THR A 42 15.38 2.40 1.44
CA THR A 42 14.96 1.38 0.51
C THR A 42 14.62 0.08 1.24
N PRO A 43 15.55 -0.37 2.11
CA PRO A 43 15.37 -1.60 2.88
C PRO A 43 14.00 -1.67 3.55
N ASP A 44 13.59 -0.59 4.19
CA ASP A 44 12.31 -0.53 4.87
C ASP A 44 11.16 -0.65 3.87
N ARG A 45 11.23 0.13 2.79
CA ARG A 45 10.20 0.11 1.76
C ARG A 45 10.11 -1.27 1.12
N GLN A 46 11.24 -1.98 1.07
CA GLN A 46 11.28 -3.31 0.48
C GLN A 46 10.43 -4.29 1.29
N ALA A 47 10.66 -4.31 2.60
CA ALA A 47 9.92 -5.21 3.48
C ALA A 47 8.42 -4.99 3.35
N ALA A 48 7.98 -3.75 3.60
CA ALA A 48 6.57 -3.40 3.51
C ALA A 48 5.99 -3.77 2.14
N CYS A 49 6.64 -3.28 1.08
CA CYS A 49 6.20 -3.56 -0.28
C CYS A 49 5.93 -5.05 -0.48
N ASN A 50 6.78 -5.88 0.11
CA ASN A 50 6.63 -7.33 0.00
C ASN A 50 5.32 -7.78 0.66
N CYS A 51 5.03 -7.22 1.82
CA CYS A 51 3.81 -7.57 2.54
C CYS A 51 2.57 -7.02 1.84
N LEU A 52 2.70 -5.82 1.27
CA LEU A 52 1.60 -5.19 0.57
C LEU A 52 1.29 -5.92 -0.74
N LYS A 53 2.32 -6.13 -1.55
CA LYS A 53 2.16 -6.81 -2.83
C LYS A 53 1.43 -8.14 -2.64
N SER A 54 1.77 -8.87 -1.58
CA SER A 54 1.14 -10.15 -1.29
C SER A 54 -0.29 -9.96 -0.82
N ALA A 55 -0.54 -8.83 -0.15
CA ALA A 55 -1.87 -8.53 0.36
C ALA A 55 -2.81 -8.13 -0.77
N ALA A 56 -2.44 -7.10 -1.51
CA ALA A 56 -3.25 -6.61 -2.63
C ALA A 56 -3.33 -7.65 -3.73
N GLY A 57 -2.38 -8.58 -3.74
CA GLY A 57 -2.36 -9.62 -4.76
C GLY A 57 -3.52 -10.59 -4.61
N SER A 58 -4.17 -10.57 -3.44
CA SER A 58 -5.29 -11.45 -3.18
C SER A 58 -6.61 -10.69 -3.27
N ILE A 59 -6.59 -9.58 -3.99
CA ILE A 59 -7.79 -8.76 -4.16
C ILE A 59 -8.57 -9.18 -5.39
N THR A 60 -9.77 -9.73 -5.17
CA THR A 60 -10.62 -10.17 -6.27
C THR A 60 -10.92 -9.04 -7.24
N LYS A 61 -10.51 -9.19 -8.48
CA LYS A 61 -10.74 -8.16 -9.50
C LYS A 61 -10.12 -6.83 -9.08
N LEU A 62 -8.87 -6.87 -8.63
CA LEU A 62 -8.17 -5.67 -8.21
C LEU A 62 -8.27 -4.58 -9.27
N ASN A 63 -8.46 -3.34 -8.83
CA ASN A 63 -8.56 -2.21 -9.73
C ASN A 63 -7.35 -1.30 -9.63
N THR A 64 -6.46 -1.40 -10.61
CA THR A 64 -5.25 -0.59 -10.63
C THR A 64 -5.57 0.88 -10.48
N ASN A 65 -6.70 1.30 -11.05
CA ASN A 65 -7.11 2.70 -10.97
C ASN A 65 -7.49 3.08 -9.54
N ASN A 66 -8.20 2.19 -8.86
CA ASN A 66 -8.62 2.44 -7.49
C ASN A 66 -7.43 2.38 -6.54
N ALA A 67 -6.54 1.42 -6.77
CA ALA A 67 -5.36 1.26 -5.94
C ALA A 67 -4.50 2.52 -5.94
N ALA A 68 -4.41 3.17 -7.10
CA ALA A 68 -3.63 4.40 -7.24
C ALA A 68 -4.37 5.58 -6.66
N ALA A 69 -5.70 5.51 -6.68
CA ALA A 69 -6.54 6.58 -6.15
C ALA A 69 -6.51 6.60 -4.63
N LEU A 70 -6.23 5.44 -4.03
CA LEU A 70 -6.19 5.32 -2.57
C LEU A 70 -5.17 6.29 -1.99
N PRO A 71 -3.91 6.18 -2.43
CA PRO A 71 -2.82 7.04 -1.96
C PRO A 71 -2.97 8.48 -2.45
N GLY A 72 -3.36 8.63 -3.72
CA GLY A 72 -3.53 9.95 -4.29
C GLY A 72 -4.62 10.74 -3.61
N LYS A 73 -5.69 10.06 -3.21
CA LYS A 73 -6.81 10.70 -2.54
C LYS A 73 -6.49 10.98 -1.09
N CYS A 74 -5.61 10.16 -0.51
CA CYS A 74 -5.21 10.32 0.89
C CYS A 74 -4.10 11.36 1.02
N GLY A 75 -3.74 11.97 -0.10
CA GLY A 75 -2.69 12.99 -0.10
C GLY A 75 -1.31 12.38 0.08
N VAL A 76 -1.06 11.25 -0.57
CA VAL A 76 0.23 10.58 -0.48
C VAL A 76 0.60 9.91 -1.79
N ASN A 77 1.87 9.98 -2.15
CA ASN A 77 2.36 9.39 -3.39
C ASN A 77 3.60 8.54 -3.14
N ILE A 78 3.73 7.46 -3.89
CA ILE A 78 4.88 6.56 -3.76
C ILE A 78 5.71 6.54 -5.03
N PRO A 79 6.99 6.15 -4.89
CA PRO A 79 7.92 6.06 -6.01
C PRO A 79 7.57 4.93 -6.97
N TYR A 80 6.81 3.96 -6.49
CA TYR A 80 6.40 2.82 -7.30
C TYR A 80 4.89 2.67 -7.32
N LYS A 81 4.40 1.82 -8.21
CA LYS A 81 2.96 1.58 -8.32
C LYS A 81 2.50 0.52 -7.32
N ILE A 82 1.19 0.38 -7.18
CA ILE A 82 0.62 -0.59 -6.27
C ILE A 82 -0.06 -1.73 -7.02
N SER A 83 0.68 -2.81 -7.24
CA SER A 83 0.15 -3.97 -7.96
C SER A 83 1.07 -5.18 -7.78
N THR A 84 0.71 -6.28 -8.45
CA THR A 84 1.51 -7.50 -8.37
C THR A 84 2.71 -7.43 -9.30
N THR A 85 2.85 -6.32 -10.01
CA THR A 85 3.95 -6.14 -10.93
C THR A 85 4.91 -5.06 -10.43
N THR A 86 4.95 -4.87 -9.13
CA THR A 86 5.82 -3.87 -8.52
C THR A 86 7.05 -4.52 -7.89
N ASN A 87 8.20 -3.85 -8.01
CA ASN A 87 9.44 -4.37 -7.46
C ASN A 87 10.15 -3.30 -6.64
N CYS A 88 9.93 -3.32 -5.33
CA CYS A 88 10.55 -2.35 -4.44
C CYS A 88 11.98 -2.75 -4.11
N ASN A 89 12.38 -3.93 -4.57
CA ASN A 89 13.74 -4.42 -4.34
C ASN A 89 14.73 -3.80 -5.30
N THR A 90 14.28 -3.55 -6.53
CA THR A 90 15.13 -2.96 -7.55
C THR A 90 14.80 -1.48 -7.74
N VAL A 91 14.68 -0.75 -6.63
CA VAL A 91 14.37 0.67 -6.68
C VAL A 91 15.62 1.50 -6.97
N LYS A 92 15.49 2.43 -7.90
CA LYS A 92 16.61 3.29 -8.27
C LYS A 92 16.63 4.55 -7.41
N PHE A 93 17.68 4.70 -6.61
CA PHE A 93 17.82 5.86 -5.73
C PHE A 93 16.57 6.06 -4.90
#